data_8XRW
#
_entry.id   8XRW
#
_cell.length_a   67.150
_cell.length_b   82.060
_cell.length_c   105.512
_cell.angle_alpha   88.02
_cell.angle_beta   73.55
_cell.angle_gamma   87.14
#
_symmetry.space_group_name_H-M   'P 1'
#
loop_
_entity.id
_entity.type
_entity.pdbx_description
1 polymer 'Phosphopantetheine adenylyltransferase'
2 non-polymer "ADENOSINE-5'-TRIPHOSPHATE"
3 water water
#
_entity_poly.entity_id   1
_entity_poly.type   'polypeptide(L)'
_entity_poly.pdbx_seq_one_letter_code
;MQKIGIYPGTFDPVTNGHIDIIHRSSELFEKLIVAVAHSSAKNPMFSLDERLKMIQLATKSFKNVECVAFEGLLANLAKE
YHCKVLVRGLRVVSDFEYELQMGYANKSLNHELETLYFMPTLQNAFISSSIVRSIIAHKGDASHLVPKEIYPLISKA
;
_entity_poly.pdbx_strand_id   I,J,L,A,B,C,D,E,F,G,H,K
#
# COMPACT_ATOMS: atom_id res chain seq x y z
N MET A 1 4.03 -9.25 2.04
CA MET A 1 3.43 -9.03 3.40
C MET A 1 2.31 -7.96 3.41
N GLN A 2 2.32 -7.03 2.45
CA GLN A 2 1.27 -6.00 2.28
C GLN A 2 0.16 -6.47 1.32
N LYS A 3 0.55 -7.16 0.27
CA LYS A 3 -0.36 -7.45 -0.86
C LYS A 3 -1.55 -8.34 -0.45
N ILE A 4 -1.24 -9.38 0.32
CA ILE A 4 -2.25 -10.38 0.60
C ILE A 4 -2.11 -11.04 1.96
N GLY A 5 -3.25 -11.12 2.65
CA GLY A 5 -3.38 -11.86 3.92
C GLY A 5 -4.47 -12.93 3.81
N ILE A 6 -4.35 -14.01 4.58
CA ILE A 6 -5.37 -15.00 4.67
C ILE A 6 -5.90 -15.09 6.11
N TYR A 7 -7.21 -15.13 6.26
CA TYR A 7 -7.80 -15.27 7.57
C TYR A 7 -8.56 -16.58 7.56
N PRO A 8 -7.96 -17.66 8.12
CA PRO A 8 -8.57 -19.01 8.05
C PRO A 8 -9.57 -19.20 9.16
N GLY A 9 -10.46 -20.15 9.02
CA GLY A 9 -11.35 -20.57 10.13
C GLY A 9 -12.43 -21.51 9.62
N THR A 10 -13.09 -22.13 10.55
CA THR A 10 -14.27 -22.90 10.28
C THR A 10 -15.52 -22.08 10.05
N PHE A 11 -15.66 -20.96 10.69
CA PHE A 11 -16.80 -20.06 10.47
C PHE A 11 -18.17 -20.72 10.53
N ASP A 12 -18.46 -21.28 11.69
CA ASP A 12 -19.58 -22.18 11.88
C ASP A 12 -20.49 -21.69 13.11
N PRO A 13 -21.18 -20.58 12.95
CA PRO A 13 -21.11 -19.77 11.74
C PRO A 13 -20.21 -18.59 11.94
N VAL A 14 -20.16 -17.76 10.90
CA VAL A 14 -19.56 -16.46 11.04
C VAL A 14 -20.26 -15.61 12.13
N THR A 15 -19.47 -14.97 12.99
CA THR A 15 -20.00 -14.11 14.03
C THR A 15 -19.59 -12.67 13.84
N ASN A 16 -20.11 -11.82 14.69
CA ASN A 16 -19.72 -10.43 14.67
C ASN A 16 -18.25 -10.23 15.02
N GLY A 17 -17.63 -11.30 15.55
CA GLY A 17 -16.13 -11.47 15.55
C GLY A 17 -15.49 -11.80 14.23
N HIS A 18 -15.79 -12.89 13.54
CA HIS A 18 -15.10 -13.22 12.31
C HIS A 18 -15.01 -11.82 11.54
N ILE A 19 -16.02 -10.99 11.79
CA ILE A 19 -16.28 -9.77 11.00
C ILE A 19 -15.53 -8.45 11.38
N ASP A 20 -15.55 -8.06 12.68
CA ASP A 20 -14.62 -7.06 13.18
C ASP A 20 -13.21 -7.38 12.76
N ILE A 21 -12.84 -8.67 12.77
CA ILE A 21 -11.53 -9.03 12.33
C ILE A 21 -11.35 -8.88 10.82
N ILE A 22 -12.35 -9.22 10.05
CA ILE A 22 -12.27 -9.04 8.62
C ILE A 22 -12.13 -7.56 8.31
N HIS A 23 -12.94 -6.75 8.98
CA HIS A 23 -12.93 -5.29 8.82
C HIS A 23 -11.53 -4.76 9.09
N ARG A 24 -10.93 -5.15 10.21
CA ARG A 24 -9.68 -4.53 10.65
C ARG A 24 -8.54 -5.02 9.77
N SER A 25 -8.42 -6.33 9.59
CA SER A 25 -7.33 -6.88 8.81
C SER A 25 -7.39 -6.47 7.31
N SER A 26 -8.60 -6.35 6.79
CA SER A 26 -8.77 -5.93 5.40
C SER A 26 -8.28 -4.53 5.12
N GLU A 27 -8.27 -3.63 6.13
CA GLU A 27 -7.57 -2.32 6.05
C GLU A 27 -6.04 -2.37 5.91
N LEU A 28 -5.44 -3.51 6.20
CA LEU A 28 -3.98 -3.68 6.16
C LEU A 28 -3.41 -4.33 4.94
N PHE A 29 -4.21 -5.09 4.23
CA PHE A 29 -3.74 -5.74 3.06
C PHE A 29 -4.52 -5.21 1.88
N GLU A 30 -3.85 -5.30 0.73
CA GLU A 30 -4.51 -4.96 -0.54
C GLU A 30 -5.62 -5.95 -0.85
N LYS A 31 -5.41 -7.23 -0.53
CA LYS A 31 -6.44 -8.25 -0.66
C LYS A 31 -6.46 -9.12 0.61
N LEU A 32 -7.63 -9.33 1.17
CA LEU A 32 -7.76 -10.30 2.28
C LEU A 32 -8.55 -11.48 1.78
N ILE A 33 -7.96 -12.68 1.87
CA ILE A 33 -8.66 -13.89 1.56
C ILE A 33 -9.24 -14.48 2.87
N VAL A 34 -10.56 -14.66 2.92
CA VAL A 34 -11.22 -15.39 4.00
C VAL A 34 -11.44 -16.87 3.61
N ALA A 35 -10.70 -17.73 4.26
CA ALA A 35 -10.61 -19.13 3.88
C ALA A 35 -11.43 -20.02 4.81
N VAL A 36 -12.54 -20.57 4.31
CA VAL A 36 -13.40 -21.40 5.13
C VAL A 36 -12.94 -22.85 5.01
N ALA A 37 -12.40 -23.38 6.07
CA ALA A 37 -11.96 -24.79 6.07
C ALA A 37 -13.12 -25.76 6.21
N HIS A 38 -13.05 -26.85 5.47
CA HIS A 38 -14.09 -27.87 5.55
C HIS A 38 -14.23 -28.35 6.98
N SER A 39 -13.09 -28.52 7.62
CA SER A 39 -12.98 -28.90 9.01
C SER A 39 -13.79 -30.14 9.36
N SER A 40 -13.72 -31.13 8.48
CA SER A 40 -14.49 -32.35 8.54
C SER A 40 -14.57 -32.95 9.92
N ALA A 41 -13.44 -32.93 10.59
CA ALA A 41 -13.21 -33.57 11.89
C ALA A 41 -13.73 -32.81 13.09
N LYS A 42 -14.32 -31.64 12.88
CA LYS A 42 -15.07 -30.95 13.91
C LYS A 42 -16.56 -31.12 13.74
N ASN A 43 -16.99 -31.89 12.74
CA ASN A 43 -18.41 -32.10 12.49
C ASN A 43 -19.19 -30.76 12.66
N PRO A 44 -18.86 -29.79 11.83
CA PRO A 44 -19.53 -28.51 12.00
C PRO A 44 -21.00 -28.63 11.82
N MET A 45 -21.69 -27.78 12.54
CA MET A 45 -23.13 -27.70 12.45
C MET A 45 -23.57 -27.34 11.04
N PHE A 46 -22.90 -26.38 10.41
CA PHE A 46 -23.31 -25.97 9.07
C PHE A 46 -22.38 -26.61 8.05
N SER A 47 -22.87 -26.91 6.86
CA SER A 47 -22.04 -27.52 5.82
C SER A 47 -21.09 -26.47 5.25
N LEU A 48 -20.15 -26.95 4.47
CA LEU A 48 -19.10 -26.07 3.97
C LEU A 48 -19.72 -25.02 3.12
N ASP A 49 -20.61 -25.42 2.23
CA ASP A 49 -21.19 -24.53 1.24
C ASP A 49 -22.07 -23.49 1.93
N GLU A 50 -22.84 -23.91 2.93
CA GLU A 50 -23.56 -22.95 3.78
C GLU A 50 -22.61 -21.95 4.47
N ARG A 51 -21.49 -22.40 5.02
CA ARG A 51 -20.61 -21.45 5.71
C ARG A 51 -20.03 -20.48 4.75
N LEU A 52 -19.67 -20.95 3.55
CA LEU A 52 -19.12 -20.10 2.55
C LEU A 52 -20.13 -19.01 2.14
N LYS A 53 -21.36 -19.41 1.87
CA LYS A 53 -22.44 -18.51 1.50
C LYS A 53 -22.69 -17.48 2.59
N MET A 54 -22.68 -17.89 3.85
CA MET A 54 -22.83 -16.95 4.95
C MET A 54 -21.77 -15.90 4.95
N ILE A 55 -20.52 -16.34 4.79
CA ILE A 55 -19.42 -15.43 4.87
C ILE A 55 -19.35 -14.53 3.65
N GLN A 56 -19.73 -15.04 2.49
CA GLN A 56 -19.86 -14.14 1.32
C GLN A 56 -20.93 -13.07 1.56
N LEU A 57 -22.08 -13.48 2.06
CA LEU A 57 -23.15 -12.52 2.25
C LEU A 57 -22.68 -11.44 3.22
N ALA A 58 -22.00 -11.87 4.30
CA ALA A 58 -21.58 -10.94 5.37
C ALA A 58 -20.41 -10.07 4.98
N THR A 59 -19.65 -10.40 3.93
CA THR A 59 -18.47 -9.58 3.62
C THR A 59 -18.57 -8.85 2.27
N LYS A 60 -19.78 -8.79 1.72
CA LYS A 60 -20.03 -8.13 0.42
C LYS A 60 -19.62 -6.64 0.45
N SER A 61 -19.86 -5.98 1.57
CA SER A 61 -19.52 -4.57 1.72
C SER A 61 -18.01 -4.30 1.84
N PHE A 62 -17.19 -5.34 2.01
CA PHE A 62 -15.73 -5.15 2.05
C PHE A 62 -15.09 -5.40 0.65
N LYS A 63 -14.69 -4.36 -0.03
CA LYS A 63 -14.34 -4.51 -1.46
C LYS A 63 -13.06 -5.29 -1.79
N ASN A 64 -12.07 -5.32 -0.90
CA ASN A 64 -10.86 -6.08 -1.11
C ASN A 64 -10.87 -7.49 -0.39
N VAL A 65 -12.03 -7.98 0.01
CA VAL A 65 -12.13 -9.30 0.61
C VAL A 65 -12.66 -10.34 -0.37
N GLU A 66 -12.03 -11.47 -0.45
CA GLU A 66 -12.55 -12.61 -1.22
C GLU A 66 -12.65 -13.86 -0.28
N CYS A 67 -13.72 -14.64 -0.43
CA CYS A 67 -13.96 -15.82 0.31
C CYS A 67 -13.62 -17.06 -0.56
N VAL A 68 -12.95 -18.03 0.02
CA VAL A 68 -12.78 -19.35 -0.64
C VAL A 68 -12.99 -20.51 0.34
N ALA A 69 -13.56 -21.60 -0.10
CA ALA A 69 -13.61 -22.84 0.71
C ALA A 69 -12.51 -23.74 0.25
N PHE A 70 -11.90 -24.44 1.18
CA PHE A 70 -10.81 -25.37 0.88
C PHE A 70 -10.79 -26.50 1.92
N GLU A 71 -10.02 -27.58 1.66
CA GLU A 71 -9.55 -28.48 2.80
C GLU A 71 -8.15 -29.01 2.87
N GLY A 72 -7.24 -28.78 2.03
CA GLY A 72 -5.94 -29.34 2.63
C GLY A 72 -5.25 -28.60 3.82
N LEU A 73 -3.91 -28.66 3.84
CA LEU A 73 -3.07 -27.91 4.71
C LEU A 73 -3.16 -26.38 4.45
N LEU A 74 -3.35 -25.61 5.49
CA LEU A 74 -3.52 -24.18 5.32
C LEU A 74 -2.22 -23.59 4.83
N ALA A 75 -1.11 -24.09 5.36
CA ALA A 75 0.22 -23.62 4.87
C ALA A 75 0.41 -23.74 3.37
N ASN A 76 -0.10 -24.81 2.80
CA ASN A 76 -0.04 -25.00 1.32
C ASN A 76 -1.05 -24.12 0.56
N LEU A 77 -2.20 -23.88 1.15
CA LEU A 77 -3.09 -22.90 0.57
C LEU A 77 -2.42 -21.56 0.52
N ALA A 78 -1.77 -21.16 1.60
CA ALA A 78 -1.08 -19.89 1.64
C ALA A 78 -0.05 -19.78 0.49
N LYS A 79 0.66 -20.88 0.26
CA LYS A 79 1.66 -20.94 -0.82
C LYS A 79 1.07 -20.71 -2.16
N GLU A 80 0.00 -21.40 -2.47
CA GLU A 80 -0.74 -21.16 -3.66
C GLU A 80 -1.14 -19.71 -3.88
N TYR A 81 -1.43 -18.99 -2.78
CA TYR A 81 -1.83 -17.58 -2.89
C TYR A 81 -0.68 -16.60 -2.79
N HIS A 82 0.55 -17.09 -2.80
CA HIS A 82 1.74 -16.31 -2.49
C HIS A 82 1.56 -15.42 -1.23
N CYS A 83 0.96 -16.01 -0.21
CA CYS A 83 0.59 -15.30 0.96
C CYS A 83 1.62 -15.51 2.01
N LYS A 84 2.06 -14.44 2.64
CA LYS A 84 3.02 -14.52 3.77
C LYS A 84 2.45 -14.16 5.15
N VAL A 85 1.16 -13.89 5.24
CA VAL A 85 0.57 -13.45 6.51
C VAL A 85 -0.73 -14.18 6.81
N LEU A 86 -0.74 -14.96 7.87
CA LEU A 86 -1.99 -15.51 8.36
C LEU A 86 -2.52 -14.58 9.39
N VAL A 87 -3.79 -14.24 9.29
CA VAL A 87 -4.48 -13.36 10.18
C VAL A 87 -5.29 -14.25 11.10
N ARG A 88 -5.21 -13.99 12.41
CA ARG A 88 -5.96 -14.74 13.42
C ARG A 88 -6.56 -13.75 14.37
N GLY A 89 -7.75 -14.07 14.86
CA GLY A 89 -8.37 -13.25 15.93
C GLY A 89 -8.05 -13.84 17.30
N LEU A 90 -7.82 -12.99 18.28
CA LEU A 90 -7.71 -13.35 19.71
C LEU A 90 -8.93 -12.84 20.47
N ARG A 91 -9.41 -13.66 21.37
CA ARG A 91 -10.58 -13.29 22.13
C ARG A 91 -10.37 -13.77 23.54
N VAL A 92 -11.25 -13.38 24.43
CA VAL A 92 -11.07 -13.65 25.85
C VAL A 92 -10.85 -15.15 26.16
N VAL A 93 -11.65 -16.01 25.54
CA VAL A 93 -11.51 -17.47 25.68
C VAL A 93 -10.43 -18.16 24.81
N SER A 94 -9.69 -17.45 23.96
CA SER A 94 -8.68 -18.14 23.13
C SER A 94 -7.71 -18.97 24.01
N ASP A 95 -7.23 -20.05 23.46
CA ASP A 95 -6.16 -20.82 24.06
C ASP A 95 -4.89 -20.24 23.52
N PHE A 96 -4.28 -19.35 24.28
CA PHE A 96 -3.27 -18.52 23.69
C PHE A 96 -2.06 -19.31 23.30
N GLU A 97 -1.66 -20.28 24.11
CA GLU A 97 -0.43 -20.99 23.84
C GLU A 97 -0.67 -21.87 22.60
N TYR A 98 -1.88 -22.36 22.47
CA TYR A 98 -2.26 -23.09 21.25
C TYR A 98 -2.14 -22.21 19.99
N GLU A 99 -2.54 -20.96 20.07
CA GLU A 99 -2.38 -20.06 18.92
C GLU A 99 -0.92 -19.86 18.58
N LEU A 100 -0.08 -19.67 19.58
CA LEU A 100 1.32 -19.50 19.29
C LEU A 100 1.83 -20.79 18.69
N GLN A 101 1.38 -21.93 19.22
CA GLN A 101 1.85 -23.21 18.73
C GLN A 101 1.53 -23.35 17.23
N MET A 102 0.29 -23.05 16.89
CA MET A 102 -0.14 -23.08 15.52
C MET A 102 0.67 -22.18 14.63
N GLY A 103 1.00 -20.97 15.12
CA GLY A 103 1.73 -19.99 14.32
C GLY A 103 3.10 -20.52 13.97
N TYR A 104 3.75 -21.15 14.94
CA TYR A 104 5.06 -21.83 14.72
C TYR A 104 4.99 -23.07 13.87
N ALA A 105 3.91 -23.82 13.98
CA ALA A 105 3.73 -25.02 13.14
C ALA A 105 3.66 -24.58 11.67
N ASN A 106 2.77 -23.66 11.40
CA ASN A 106 2.64 -23.11 10.03
C ASN A 106 3.93 -22.50 9.49
N LYS A 107 4.67 -21.83 10.35
CA LYS A 107 5.92 -21.21 9.93
C LYS A 107 6.84 -22.36 9.49
N SER A 108 6.84 -23.46 10.25
CA SER A 108 7.76 -24.57 9.91
C SER A 108 7.32 -25.34 8.63
N LEU A 109 6.03 -25.33 8.34
CA LEU A 109 5.53 -25.92 7.08
C LEU A 109 5.69 -24.96 5.89
N ASN A 110 5.72 -23.64 6.11
CA ASN A 110 5.90 -22.65 5.04
C ASN A 110 6.75 -21.55 5.64
N HIS A 111 8.05 -21.58 5.32
CA HIS A 111 9.00 -20.66 5.94
C HIS A 111 8.75 -19.23 5.59
N GLU A 112 7.91 -18.91 4.62
CA GLU A 112 7.56 -17.47 4.55
C GLU A 112 6.34 -17.03 5.31
N LEU A 113 5.69 -17.95 6.01
CA LEU A 113 4.33 -17.63 6.50
C LEU A 113 4.30 -17.22 7.97
N GLU A 114 4.11 -15.92 8.25
CA GLU A 114 3.97 -15.38 9.64
C GLU A 114 2.50 -15.39 10.08
N THR A 115 2.23 -15.26 11.37
CA THR A 115 0.89 -15.11 11.90
C THR A 115 0.82 -13.81 12.68
N LEU A 116 -0.25 -13.06 12.43
CA LEU A 116 -0.53 -11.79 13.00
C LEU A 116 -1.88 -11.90 13.70
N TYR A 117 -1.99 -11.30 14.85
CA TYR A 117 -3.17 -11.39 15.66
C TYR A 117 -3.89 -10.01 15.82
N PHE A 118 -5.20 -10.04 15.59
CA PHE A 118 -6.11 -8.91 15.83
C PHE A 118 -7.04 -9.18 16.98
N MET A 119 -7.65 -8.13 17.49
CA MET A 119 -8.78 -8.32 18.45
C MET A 119 -10.01 -7.69 17.87
N PRO A 120 -11.14 -8.23 18.24
CA PRO A 120 -12.38 -7.61 17.87
C PRO A 120 -12.72 -6.43 18.77
N THR A 121 -13.84 -5.78 18.51
CA THR A 121 -14.28 -4.68 19.41
C THR A 121 -14.56 -5.25 20.78
N LEU A 122 -14.49 -4.42 21.82
CA LEU A 122 -14.71 -4.90 23.16
C LEU A 122 -16.07 -5.60 23.26
N GLN A 123 -17.08 -4.99 22.67
CA GLN A 123 -18.42 -5.57 22.75
C GLN A 123 -18.47 -7.06 22.26
N ASN A 124 -17.65 -7.40 21.27
CA ASN A 124 -17.64 -8.73 20.76
C ASN A 124 -16.60 -9.64 21.33
N ALA A 125 -15.90 -9.21 22.37
CA ALA A 125 -14.72 -9.97 22.89
C ALA A 125 -15.09 -11.30 23.55
N PHE A 126 -16.33 -11.35 23.99
CA PHE A 126 -16.92 -12.54 24.55
C PHE A 126 -17.67 -13.40 23.57
N ILE A 127 -17.72 -13.05 22.29
CA ILE A 127 -18.54 -13.83 21.37
C ILE A 127 -17.75 -15.01 20.89
N SER A 128 -18.35 -16.17 20.95
CA SER A 128 -17.72 -17.38 20.48
C SER A 128 -18.67 -18.11 19.50
N SER A 129 -18.14 -18.75 18.44
CA SER A 129 -18.98 -19.51 17.55
C SER A 129 -19.74 -20.63 18.25
N SER A 130 -19.06 -21.30 19.17
CA SER A 130 -19.72 -22.38 19.91
C SER A 130 -20.88 -21.85 20.78
N ILE A 131 -20.69 -20.73 21.43
CA ILE A 131 -21.84 -20.10 22.10
C ILE A 131 -22.93 -19.77 21.07
N VAL A 132 -22.57 -19.35 19.88
CA VAL A 132 -23.65 -19.08 18.88
C VAL A 132 -24.32 -20.37 18.48
N ARG A 133 -23.56 -21.38 18.24
CA ARG A 133 -24.15 -22.67 17.94
C ARG A 133 -25.09 -23.20 19.03
N SER A 134 -24.67 -23.14 20.26
CA SER A 134 -25.54 -23.64 21.28
C SER A 134 -26.82 -22.84 21.42
N ILE A 135 -26.73 -21.51 21.33
CA ILE A 135 -27.97 -20.73 21.33
C ILE A 135 -28.87 -21.18 20.18
N ILE A 136 -28.27 -21.43 19.03
CA ILE A 136 -29.06 -21.80 17.87
C ILE A 136 -29.65 -23.20 18.03
N ALA A 137 -28.84 -24.13 18.50
CA ALA A 137 -29.28 -25.51 18.61
C ALA A 137 -30.57 -25.48 19.40
N HIS A 138 -30.58 -24.63 20.44
CA HIS A 138 -31.67 -24.64 21.42
C HIS A 138 -32.71 -23.56 21.16
N LYS A 139 -32.84 -23.14 19.91
CA LYS A 139 -33.86 -22.19 19.47
C LYS A 139 -33.85 -20.89 20.27
N GLY A 140 -32.69 -20.47 20.75
CA GLY A 140 -32.54 -19.12 21.31
C GLY A 140 -32.55 -18.03 20.24
N ASP A 141 -32.27 -16.82 20.67
CA ASP A 141 -32.10 -15.67 19.78
C ASP A 141 -30.61 -15.30 19.67
N ALA A 142 -30.03 -15.52 18.50
CA ALA A 142 -28.61 -15.25 18.24
C ALA A 142 -28.40 -14.03 17.37
N SER A 143 -29.48 -13.35 17.09
CA SER A 143 -29.43 -12.19 16.19
C SER A 143 -28.55 -11.03 16.56
N HIS A 144 -28.24 -10.86 17.84
CA HIS A 144 -27.35 -9.73 18.24
C HIS A 144 -25.88 -10.16 18.19
N LEU A 145 -25.65 -11.45 17.93
CA LEU A 145 -24.31 -12.05 17.84
C LEU A 145 -23.78 -12.29 16.41
N VAL A 146 -24.65 -12.25 15.39
CA VAL A 146 -24.22 -12.56 14.02
C VAL A 146 -24.68 -11.51 13.07
N PRO A 147 -23.96 -11.34 11.95
CA PRO A 147 -24.35 -10.21 11.12
C PRO A 147 -25.70 -10.51 10.46
N LYS A 148 -26.47 -9.44 10.31
CA LYS A 148 -27.87 -9.47 9.96
C LYS A 148 -28.09 -10.09 8.59
N GLU A 149 -27.14 -9.95 7.70
CA GLU A 149 -27.28 -10.57 6.38
C GLU A 149 -27.19 -12.09 6.43
N ILE A 150 -26.79 -12.71 7.55
CA ILE A 150 -26.85 -14.17 7.61
C ILE A 150 -27.98 -14.69 8.44
N TYR A 151 -28.78 -13.82 9.03
CA TYR A 151 -29.81 -14.28 9.97
C TYR A 151 -30.88 -15.18 9.27
N PRO A 152 -31.27 -14.86 8.05
CA PRO A 152 -32.09 -15.88 7.36
C PRO A 152 -31.45 -17.25 7.25
N LEU A 153 -30.20 -17.30 6.80
CA LEU A 153 -29.55 -18.60 6.63
C LEU A 153 -29.43 -19.41 7.92
N ILE A 154 -29.23 -18.77 9.07
CA ILE A 154 -29.07 -19.52 10.33
C ILE A 154 -30.41 -19.94 11.03
N SER A 155 -31.46 -19.14 10.93
CA SER A 155 -32.80 -19.55 11.42
C SER A 155 -33.46 -20.46 10.37
N LYS A 156 -33.26 -21.77 10.50
CA LYS A 156 -33.48 -22.70 9.39
C LYS A 156 -32.79 -24.01 9.74
N MET B 1 23.03 -37.17 36.67
CA MET B 1 21.55 -37.14 36.86
C MET B 1 21.17 -37.81 38.17
N GLN B 2 21.44 -39.11 38.23
CA GLN B 2 21.01 -39.94 39.35
C GLN B 2 21.87 -39.70 40.59
N LYS B 3 22.75 -38.69 40.57
CA LYS B 3 23.59 -38.40 41.73
C LYS B 3 23.23 -37.12 42.53
N ILE B 4 23.51 -35.92 42.00
CA ILE B 4 23.50 -34.66 42.79
C ILE B 4 22.53 -33.53 42.38
N GLY B 5 21.36 -33.48 43.03
CA GLY B 5 20.36 -32.47 42.68
C GLY B 5 20.53 -31.21 43.48
N ILE B 6 20.20 -30.07 42.92
CA ILE B 6 20.12 -28.84 43.69
C ILE B 6 18.69 -28.28 43.70
N TYR B 7 18.13 -28.06 44.89
CA TYR B 7 16.88 -27.35 45.04
C TYR B 7 17.12 -25.87 45.48
N PRO B 8 16.97 -24.93 44.56
CA PRO B 8 17.06 -23.56 44.84
C PRO B 8 15.74 -22.88 45.23
N GLY B 9 15.85 -21.84 46.05
CA GLY B 9 14.80 -20.88 46.30
C GLY B 9 15.23 -19.74 47.22
N THR B 10 14.26 -18.97 47.64
CA THR B 10 14.48 -17.95 48.65
C THR B 10 14.20 -18.46 50.07
N PHE B 11 13.28 -19.42 50.17
CA PHE B 11 12.87 -20.03 51.41
C PHE B 11 12.52 -19.06 52.55
N ASP B 12 11.62 -18.13 52.22
CA ASP B 12 11.31 -16.92 53.01
C ASP B 12 9.88 -16.90 53.57
N PRO B 13 9.49 -17.76 54.50
CA PRO B 13 10.36 -18.79 55.04
C PRO B 13 10.10 -20.10 54.32
N VAL B 14 10.77 -21.13 54.78
CA VAL B 14 10.50 -22.48 54.38
C VAL B 14 9.09 -22.90 54.83
N THR B 15 8.37 -23.70 54.03
CA THR B 15 7.00 -24.09 54.37
C THR B 15 6.90 -25.63 54.35
N ASN B 16 5.72 -26.11 54.70
CA ASN B 16 5.49 -27.51 54.60
C ASN B 16 5.54 -27.96 53.13
N GLY B 17 5.25 -27.03 52.20
CA GLY B 17 5.39 -27.32 50.75
C GLY B 17 6.83 -27.57 50.35
N HIS B 18 7.70 -26.68 50.75
CA HIS B 18 9.11 -26.85 50.52
C HIS B 18 9.59 -28.17 51.09
N ILE B 19 9.09 -28.54 52.25
CA ILE B 19 9.55 -29.72 52.91
C ILE B 19 9.07 -30.98 52.18
N ASP B 20 7.83 -31.04 51.73
CA ASP B 20 7.40 -32.16 50.82
C ASP B 20 8.36 -32.27 49.63
N ILE B 21 8.67 -31.15 48.98
CA ILE B 21 9.53 -31.22 47.83
C ILE B 21 10.91 -31.83 48.22
N ILE B 22 11.46 -31.40 49.35
CA ILE B 22 12.78 -31.82 49.82
C ILE B 22 12.71 -33.32 50.10
N HIS B 23 11.64 -33.73 50.72
CA HIS B 23 11.40 -35.12 51.03
C HIS B 23 11.52 -35.98 49.78
N ARG B 24 10.62 -35.71 48.81
CA ARG B 24 10.44 -36.53 47.62
C ARG B 24 11.68 -36.51 46.75
N SER B 25 12.27 -35.36 46.70
CA SER B 25 13.40 -35.07 45.91
C SER B 25 14.57 -35.80 46.53
N SER B 26 14.46 -36.00 47.84
CA SER B 26 15.51 -36.59 48.64
C SER B 26 15.68 -38.05 48.28
N GLU B 27 14.57 -38.76 48.32
CA GLU B 27 14.48 -40.14 47.93
C GLU B 27 15.27 -40.36 46.63
N LEU B 28 15.13 -39.43 45.70
CA LEU B 28 15.64 -39.60 44.35
C LEU B 28 17.13 -39.32 44.16
N PHE B 29 17.84 -38.71 45.10
CA PHE B 29 19.26 -38.35 44.82
C PHE B 29 20.24 -38.89 45.87
N GLU B 30 21.55 -38.75 45.61
CA GLU B 30 22.60 -39.19 46.56
C GLU B 30 22.92 -38.08 47.58
N LYS B 31 23.34 -36.94 47.08
CA LYS B 31 23.35 -35.72 47.85
C LYS B 31 22.26 -34.82 47.26
N LEU B 32 21.53 -34.10 48.12
CA LEU B 32 20.66 -32.99 47.67
C LEU B 32 21.07 -31.73 48.36
N ILE B 33 21.40 -30.72 47.58
CA ILE B 33 21.73 -29.40 48.05
C ILE B 33 20.49 -28.47 48.00
N VAL B 34 20.12 -27.98 49.17
CA VAL B 34 19.16 -26.90 49.33
C VAL B 34 19.87 -25.55 49.22
N ALA B 35 19.63 -24.85 48.11
CA ALA B 35 20.33 -23.63 47.79
C ALA B 35 19.47 -22.36 48.04
N VAL B 36 19.76 -21.72 49.17
CA VAL B 36 19.04 -20.53 49.59
C VAL B 36 19.65 -19.31 48.92
N ALA B 37 18.94 -18.76 47.96
CA ALA B 37 19.39 -17.55 47.32
C ALA B 37 19.28 -16.36 48.26
N HIS B 38 19.79 -15.23 47.80
CA HIS B 38 19.81 -13.99 48.55
C HIS B 38 18.61 -13.19 48.07
N SER B 39 18.42 -13.14 46.77
CA SER B 39 17.21 -12.59 46.22
C SER B 39 17.00 -11.17 46.77
N SER B 40 18.06 -10.36 46.73
CA SER B 40 17.97 -8.94 47.10
C SER B 40 16.84 -8.22 46.34
N ALA B 41 16.59 -8.67 45.10
CA ALA B 41 15.49 -8.14 44.25
C ALA B 41 14.09 -8.32 44.87
N LYS B 42 13.75 -9.56 45.20
CA LYS B 42 12.53 -9.84 45.93
C LYS B 42 12.79 -9.29 47.32
N ASN B 43 11.83 -8.57 47.88
CA ASN B 43 12.03 -7.97 49.18
C ASN B 43 12.10 -9.05 50.26
N PRO B 44 13.29 -9.44 50.72
CA PRO B 44 13.30 -10.53 51.73
C PRO B 44 12.77 -10.06 53.09
N MET B 45 12.07 -10.94 53.79
CA MET B 45 11.46 -10.67 55.10
C MET B 45 12.34 -11.21 56.21
N PHE B 46 12.99 -12.30 55.91
CA PHE B 46 13.93 -12.88 56.84
C PHE B 46 15.34 -12.78 56.22
N SER B 47 16.36 -12.60 57.07
CA SER B 47 17.75 -12.46 56.62
C SER B 47 18.28 -13.80 56.14
N LEU B 48 19.17 -13.74 55.13
CA LEU B 48 19.63 -14.93 54.46
C LEU B 48 20.07 -15.99 55.45
N ASP B 49 20.64 -15.54 56.56
CA ASP B 49 21.12 -16.47 57.58
C ASP B 49 20.02 -17.03 58.44
N GLU B 50 19.06 -16.16 58.75
CA GLU B 50 17.81 -16.58 59.42
C GLU B 50 17.16 -17.66 58.58
N ARG B 51 16.96 -17.33 57.31
CA ARG B 51 16.41 -18.29 56.29
C ARG B 51 17.24 -19.59 56.19
N LEU B 52 18.57 -19.43 56.05
CA LEU B 52 19.46 -20.60 55.91
C LEU B 52 19.46 -21.46 57.16
N LYS B 53 19.30 -20.83 58.32
CA LYS B 53 19.28 -21.52 59.60
C LYS B 53 17.99 -22.24 59.83
N MET B 54 16.88 -21.57 59.49
CA MET B 54 15.53 -22.21 59.42
C MET B 54 15.46 -23.49 58.57
N ILE B 55 15.93 -23.39 57.31
CA ILE B 55 16.02 -24.60 56.45
C ILE B 55 16.94 -25.65 57.05
N GLN B 56 18.15 -25.21 57.37
CA GLN B 56 19.07 -26.05 58.14
C GLN B 56 18.34 -26.77 59.27
N LEU B 57 17.62 -26.03 60.09
CA LEU B 57 16.88 -26.63 61.20
C LEU B 57 15.73 -27.56 60.73
N ALA B 58 15.06 -27.18 59.63
CA ALA B 58 14.03 -28.09 59.10
C ALA B 58 14.58 -29.32 58.37
N THR B 59 15.79 -29.16 57.77
CA THR B 59 16.39 -30.22 56.90
C THR B 59 17.30 -31.23 57.66
N LYS B 60 17.44 -31.08 58.97
CA LYS B 60 18.40 -31.87 59.74
C LYS B 60 18.19 -33.40 59.70
N SER B 61 16.97 -33.85 59.92
CA SER B 61 16.69 -35.30 59.85
C SER B 61 16.53 -35.84 58.43
N PHE B 62 16.93 -35.06 57.42
CA PHE B 62 17.07 -35.61 56.07
C PHE B 62 18.54 -35.83 55.87
N LYS B 63 18.94 -37.09 56.00
CA LYS B 63 20.34 -37.51 55.97
C LYS B 63 21.12 -37.19 54.69
N ASN B 64 20.42 -36.83 53.59
CA ASN B 64 21.04 -36.57 52.28
C ASN B 64 21.29 -35.10 51.95
N VAL B 65 20.87 -34.16 52.81
CA VAL B 65 20.68 -32.74 52.43
C VAL B 65 21.76 -31.80 53.00
N GLU B 66 22.05 -30.70 52.29
CA GLU B 66 23.01 -29.68 52.73
C GLU B 66 22.49 -28.31 52.28
N CYS B 67 22.48 -27.32 53.17
CA CYS B 67 21.90 -26.03 52.81
C CYS B 67 22.96 -24.94 52.69
N VAL B 68 22.77 -23.94 51.83
CA VAL B 68 23.84 -22.99 51.53
C VAL B 68 23.30 -21.73 50.87
N ALA B 69 24.06 -20.67 50.86
CA ALA B 69 23.59 -19.43 50.30
C ALA B 69 24.28 -19.21 48.97
N PHE B 70 23.88 -18.18 48.22
CA PHE B 70 24.48 -17.83 46.91
C PHE B 70 23.86 -16.56 46.34
N GLU B 71 24.51 -16.03 45.32
CA GLU B 71 24.27 -14.64 44.91
C GLU B 71 23.98 -14.45 43.42
N GLY B 72 24.81 -15.10 42.61
CA GLY B 72 24.81 -14.90 41.17
C GLY B 72 23.81 -15.76 40.43
N LEU B 73 24.20 -16.17 39.21
CA LEU B 73 23.33 -16.93 38.31
C LEU B 73 23.29 -18.38 38.73
N LEU B 74 22.08 -18.86 38.97
CA LEU B 74 21.82 -20.24 39.40
C LEU B 74 22.56 -21.28 38.53
N ALA B 75 22.60 -21.01 37.20
CA ALA B 75 23.21 -21.86 36.17
C ALA B 75 24.70 -22.18 36.43
N ASN B 76 25.40 -21.20 37.00
CA ASN B 76 26.81 -21.32 37.30
C ASN B 76 27.02 -22.00 38.65
N LEU B 77 26.18 -21.69 39.62
CA LEU B 77 26.18 -22.39 40.90
C LEU B 77 26.15 -23.93 40.70
N ALA B 78 25.36 -24.34 39.73
CA ALA B 78 25.29 -25.75 39.33
C ALA B 78 26.57 -26.24 38.66
N LYS B 79 27.19 -25.41 37.82
CA LYS B 79 28.51 -25.70 37.21
C LYS B 79 29.58 -26.03 38.30
N GLU B 80 29.73 -25.10 39.24
CA GLU B 80 30.63 -25.24 40.40
C GLU B 80 30.38 -26.61 41.06
N TYR B 81 29.13 -27.01 41.07
CA TYR B 81 28.71 -28.17 41.78
C TYR B 81 28.79 -29.48 41.02
N HIS B 82 29.14 -29.40 39.74
CA HIS B 82 29.11 -30.59 38.88
C HIS B 82 27.73 -31.20 39.15
N CYS B 83 26.72 -30.36 38.89
CA CYS B 83 25.35 -30.72 39.05
C CYS B 83 24.64 -30.51 37.71
N LYS B 84 24.00 -31.54 37.21
CA LYS B 84 23.24 -31.45 35.98
C LYS B 84 21.70 -31.33 36.26
N VAL B 85 21.27 -31.49 37.52
CA VAL B 85 19.81 -31.45 37.83
C VAL B 85 19.31 -30.41 38.84
N LEU B 86 18.56 -29.43 38.35
CA LEU B 86 17.78 -28.55 39.20
C LEU B 86 16.41 -29.16 39.58
N VAL B 87 16.09 -29.07 40.87
CA VAL B 87 14.77 -29.43 41.37
C VAL B 87 13.90 -28.16 41.56
N ARG B 88 12.69 -28.15 41.04
CA ARG B 88 11.76 -27.08 41.29
C ARG B 88 10.43 -27.65 41.71
N GLY B 89 9.69 -26.86 42.46
CA GLY B 89 8.33 -27.23 42.86
C GLY B 89 7.21 -26.73 41.94
N LEU B 90 6.20 -27.55 41.74
CA LEU B 90 5.03 -27.08 41.02
C LEU B 90 3.81 -27.08 41.90
N ARG B 91 3.08 -25.99 41.87
CA ARG B 91 1.86 -25.91 42.63
C ARG B 91 0.74 -25.19 41.87
N VAL B 92 -0.44 -25.17 42.48
CA VAL B 92 -1.63 -24.62 41.87
C VAL B 92 -1.39 -23.22 41.37
N VAL B 93 -0.69 -22.42 42.18
CA VAL B 93 -0.41 -21.01 41.85
C VAL B 93 0.89 -20.71 41.13
N SER B 94 1.70 -21.72 40.85
CA SER B 94 2.88 -21.52 40.01
C SER B 94 2.53 -20.81 38.69
N ASP B 95 3.45 -20.01 38.21
CA ASP B 95 3.39 -19.42 36.89
C ASP B 95 4.13 -20.37 35.98
N PHE B 96 3.35 -21.26 35.37
CA PHE B 96 3.90 -22.42 34.73
C PHE B 96 4.82 -22.06 33.63
N GLU B 97 4.45 -21.03 32.87
CA GLU B 97 5.18 -20.68 31.64
C GLU B 97 6.48 -20.01 32.04
N TYR B 98 6.43 -19.25 33.13
CA TYR B 98 7.63 -18.67 33.68
C TYR B 98 8.54 -19.73 34.16
N GLU B 99 8.04 -20.80 34.78
CA GLU B 99 8.91 -21.88 35.18
C GLU B 99 9.57 -22.50 33.98
N LEU B 100 8.80 -22.72 32.93
CA LEU B 100 9.41 -23.35 31.78
C LEU B 100 10.47 -22.41 31.22
N GLN B 101 10.17 -21.13 31.20
CA GLN B 101 11.16 -20.18 30.69
C GLN B 101 12.46 -20.23 31.47
N MET B 102 12.36 -20.26 32.80
CA MET B 102 13.55 -20.36 33.63
C MET B 102 14.28 -21.64 33.32
N GLY B 103 13.59 -22.74 33.12
CA GLY B 103 14.31 -24.04 32.86
C GLY B 103 15.16 -23.95 31.55
N TYR B 104 14.58 -23.35 30.51
CA TYR B 104 15.31 -23.17 29.28
C TYR B 104 16.43 -22.14 29.40
N ALA B 105 16.21 -21.08 30.15
CA ALA B 105 17.26 -20.06 30.30
C ALA B 105 18.42 -20.65 31.11
N ASN B 106 18.12 -21.47 32.11
CA ASN B 106 19.17 -22.21 32.75
C ASN B 106 19.88 -23.17 31.80
N LYS B 107 19.12 -23.89 30.97
CA LYS B 107 19.74 -24.80 30.00
C LYS B 107 20.65 -24.06 29.01
N SER B 108 20.15 -22.98 28.47
CA SER B 108 20.90 -22.09 27.59
C SER B 108 22.23 -21.60 28.21
N LEU B 109 22.24 -21.32 29.51
CA LEU B 109 23.48 -20.86 30.15
C LEU B 109 24.43 -22.00 30.43
N ASN B 110 23.89 -23.12 30.87
CA ASN B 110 24.72 -24.28 31.17
C ASN B 110 24.14 -25.49 30.42
N HIS B 111 24.71 -25.80 29.26
CA HIS B 111 24.12 -26.77 28.34
C HIS B 111 23.89 -28.16 28.96
N GLU B 112 24.49 -28.41 30.12
CA GLU B 112 24.34 -29.67 30.86
C GLU B 112 23.13 -29.72 31.85
N LEU B 113 22.52 -28.59 32.10
CA LEU B 113 21.66 -28.45 33.29
C LEU B 113 20.17 -28.56 32.99
N GLU B 114 19.58 -29.63 33.48
CA GLU B 114 18.17 -29.87 33.33
C GLU B 114 17.38 -29.48 34.58
N THR B 115 16.10 -29.21 34.39
CA THR B 115 15.17 -28.96 35.48
C THR B 115 14.17 -30.11 35.64
N LEU B 116 13.92 -30.46 36.88
CA LEU B 116 12.95 -31.47 37.21
C LEU B 116 11.89 -30.94 38.19
N TYR B 117 10.62 -31.26 37.98
CA TYR B 117 9.58 -30.74 38.81
C TYR B 117 8.83 -31.75 39.64
N PHE B 118 8.64 -31.38 40.91
CA PHE B 118 7.97 -32.20 41.89
C PHE B 118 6.79 -31.42 42.41
N MET B 119 5.80 -32.16 42.91
CA MET B 119 4.65 -31.51 43.54
C MET B 119 4.54 -31.81 45.05
N PRO B 120 3.94 -30.90 45.81
CA PRO B 120 3.75 -31.15 47.24
C PRO B 120 2.52 -31.97 47.44
N THR B 121 2.28 -32.36 48.67
CA THR B 121 1.06 -33.14 48.97
C THR B 121 -0.18 -32.29 48.81
N LEU B 122 -1.31 -32.94 48.71
CA LEU B 122 -2.54 -32.24 48.42
C LEU B 122 -2.79 -31.22 49.50
N GLN B 123 -2.42 -31.58 50.72
CA GLN B 123 -2.65 -30.71 51.89
C GLN B 123 -1.88 -29.46 51.77
N ASN B 124 -0.68 -29.55 51.16
CA ASN B 124 0.17 -28.40 50.91
C ASN B 124 0.08 -27.80 49.53
N ALA B 125 -0.89 -28.26 48.74
CA ALA B 125 -1.11 -27.79 47.37
C ALA B 125 -1.30 -26.26 47.24
N PHE B 126 -1.90 -25.64 48.24
CA PHE B 126 -2.17 -24.21 48.24
C PHE B 126 -1.31 -23.33 49.12
N ILE B 127 -0.26 -23.89 49.70
CA ILE B 127 0.65 -23.11 50.52
C ILE B 127 1.60 -22.37 49.64
N SER B 128 1.72 -21.05 49.82
CA SER B 128 2.84 -20.28 49.26
C SER B 128 3.56 -19.60 50.42
N SER B 129 4.86 -19.42 50.25
CA SER B 129 5.63 -18.62 51.18
C SER B 129 5.05 -17.18 51.33
N SER B 130 4.61 -16.59 50.24
CA SER B 130 3.94 -15.28 50.28
C SER B 130 2.73 -15.19 51.24
N ILE B 131 1.73 -16.11 51.16
CA ILE B 131 0.60 -16.03 52.14
C ILE B 131 1.10 -16.21 53.56
N VAL B 132 2.10 -17.06 53.73
CA VAL B 132 2.68 -17.33 55.05
C VAL B 132 3.33 -16.10 55.64
N ARG B 133 3.97 -15.30 54.79
CA ARG B 133 4.55 -14.02 55.22
C ARG B 133 3.53 -13.06 55.80
N SER B 134 2.45 -12.84 55.06
CA SER B 134 1.31 -12.01 55.53
C SER B 134 0.72 -12.57 56.80
N ILE B 135 0.51 -13.87 56.86
CA ILE B 135 0.00 -14.40 58.12
C ILE B 135 0.96 -14.04 59.26
N ILE B 136 2.27 -14.08 59.00
CA ILE B 136 3.23 -13.80 60.04
C ILE B 136 3.25 -12.30 60.34
N ALA B 137 3.21 -11.49 59.28
CA ALA B 137 3.21 -10.02 59.40
C ALA B 137 2.02 -9.50 60.23
N HIS B 138 0.82 -9.95 59.89
CA HIS B 138 -0.40 -9.60 60.65
C HIS B 138 -0.59 -10.45 61.91
N LYS B 139 0.37 -11.28 62.24
CA LYS B 139 0.36 -11.99 63.50
C LYS B 139 -0.71 -13.06 63.55
N GLY B 140 -0.90 -13.86 62.50
CA GLY B 140 -1.90 -14.99 62.46
C GLY B 140 -1.28 -16.30 62.87
N ASP B 141 -2.08 -17.35 62.85
CA ASP B 141 -1.57 -18.65 63.18
C ASP B 141 -1.02 -19.29 61.90
N ALA B 142 0.30 -19.37 61.81
CA ALA B 142 0.96 -20.00 60.67
C ALA B 142 1.44 -21.39 61.01
N SER B 143 1.03 -21.92 62.15
CA SER B 143 1.66 -23.10 62.72
C SER B 143 1.39 -24.39 61.93
N HIS B 144 0.26 -24.48 61.25
CA HIS B 144 -0.01 -25.64 60.42
C HIS B 144 0.55 -25.46 59.00
N LEU B 145 1.29 -24.37 58.78
CA LEU B 145 1.75 -23.96 57.45
C LEU B 145 3.25 -24.11 57.29
N VAL B 146 3.98 -24.14 58.39
CA VAL B 146 5.42 -24.28 58.39
C VAL B 146 5.89 -25.41 59.33
N PRO B 147 7.12 -25.91 59.14
CA PRO B 147 7.61 -26.99 59.95
C PRO B 147 7.85 -26.51 61.42
N LYS B 148 7.47 -27.36 62.37
CA LYS B 148 7.53 -26.98 63.80
C LYS B 148 8.92 -26.61 64.30
N GLU B 149 9.93 -27.23 63.72
CA GLU B 149 11.30 -26.87 64.01
C GLU B 149 11.58 -25.38 63.86
N ILE B 150 10.68 -24.63 63.23
CA ILE B 150 10.93 -23.19 63.00
C ILE B 150 9.99 -22.26 63.76
N TYR B 151 9.06 -22.84 64.50
CA TYR B 151 8.11 -22.02 65.28
C TYR B 151 8.85 -20.99 66.08
N PRO B 152 9.93 -21.40 66.82
CA PRO B 152 10.74 -20.48 67.59
C PRO B 152 11.13 -19.21 66.87
N LEU B 153 11.82 -19.34 65.76
CA LEU B 153 12.35 -18.15 65.10
C LEU B 153 11.32 -17.35 64.29
N ILE B 154 10.22 -17.97 63.87
CA ILE B 154 9.18 -17.20 63.15
C ILE B 154 8.51 -16.21 64.12
N SER B 155 8.50 -16.58 65.41
CA SER B 155 7.98 -15.73 66.50
C SER B 155 8.86 -14.56 66.96
N LYS B 156 10.19 -14.72 66.94
CA LYS B 156 11.12 -13.64 67.36
C LYS B 156 10.83 -12.31 66.67
N MET C 1 -3.95 3.60 9.22
CA MET C 1 -3.72 2.13 9.16
C MET C 1 -2.28 1.84 8.71
N GLN C 2 -2.07 1.51 7.44
CA GLN C 2 -0.73 1.12 6.98
C GLN C 2 0.23 2.31 6.93
N LYS C 3 -0.27 3.52 6.79
CA LYS C 3 0.70 4.61 6.76
C LYS C 3 1.63 4.58 8.00
N ILE C 4 1.16 4.11 9.17
CA ILE C 4 2.02 4.22 10.35
C ILE C 4 1.66 3.39 11.60
N GLY C 5 2.65 2.67 12.10
CA GLY C 5 2.56 1.96 13.34
C GLY C 5 3.54 2.41 14.40
N ILE C 6 3.18 2.21 15.66
CA ILE C 6 4.07 2.48 16.73
C ILE C 6 4.30 1.24 17.55
N TYR C 7 5.57 0.98 17.90
CA TYR C 7 5.94 -0.19 18.71
C TYR C 7 6.57 0.30 20.03
N PRO C 8 5.76 0.47 21.06
CA PRO C 8 6.20 1.03 22.30
C PRO C 8 6.91 0.02 23.13
N GLY C 9 7.86 0.47 23.94
CA GLY C 9 8.56 -0.43 24.87
C GLY C 9 9.59 0.33 25.72
N THR C 10 9.97 -0.29 26.82
CA THR C 10 11.10 0.11 27.63
C THR C 10 12.45 -0.27 26.98
N PHE C 11 12.54 -1.40 26.31
CA PHE C 11 13.76 -1.82 25.63
C PHE C 11 15.02 -1.72 26.50
N ASP C 12 14.97 -2.49 27.55
CA ASP C 12 15.93 -2.43 28.63
C ASP C 12 16.70 -3.73 28.85
N PRO C 13 17.58 -4.15 27.93
CA PRO C 13 17.80 -3.54 26.64
C PRO C 13 17.01 -4.23 25.54
N VAL C 14 17.06 -3.68 24.34
CA VAL C 14 16.54 -4.34 23.19
C VAL C 14 17.15 -5.75 23.02
N THR C 15 16.32 -6.73 22.67
CA THR C 15 16.73 -8.10 22.60
C THR C 15 16.38 -8.61 21.22
N ASN C 16 16.83 -9.83 20.90
CA ASN C 16 16.57 -10.40 19.58
C ASN C 16 15.06 -10.63 19.35
N GLY C 17 14.32 -10.80 20.45
CA GLY C 17 12.86 -10.86 20.36
C GLY C 17 12.29 -9.52 19.83
N HIS C 18 12.69 -8.40 20.43
CA HIS C 18 12.22 -7.13 19.97
C HIS C 18 12.53 -6.92 18.49
N ILE C 19 13.72 -7.35 18.05
CA ILE C 19 14.19 -7.07 16.70
C ILE C 19 13.35 -7.87 15.70
N ASP C 20 12.92 -9.06 16.07
CA ASP C 20 11.97 -9.79 15.22
C ASP C 20 10.62 -9.08 15.03
N ILE C 21 10.06 -8.48 16.07
CA ILE C 21 8.80 -7.78 15.96
C ILE C 21 9.03 -6.55 15.13
N ILE C 22 10.21 -5.93 15.23
CA ILE C 22 10.46 -4.69 14.51
C ILE C 22 10.60 -4.99 13.02
N HIS C 23 11.32 -6.04 12.73
CA HIS C 23 11.50 -6.48 11.37
C HIS C 23 10.13 -6.80 10.72
N ARG C 24 9.37 -7.69 11.34
CA ARG C 24 8.07 -8.09 10.80
C ARG C 24 7.07 -6.92 10.72
N SER C 25 6.97 -6.14 11.77
CA SER C 25 6.07 -5.01 11.74
C SER C 25 6.46 -3.95 10.75
N SER C 26 7.77 -3.75 10.55
CA SER C 26 8.20 -2.73 9.59
C SER C 26 7.81 -3.16 8.18
N GLU C 27 7.74 -4.47 7.96
CA GLU C 27 7.33 -5.00 6.65
C GLU C 27 5.86 -4.61 6.35
N LEU C 28 5.10 -4.20 7.36
CA LEU C 28 3.67 -4.00 7.10
C LEU C 28 3.23 -2.58 7.03
N PHE C 29 4.01 -1.64 7.57
CA PHE C 29 3.64 -0.23 7.51
C PHE C 29 4.64 0.55 6.68
N GLU C 30 4.23 1.69 6.14
CA GLU C 30 5.16 2.59 5.42
C GLU C 30 6.21 3.02 6.40
N LYS C 31 5.75 3.55 7.52
CA LYS C 31 6.62 3.89 8.60
C LYS C 31 6.28 3.18 9.95
N LEU C 32 7.32 2.71 10.63
CA LEU C 32 7.25 2.26 11.97
C LEU C 32 8.06 3.08 12.93
N ILE C 33 7.39 3.62 13.94
CA ILE C 33 7.98 4.36 15.05
C ILE C 33 8.18 3.40 16.22
N VAL C 34 9.42 3.24 16.65
CA VAL C 34 9.76 2.45 17.81
C VAL C 34 9.91 3.45 18.94
N ALA C 35 9.08 3.32 19.96
CA ALA C 35 8.95 4.35 20.94
C ALA C 35 9.38 3.84 22.26
N VAL C 36 10.43 4.49 22.75
CA VAL C 36 11.11 4.05 23.95
C VAL C 36 10.62 4.93 25.04
N ALA C 37 9.96 4.33 25.99
CA ALA C 37 9.33 5.02 27.09
C ALA C 37 10.39 5.17 28.22
N HIS C 38 10.43 6.36 28.79
CA HIS C 38 11.27 6.62 29.97
C HIS C 38 11.08 5.50 31.00
N SER C 39 9.81 5.19 31.22
CA SER C 39 9.31 4.18 32.12
C SER C 39 9.99 4.33 33.47
N SER C 40 9.93 5.60 33.93
CA SER C 40 10.49 6.04 35.23
C SER C 40 10.04 5.19 36.39
N ALA C 41 8.83 4.67 36.36
CA ALA C 41 8.30 3.85 37.48
C ALA C 41 9.04 2.54 37.58
N LYS C 42 9.40 1.97 36.45
CA LYS C 42 10.33 0.86 36.46
C LYS C 42 11.62 1.45 36.95
N ASN C 43 12.61 0.62 37.16
CA ASN C 43 13.89 1.18 37.52
C ASN C 43 14.84 0.60 36.53
N PRO C 44 14.81 1.13 35.29
CA PRO C 44 15.52 0.51 34.19
C PRO C 44 17.03 0.45 34.45
N MET C 45 17.63 -0.67 34.12
CA MET C 45 19.04 -0.85 34.20
C MET C 45 19.78 0.20 33.34
N PHE C 46 19.28 0.51 32.16
CA PHE C 46 19.97 1.47 31.29
C PHE C 46 19.19 2.78 31.17
N SER C 47 19.89 3.89 31.03
CA SER C 47 19.17 5.16 30.98
C SER C 47 18.38 5.27 29.68
N LEU C 48 17.45 6.21 29.67
CA LEU C 48 16.62 6.44 28.50
C LEU C 48 17.43 6.66 27.26
N ASP C 49 18.40 7.55 27.41
CA ASP C 49 19.26 7.89 26.32
C ASP C 49 20.16 6.74 25.83
N GLU C 50 20.53 5.77 26.68
CA GLU C 50 21.31 4.58 26.20
C GLU C 50 20.42 3.60 25.47
N ARG C 51 19.24 3.36 26.06
CA ARG C 51 18.23 2.47 25.47
C ARG C 51 17.90 3.01 24.11
N LEU C 52 17.61 4.32 24.03
CA LEU C 52 17.34 4.94 22.73
C LEU C 52 18.49 4.75 21.78
N LYS C 53 19.72 5.00 22.25
CA LYS C 53 20.91 4.83 21.38
C LYS C 53 21.05 3.38 20.90
N MET C 54 20.96 2.45 21.83
CA MET C 54 21.08 1.03 21.47
C MET C 54 20.05 0.55 20.47
N ILE C 55 18.80 0.94 20.64
CA ILE C 55 17.80 0.48 19.67
C ILE C 55 17.95 1.21 18.29
N GLN C 56 18.52 2.41 18.33
CA GLN C 56 18.82 3.12 17.04
C GLN C 56 19.90 2.41 16.25
N LEU C 57 20.92 2.02 16.98
CA LEU C 57 21.99 1.27 16.40
C LEU C 57 21.50 -0.08 15.91
N ALA C 58 20.62 -0.74 16.66
CA ALA C 58 20.11 -2.03 16.26
C ALA C 58 19.14 -1.98 15.11
N THR C 59 18.57 -0.82 14.83
CA THR C 59 17.61 -0.74 13.76
C THR C 59 18.01 0.07 12.52
N LYS C 60 19.27 0.55 12.44
CA LYS C 60 19.64 1.42 11.28
C LYS C 60 19.41 0.76 9.92
N SER C 61 19.60 -0.56 9.87
CA SER C 61 19.39 -1.31 8.62
C SER C 61 17.92 -1.37 8.14
N PHE C 62 16.95 -1.09 9.03
CA PHE C 62 15.52 -1.04 8.63
C PHE C 62 15.23 0.39 8.26
N LYS C 63 15.06 0.66 6.97
CA LYS C 63 15.11 2.05 6.47
C LYS C 63 13.87 2.84 6.80
N ASN C 64 12.76 2.15 6.95
CA ASN C 64 11.51 2.80 7.35
C ASN C 64 11.23 2.85 8.87
N VAL C 65 12.22 2.48 9.70
CA VAL C 65 12.08 2.56 11.18
C VAL C 65 12.64 3.83 11.80
N GLU C 66 11.90 4.49 12.65
CA GLU C 66 12.42 5.66 13.35
C GLU C 66 12.18 5.48 14.85
N CYS C 67 13.21 5.65 15.65
CA CYS C 67 13.09 5.61 17.09
C CYS C 67 12.88 6.98 17.77
N VAL C 68 12.07 7.04 18.80
CA VAL C 68 11.95 8.23 19.60
C VAL C 68 11.80 7.86 21.05
N ALA C 69 12.20 8.78 21.90
CA ALA C 69 12.09 8.69 23.32
C ALA C 69 10.89 9.54 23.75
N PHE C 70 10.03 9.01 24.61
CA PHE C 70 8.85 9.74 25.12
C PHE C 70 8.65 9.40 26.60
N GLU C 71 7.77 10.16 27.29
CA GLU C 71 7.52 10.09 28.77
C GLU C 71 6.14 9.66 29.27
N GLY C 72 5.11 10.26 28.68
CA GLY C 72 3.76 10.15 29.18
C GLY C 72 2.92 9.10 28.48
N LEU C 73 1.65 9.45 28.24
CA LEU C 73 0.63 8.52 27.77
C LEU C 73 0.85 8.13 26.28
N LEU C 74 1.00 6.85 26.04
CA LEU C 74 1.23 6.34 24.70
C LEU C 74 0.07 6.64 23.68
N ALA C 75 -1.15 6.46 24.12
CA ALA C 75 -2.32 6.77 23.35
C ALA C 75 -2.24 8.19 22.79
N ASN C 76 -1.65 9.11 23.57
CA ASN C 76 -1.50 10.50 23.12
C ASN C 76 -0.34 10.62 22.20
N LEU C 77 0.77 10.00 22.54
CA LEU C 77 1.87 9.95 21.60
C LEU C 77 1.37 9.54 20.26
N ALA C 78 0.56 8.50 20.25
CA ALA C 78 0.14 7.95 18.95
C ALA C 78 -0.62 8.94 18.11
N LYS C 79 -1.55 9.66 18.74
CA LYS C 79 -2.32 10.78 18.08
C LYS C 79 -1.36 11.83 17.44
N GLU C 80 -0.29 12.14 18.13
CA GLU C 80 0.71 13.12 17.63
C GLU C 80 1.37 12.67 16.34
N TYR C 81 1.53 11.35 16.18
CA TYR C 81 2.10 10.80 14.95
C TYR C 81 1.04 10.34 14.01
N HIS C 82 -0.20 10.64 14.29
CA HIS C 82 -1.24 10.20 13.40
C HIS C 82 -1.26 8.68 13.27
N CYS C 83 -0.96 8.00 14.36
CA CYS C 83 -0.86 6.56 14.34
C CYS C 83 -2.19 5.86 14.73
N LYS C 84 -2.62 4.92 13.91
CA LYS C 84 -3.78 4.12 14.25
C LYS C 84 -3.50 2.66 14.68
N VAL C 85 -2.25 2.21 14.67
CA VAL C 85 -1.92 0.87 15.02
C VAL C 85 -0.78 0.78 16.03
N LEU C 86 -1.06 0.19 17.19
CA LEU C 86 -0.05 -0.08 18.19
C LEU C 86 0.37 -1.50 17.95
N VAL C 87 1.67 -1.71 17.88
CA VAL C 87 2.25 -3.02 17.65
C VAL C 87 2.71 -3.61 19.02
N ARG C 88 2.36 -4.85 19.32
CA ARG C 88 2.74 -5.52 20.53
C ARG C 88 3.32 -6.87 20.18
N GLY C 89 4.27 -7.34 20.93
CA GLY C 89 4.81 -8.67 20.74
C GLY C 89 4.16 -9.68 21.69
N LEU C 90 3.79 -10.82 21.19
CA LEU C 90 3.36 -11.89 22.08
C LEU C 90 4.43 -12.90 22.18
N ARG C 91 4.63 -13.42 23.36
CA ARG C 91 5.61 -14.45 23.56
C ARG C 91 5.10 -15.45 24.56
N VAL C 92 5.89 -16.44 24.90
CA VAL C 92 5.36 -17.60 25.68
C VAL C 92 4.86 -17.21 27.07
N VAL C 93 5.60 -16.36 27.75
CA VAL C 93 5.18 -15.88 29.05
C VAL C 93 4.30 -14.64 29.04
N SER C 94 3.74 -14.24 27.91
CA SER C 94 2.85 -13.10 27.92
C SER C 94 1.67 -13.38 28.88
N ASP C 95 1.23 -12.32 29.57
CA ASP C 95 -0.03 -12.34 30.29
C ASP C 95 -1.09 -11.95 29.31
N PHE C 96 -1.67 -12.97 28.73
CA PHE C 96 -2.51 -12.75 27.57
C PHE C 96 -3.74 -11.87 27.80
N GLU C 97 -4.45 -11.99 28.92
CA GLU C 97 -5.66 -11.23 29.11
C GLU C 97 -5.33 -9.74 29.43
N TYR C 98 -4.16 -9.56 30.06
CA TYR C 98 -3.55 -8.27 30.30
C TYR C 98 -3.27 -7.53 28.98
N GLU C 99 -2.74 -8.25 28.00
CA GLU C 99 -2.54 -7.68 26.63
C GLU C 99 -3.85 -7.20 26.01
N LEU C 100 -4.86 -8.03 26.10
CA LEU C 100 -6.17 -7.65 25.63
C LEU C 100 -6.72 -6.42 26.38
N GLN C 101 -6.57 -6.45 27.70
CA GLN C 101 -6.95 -5.35 28.50
C GLN C 101 -6.32 -4.02 28.04
N MET C 102 -5.00 -4.03 27.91
CA MET C 102 -4.25 -2.89 27.45
C MET C 102 -4.72 -2.36 26.11
N GLY C 103 -4.95 -3.26 25.17
CA GLY C 103 -5.59 -2.92 23.88
C GLY C 103 -6.93 -2.20 23.94
N TYR C 104 -7.85 -2.75 24.73
CA TYR C 104 -9.12 -2.11 24.98
C TYR C 104 -9.00 -0.72 25.68
N ALA C 105 -8.15 -0.62 26.70
CA ALA C 105 -7.87 0.64 27.34
C ALA C 105 -7.30 1.72 26.35
N ASN C 106 -6.34 1.32 25.53
CA ASN C 106 -5.70 2.27 24.66
C ASN C 106 -6.67 2.77 23.61
N LYS C 107 -7.64 1.92 23.29
CA LYS C 107 -8.70 2.20 22.36
C LYS C 107 -9.76 3.15 22.99
N SER C 108 -10.02 2.96 24.28
CA SER C 108 -10.90 3.87 25.00
C SER C 108 -10.26 5.25 25.21
N LEU C 109 -8.93 5.35 25.25
CA LEU C 109 -8.23 6.64 25.34
C LEU C 109 -7.99 7.28 23.97
N ASN C 110 -8.04 6.50 22.91
CA ASN C 110 -7.81 7.03 21.58
C ASN C 110 -8.52 6.13 20.62
N HIS C 111 -9.66 6.61 20.09
CA HIS C 111 -10.63 5.75 19.41
C HIS C 111 -10.20 5.28 18.03
N GLU C 112 -9.16 5.88 17.48
CA GLU C 112 -8.55 5.40 16.24
C GLU C 112 -7.51 4.28 16.46
N LEU C 113 -7.08 4.08 17.70
CA LEU C 113 -5.93 3.27 17.94
C LEU C 113 -6.23 1.78 18.24
N GLU C 114 -6.09 0.92 17.23
CA GLU C 114 -6.11 -0.57 17.39
C GLU C 114 -4.74 -1.17 17.82
N THR C 115 -4.77 -2.28 18.52
CA THR C 115 -3.55 -3.02 18.82
C THR C 115 -3.48 -4.27 17.95
N LEU C 116 -2.29 -4.60 17.46
CA LEU C 116 -2.05 -5.75 16.64
C LEU C 116 -0.88 -6.47 17.21
N TYR C 117 -0.91 -7.81 17.19
CA TYR C 117 0.13 -8.62 17.88
C TYR C 117 0.96 -9.44 16.89
N PHE C 118 2.27 -9.41 17.05
CA PHE C 118 3.17 -10.20 16.24
C PHE C 118 3.82 -11.11 17.25
N MET C 119 4.43 -12.13 16.75
CA MET C 119 5.19 -13.03 17.55
C MET C 119 6.63 -13.05 17.02
N PRO C 120 7.57 -13.30 17.89
CA PRO C 120 8.94 -13.53 17.44
C PRO C 120 9.15 -14.92 16.86
N THR C 121 10.36 -15.15 16.36
CA THR C 121 10.76 -16.44 15.87
C THR C 121 10.78 -17.41 17.04
N LEU C 122 10.68 -18.69 16.74
CA LEU C 122 10.64 -19.69 17.82
C LEU C 122 11.81 -19.58 18.74
N GLN C 123 12.99 -19.38 18.17
CA GLN C 123 14.21 -19.25 19.00
C GLN C 123 14.09 -18.13 20.04
N ASN C 124 13.39 -17.04 19.73
CA ASN C 124 13.32 -15.90 20.62
C ASN C 124 12.06 -15.84 21.47
N ALA C 125 11.18 -16.81 21.31
CA ALA C 125 9.91 -16.90 22.05
C ALA C 125 10.07 -16.99 23.57
N PHE C 126 11.19 -17.53 24.04
CA PHE C 126 11.51 -17.67 25.46
C PHE C 126 12.44 -16.56 26.00
N ILE C 127 12.65 -15.51 25.23
CA ILE C 127 13.58 -14.49 25.64
C ILE C 127 12.90 -13.33 26.29
N SER C 128 13.34 -12.99 27.48
CA SER C 128 12.87 -11.79 28.17
C SER C 128 14.02 -10.84 28.48
N SER C 129 13.73 -9.53 28.37
CA SER C 129 14.65 -8.50 28.80
C SER C 129 15.17 -8.80 30.20
N SER C 130 14.24 -9.07 31.09
CA SER C 130 14.55 -9.40 32.47
C SER C 130 15.70 -10.38 32.61
N ILE C 131 15.63 -11.46 31.85
CA ILE C 131 16.68 -12.47 31.84
C ILE C 131 18.02 -11.92 31.28
N VAL C 132 17.94 -11.22 30.16
CA VAL C 132 19.13 -10.62 29.62
C VAL C 132 19.80 -9.73 30.69
N ARG C 133 18.98 -9.02 31.47
CA ARG C 133 19.50 -8.10 32.47
C ARG C 133 20.32 -8.84 33.54
N SER C 134 19.70 -9.87 34.11
CA SER C 134 20.40 -10.68 35.10
C SER C 134 21.73 -11.16 34.52
N ILE C 135 21.67 -11.90 33.42
CA ILE C 135 22.89 -12.37 32.77
C ILE C 135 23.92 -11.24 32.64
N ILE C 136 23.49 -10.09 32.14
CA ILE C 136 24.40 -9.01 31.84
C ILE C 136 25.07 -8.59 33.12
N ALA C 137 24.26 -8.32 34.14
CA ALA C 137 24.75 -7.90 35.44
C ALA C 137 25.83 -8.84 36.03
N HIS C 138 25.65 -10.14 35.81
CA HIS C 138 26.66 -11.14 36.17
C HIS C 138 27.67 -11.38 35.04
N LYS C 139 28.49 -12.39 35.17
CA LYS C 139 29.38 -12.74 34.07
C LYS C 139 28.69 -13.77 33.20
N GLY C 140 27.77 -13.30 32.38
CA GLY C 140 27.02 -14.20 31.51
C GLY C 140 27.17 -13.87 30.03
N ASP C 141 27.00 -14.90 29.20
CA ASP C 141 27.00 -14.75 27.74
C ASP C 141 25.59 -14.42 27.27
N ALA C 142 25.37 -13.14 26.93
CA ALA C 142 24.09 -12.65 26.41
C ALA C 142 24.18 -12.44 24.91
N SER C 143 25.36 -12.63 24.35
CA SER C 143 25.62 -12.43 22.92
C SER C 143 24.65 -13.15 21.94
N HIS C 144 24.04 -14.24 22.38
CA HIS C 144 23.05 -14.91 21.55
C HIS C 144 21.60 -14.40 21.79
N LEU C 145 21.42 -13.46 22.71
CA LEU C 145 20.12 -12.98 23.15
C LEU C 145 19.78 -11.52 22.71
N VAL C 146 20.81 -10.80 22.28
CA VAL C 146 20.71 -9.39 21.90
C VAL C 146 21.47 -9.14 20.62
N PRO C 147 21.08 -8.11 19.90
CA PRO C 147 21.74 -7.92 18.63
C PRO C 147 23.21 -7.51 18.80
N LYS C 148 24.10 -8.02 17.92
CA LYS C 148 25.54 -7.72 17.97
C LYS C 148 25.84 -6.22 18.02
N GLU C 149 25.12 -5.43 17.23
CA GLU C 149 25.29 -3.99 17.21
C GLU C 149 25.42 -3.39 18.61
N ILE C 150 24.73 -3.96 19.59
CA ILE C 150 24.71 -3.40 20.94
C ILE C 150 25.56 -4.13 22.00
N TYR C 151 25.95 -5.38 21.73
CA TYR C 151 26.62 -6.23 22.74
C TYR C 151 27.90 -5.57 23.36
N PRO C 152 28.63 -4.75 22.57
CA PRO C 152 29.60 -3.76 23.12
C PRO C 152 29.08 -2.85 24.24
N LEU C 153 28.05 -2.05 23.97
CA LEU C 153 27.54 -1.08 24.94
C LEU C 153 26.96 -1.74 26.19
N ILE C 154 26.72 -3.03 26.12
CA ILE C 154 26.25 -3.77 27.27
C ILE C 154 27.16 -3.71 28.49
N SER C 155 28.45 -3.97 28.30
CA SER C 155 29.44 -3.92 29.41
C SER C 155 30.06 -2.53 29.65
N LYS C 156 29.81 -1.61 28.73
CA LYS C 156 30.13 -0.19 28.93
C LYS C 156 29.40 0.44 30.14
N MET D 1 -17.13 23.31 -6.02
CA MET D 1 -16.12 23.76 -7.03
C MET D 1 -16.53 25.05 -7.73
N GLN D 2 -17.73 25.02 -8.31
CA GLN D 2 -18.31 26.17 -8.99
C GLN D 2 -18.43 27.51 -8.22
N LYS D 3 -18.38 27.51 -6.90
CA LYS D 3 -18.48 28.79 -6.16
C LYS D 3 -17.39 29.81 -6.54
N ILE D 4 -16.17 29.32 -6.73
CA ILE D 4 -15.01 30.18 -6.88
C ILE D 4 -13.95 29.61 -7.81
N GLY D 5 -13.46 30.44 -8.73
CA GLY D 5 -12.37 30.08 -9.62
C GLY D 5 -11.32 31.15 -9.66
N ILE D 6 -10.09 30.75 -10.01
CA ILE D 6 -8.94 31.64 -10.09
C ILE D 6 -8.26 31.51 -11.44
N TYR D 7 -8.11 32.66 -12.08
CA TYR D 7 -7.43 32.82 -13.33
C TYR D 7 -6.16 33.60 -13.15
N PRO D 8 -5.04 32.93 -13.06
CA PRO D 8 -3.81 33.60 -12.78
C PRO D 8 -3.06 33.91 -14.02
N GLY D 9 -2.19 34.90 -13.95
CA GLY D 9 -1.35 35.23 -15.07
C GLY D 9 -0.54 36.49 -14.78
N THR D 10 0.33 36.76 -15.72
CA THR D 10 1.19 37.90 -15.69
C THR D 10 0.41 39.13 -16.23
N PHE D 11 -0.42 38.93 -17.25
CA PHE D 11 -1.25 39.93 -17.89
C PHE D 11 -0.40 41.14 -18.28
N ASP D 12 0.54 40.87 -19.18
CA ASP D 12 1.59 41.82 -19.48
C ASP D 12 1.61 42.18 -20.98
N PRO D 13 0.61 42.92 -21.47
CA PRO D 13 -0.48 43.44 -20.72
C PRO D 13 -1.68 42.55 -20.97
N VAL D 14 -2.81 42.83 -20.33
CA VAL D 14 -4.05 42.14 -20.64
C VAL D 14 -4.45 42.37 -22.12
N THR D 15 -4.96 41.31 -22.77
CA THR D 15 -5.33 41.28 -24.21
C THR D 15 -6.76 40.90 -24.34
N ASN D 16 -7.33 41.18 -25.52
CA ASN D 16 -8.66 40.67 -25.82
C ASN D 16 -8.84 39.14 -25.58
N GLY D 17 -7.76 38.37 -25.79
CA GLY D 17 -7.81 36.92 -25.52
C GLY D 17 -8.05 36.64 -24.04
N HIS D 18 -7.34 37.34 -23.16
CA HIS D 18 -7.59 37.23 -21.74
C HIS D 18 -9.03 37.61 -21.40
N ILE D 19 -9.53 38.70 -21.98
CA ILE D 19 -10.86 39.17 -21.62
C ILE D 19 -11.88 38.13 -22.02
N ASP D 20 -11.76 37.54 -23.21
CA ASP D 20 -12.64 36.43 -23.57
C ASP D 20 -12.66 35.33 -22.47
N ILE D 21 -11.50 34.93 -21.95
CA ILE D 21 -11.43 33.85 -21.01
C ILE D 21 -12.13 34.30 -19.71
N ILE D 22 -11.88 35.55 -19.34
CA ILE D 22 -12.41 36.10 -18.08
C ILE D 22 -13.92 36.10 -18.16
N HIS D 23 -14.42 36.64 -19.24
CA HIS D 23 -15.85 36.66 -19.52
C HIS D 23 -16.49 35.26 -19.43
N ARG D 24 -16.02 34.33 -20.24
CA ARG D 24 -16.58 32.98 -20.25
C ARG D 24 -16.43 32.36 -18.88
N SER D 25 -15.24 32.44 -18.29
CA SER D 25 -15.05 31.78 -17.00
C SER D 25 -15.83 32.45 -15.91
N SER D 26 -16.08 33.76 -16.00
CA SER D 26 -16.78 34.42 -14.89
C SER D 26 -18.25 34.01 -14.89
N GLU D 27 -18.77 33.68 -16.06
CA GLU D 27 -20.13 33.15 -16.16
C GLU D 27 -20.27 31.78 -15.56
N LEU D 28 -19.18 31.09 -15.24
CA LEU D 28 -19.27 29.71 -14.80
C LEU D 28 -19.13 29.58 -13.30
N PHE D 29 -18.46 30.54 -12.67
CA PHE D 29 -18.17 30.53 -11.24
C PHE D 29 -18.85 31.68 -10.56
N GLU D 30 -19.16 31.48 -9.31
CA GLU D 30 -19.84 32.52 -8.60
C GLU D 30 -18.87 33.70 -8.34
N LYS D 31 -17.61 33.42 -8.08
CA LYS D 31 -16.61 34.48 -7.98
C LYS D 31 -15.48 34.07 -8.88
N LEU D 32 -14.97 35.00 -9.68
CA LEU D 32 -13.75 34.78 -10.42
C LEU D 32 -12.65 35.74 -9.92
N ILE D 33 -11.58 35.17 -9.39
CA ILE D 33 -10.39 35.90 -8.97
C ILE D 33 -9.38 35.97 -10.10
N VAL D 34 -9.10 37.19 -10.59
CA VAL D 34 -8.02 37.38 -11.52
C VAL D 34 -6.74 37.67 -10.76
N ALA D 35 -5.84 36.70 -10.71
CA ALA D 35 -4.59 36.82 -9.93
C ALA D 35 -3.40 37.24 -10.80
N VAL D 36 -2.78 38.37 -10.48
CA VAL D 36 -1.80 38.99 -11.35
C VAL D 36 -0.48 38.67 -10.68
N ALA D 37 0.34 37.85 -11.33
CA ALA D 37 1.65 37.46 -10.83
C ALA D 37 2.67 38.54 -11.17
N HIS D 38 3.48 38.91 -10.21
CA HIS D 38 4.50 39.95 -10.49
C HIS D 38 5.55 39.39 -11.41
N SER D 39 5.65 38.05 -11.43
CA SER D 39 6.50 37.35 -12.39
C SER D 39 7.91 37.97 -12.42
N SER D 40 8.50 38.19 -11.24
CA SER D 40 9.88 38.67 -11.14
C SER D 40 10.82 37.73 -11.92
N ALA D 41 10.36 36.48 -12.13
CA ALA D 41 11.04 35.50 -13.00
C ALA D 41 11.47 36.16 -14.31
N LYS D 42 10.53 36.57 -15.16
CA LYS D 42 10.89 37.39 -16.32
C LYS D 42 10.94 38.88 -15.88
N ASN D 43 11.18 39.77 -16.81
CA ASN D 43 11.14 41.21 -16.57
C ASN D 43 10.00 41.74 -17.43
N PRO D 44 8.78 41.73 -16.89
CA PRO D 44 7.63 42.18 -17.67
C PRO D 44 7.83 43.57 -18.31
N MET D 45 7.17 43.82 -19.43
CA MET D 45 7.21 45.14 -20.03
C MET D 45 6.57 46.14 -19.07
N PHE D 46 5.43 45.75 -18.50
CA PHE D 46 4.71 46.60 -17.62
C PHE D 46 4.94 46.22 -16.14
N SER D 47 5.02 47.24 -15.30
CA SER D 47 5.13 47.04 -13.86
C SER D 47 3.88 46.39 -13.27
N LEU D 48 4.04 45.83 -12.09
CA LEU D 48 2.93 45.19 -11.40
C LEU D 48 1.81 46.21 -11.22
N ASP D 49 2.17 47.42 -10.79
CA ASP D 49 1.10 48.38 -10.58
C ASP D 49 0.35 48.63 -11.87
N GLU D 50 1.09 48.69 -12.98
CA GLU D 50 0.43 48.95 -14.29
C GLU D 50 -0.48 47.78 -14.67
N ARG D 51 0.03 46.54 -14.56
CA ARG D 51 -0.76 45.36 -14.99
C ARG D 51 -2.02 45.25 -14.15
N LEU D 52 -1.90 45.63 -12.89
CA LEU D 52 -2.99 45.46 -11.98
C LEU D 52 -4.06 46.49 -12.27
N LYS D 53 -3.61 47.70 -12.56
CA LYS D 53 -4.52 48.79 -12.90
C LYS D 53 -5.20 48.49 -14.24
N MET D 54 -4.42 47.99 -15.22
CA MET D 54 -5.01 47.61 -16.52
C MET D 54 -6.05 46.51 -16.32
N ILE D 55 -5.72 45.50 -15.53
CA ILE D 55 -6.74 44.43 -15.37
C ILE D 55 -8.04 44.92 -14.65
N GLN D 56 -7.90 45.76 -13.64
CA GLN D 56 -9.05 46.34 -12.91
C GLN D 56 -9.94 47.13 -13.88
N LEU D 57 -9.34 48.01 -14.66
CA LEU D 57 -10.12 48.76 -15.64
C LEU D 57 -10.73 47.88 -16.74
N ALA D 58 -9.97 46.94 -17.25
CA ALA D 58 -10.51 45.98 -18.25
C ALA D 58 -11.66 45.12 -17.70
N THR D 59 -11.81 44.98 -16.39
CA THR D 59 -12.81 44.10 -15.87
C THR D 59 -13.94 44.74 -15.06
N LYS D 60 -13.95 46.08 -14.96
CA LYS D 60 -15.03 46.83 -14.26
C LYS D 60 -16.44 46.35 -14.52
N SER D 61 -16.72 45.89 -15.72
CA SER D 61 -18.08 45.51 -16.10
C SER D 61 -18.45 44.07 -15.76
N PHE D 62 -17.48 43.23 -15.41
CA PHE D 62 -17.76 41.91 -14.85
C PHE D 62 -17.90 42.05 -13.33
N LYS D 63 -19.12 42.02 -12.82
CA LYS D 63 -19.33 42.36 -11.41
C LYS D 63 -18.86 41.29 -10.46
N ASN D 64 -18.76 40.05 -10.89
CA ASN D 64 -18.24 39.01 -10.00
C ASN D 64 -16.73 38.70 -10.18
N VAL D 65 -15.99 39.59 -10.84
CA VAL D 65 -14.53 39.37 -11.04
C VAL D 65 -13.76 40.23 -10.05
N GLU D 66 -12.82 39.66 -9.32
CA GLU D 66 -11.99 40.44 -8.39
C GLU D 66 -10.52 40.29 -8.81
N CYS D 67 -9.67 41.20 -8.36
CA CYS D 67 -8.29 41.17 -8.78
C CYS D 67 -7.39 41.19 -7.65
N VAL D 68 -6.31 40.46 -7.72
CA VAL D 68 -5.34 40.51 -6.66
C VAL D 68 -3.96 40.33 -7.19
N ALA D 69 -2.97 40.91 -6.52
CA ALA D 69 -1.55 40.71 -6.88
C ALA D 69 -1.04 39.55 -6.03
N PHE D 70 -0.24 38.68 -6.61
CA PHE D 70 0.27 37.52 -5.86
C PHE D 70 1.70 37.22 -6.15
N GLU D 71 2.40 37.01 -5.04
CA GLU D 71 3.86 36.91 -4.95
C GLU D 71 4.14 35.60 -4.28
N GLY D 72 3.10 34.81 -4.03
CA GLY D 72 3.25 33.56 -3.30
C GLY D 72 3.35 32.47 -4.35
N LEU D 73 3.03 31.24 -3.92
CA LEU D 73 2.85 30.03 -4.78
C LEU D 73 1.39 29.73 -5.28
N LEU D 74 1.25 29.19 -6.49
CA LEU D 74 -0.05 28.97 -7.13
C LEU D 74 -1.00 27.89 -6.53
N ALA D 75 -0.48 26.69 -6.33
CA ALA D 75 -1.17 25.74 -5.48
C ALA D 75 -1.61 26.41 -4.15
N ASN D 76 -0.71 27.18 -3.56
CA ASN D 76 -0.96 27.75 -2.26
C ASN D 76 -1.87 28.94 -2.35
N LEU D 77 -1.76 29.71 -3.40
CA LEU D 77 -2.75 30.76 -3.67
C LEU D 77 -4.18 30.18 -3.74
N ALA D 78 -4.35 29.06 -4.45
CA ALA D 78 -5.68 28.44 -4.49
C ALA D 78 -6.11 27.98 -3.10
N LYS D 79 -5.18 27.47 -2.31
CA LYS D 79 -5.50 27.14 -0.90
C LYS D 79 -5.97 28.37 -0.04
N GLU D 80 -5.31 29.49 -0.18
CA GLU D 80 -5.72 30.66 0.61
C GLU D 80 -7.18 31.01 0.34
N TYR D 81 -7.59 30.94 -0.92
CA TYR D 81 -8.97 31.25 -1.28
C TYR D 81 -9.96 30.07 -1.13
N HIS D 82 -9.50 28.92 -0.66
CA HIS D 82 -10.33 27.74 -0.59
C HIS D 82 -10.88 27.37 -1.98
N CYS D 83 -10.02 27.43 -2.96
CA CYS D 83 -10.44 27.32 -4.34
C CYS D 83 -9.89 26.01 -4.89
N LYS D 84 -10.74 25.25 -5.58
CA LYS D 84 -10.37 23.93 -6.16
C LYS D 84 -10.32 23.94 -7.70
N VAL D 85 -10.48 25.12 -8.30
CA VAL D 85 -10.37 25.25 -9.77
C VAL D 85 -9.52 26.44 -10.27
N LEU D 86 -8.49 26.12 -11.06
CA LEU D 86 -7.66 27.08 -11.73
C LEU D 86 -8.12 27.16 -13.13
N VAL D 87 -8.27 28.39 -13.64
CA VAL D 87 -8.69 28.64 -14.99
C VAL D 87 -7.47 28.97 -15.81
N ARG D 88 -7.40 28.42 -17.01
CA ARG D 88 -6.31 28.63 -17.94
C ARG D 88 -6.83 28.83 -19.32
N GLY D 89 -6.04 29.58 -20.07
CA GLY D 89 -6.36 29.88 -21.42
C GLY D 89 -5.67 28.90 -22.32
N LEU D 90 -6.33 28.46 -23.38
CA LEU D 90 -5.75 27.56 -24.35
C LEU D 90 -5.78 28.18 -25.72
N ARG D 91 -4.61 28.35 -26.29
CA ARG D 91 -4.46 29.03 -27.57
C ARG D 91 -3.78 28.13 -28.63
N VAL D 92 -3.88 28.57 -29.88
CA VAL D 92 -3.23 27.92 -30.99
C VAL D 92 -1.74 27.73 -30.74
N VAL D 93 -1.13 28.73 -30.16
CA VAL D 93 0.27 28.79 -29.85
C VAL D 93 0.64 28.32 -28.47
N SER D 94 -0.28 27.72 -27.72
CA SER D 94 0.08 27.18 -26.41
C SER D 94 1.04 26.03 -26.55
N ASP D 95 1.90 25.90 -25.55
CA ASP D 95 2.73 24.72 -25.43
C ASP D 95 1.90 23.76 -24.59
N PHE D 96 1.19 22.91 -25.28
CA PHE D 96 0.19 22.06 -24.66
C PHE D 96 0.65 21.10 -23.58
N GLU D 97 1.80 20.51 -23.82
CA GLU D 97 2.31 19.50 -22.94
C GLU D 97 2.77 20.17 -21.68
N TYR D 98 3.24 21.42 -21.81
CA TYR D 98 3.71 22.15 -20.66
C TYR D 98 2.48 22.59 -19.85
N GLU D 99 1.39 22.90 -20.50
CA GLU D 99 0.18 23.23 -19.80
C GLU D 99 -0.29 22.06 -19.02
N LEU D 100 -0.30 20.91 -19.66
CA LEU D 100 -0.74 19.74 -18.92
C LEU D 100 0.23 19.53 -17.74
N GLN D 101 1.54 19.71 -17.99
CA GLN D 101 2.53 19.48 -16.98
C GLN D 101 2.32 20.39 -15.77
N MET D 102 1.98 21.65 -16.03
CA MET D 102 1.70 22.56 -14.93
C MET D 102 0.45 22.14 -14.17
N GLY D 103 -0.55 21.63 -14.91
CA GLY D 103 -1.80 21.21 -14.32
C GLY D 103 -1.57 20.12 -13.33
N TYR D 104 -0.66 19.20 -13.65
CA TYR D 104 -0.30 18.17 -12.73
C TYR D 104 0.57 18.70 -11.58
N ALA D 105 1.59 19.50 -11.85
CA ALA D 105 2.40 20.10 -10.74
C ALA D 105 1.55 20.86 -9.71
N ASN D 106 0.52 21.53 -10.17
CA ASN D 106 -0.34 22.27 -9.27
C ASN D 106 -1.26 21.45 -8.43
N LYS D 107 -1.61 20.29 -8.92
CA LYS D 107 -2.39 19.34 -8.19
C LYS D 107 -1.44 18.60 -7.20
N SER D 108 -0.28 18.18 -7.70
CA SER D 108 0.70 17.48 -6.86
C SER D 108 1.04 18.35 -5.62
N LEU D 109 1.30 19.65 -5.80
CA LEU D 109 1.39 20.55 -4.63
C LEU D 109 -0.01 20.72 -3.91
N ASN D 110 -1.10 20.65 -4.65
CA ASN D 110 -2.44 20.81 -3.99
C ASN D 110 -3.48 19.79 -4.44
N HIS D 111 -3.67 18.75 -3.63
CA HIS D 111 -4.34 17.53 -4.10
C HIS D 111 -5.76 17.82 -4.54
N GLU D 112 -6.32 18.92 -4.03
CA GLU D 112 -7.74 19.34 -4.34
C GLU D 112 -7.95 19.92 -5.79
N LEU D 113 -6.88 20.48 -6.29
CA LEU D 113 -6.92 21.49 -7.30
C LEU D 113 -6.90 20.99 -8.76
N GLU D 114 -8.04 21.14 -9.46
CA GLU D 114 -8.18 20.91 -10.93
C GLU D 114 -7.89 22.16 -11.75
N THR D 115 -7.35 21.96 -12.96
CA THR D 115 -7.19 23.00 -13.92
C THR D 115 -8.17 22.76 -15.08
N LEU D 116 -8.85 23.84 -15.45
CA LEU D 116 -9.87 23.92 -16.47
C LEU D 116 -9.43 24.92 -17.55
N TYR D 117 -9.53 24.52 -18.85
CA TYR D 117 -9.01 25.30 -19.96
C TYR D 117 -10.13 25.85 -20.78
N PHE D 118 -10.01 27.15 -21.14
CA PHE D 118 -11.01 27.85 -21.93
C PHE D 118 -10.29 28.35 -23.14
N MET D 119 -11.04 28.68 -24.16
CA MET D 119 -10.41 29.15 -25.39
C MET D 119 -10.95 30.53 -25.67
N PRO D 120 -10.15 31.41 -26.27
CA PRO D 120 -10.62 32.69 -26.71
C PRO D 120 -11.42 32.56 -28.00
N THR D 121 -12.16 33.59 -28.35
CA THR D 121 -12.91 33.58 -29.60
C THR D 121 -11.93 33.47 -30.77
N LEU D 122 -12.50 33.10 -31.89
CA LEU D 122 -11.76 32.91 -33.10
C LEU D 122 -10.95 34.11 -33.43
N GLN D 123 -11.61 35.24 -33.48
CA GLN D 123 -10.92 36.46 -33.83
C GLN D 123 -9.67 36.65 -32.91
N ASN D 124 -9.65 36.12 -31.70
CA ASN D 124 -8.48 36.27 -30.80
C ASN D 124 -7.63 35.02 -30.68
N ALA D 125 -7.88 34.03 -31.52
CA ALA D 125 -7.23 32.73 -31.28
C ALA D 125 -5.71 32.80 -31.46
N PHE D 126 -5.23 33.75 -32.23
CA PHE D 126 -3.79 33.93 -32.44
C PHE D 126 -3.14 35.08 -31.63
N ILE D 127 -3.87 35.64 -30.67
CA ILE D 127 -3.30 36.75 -29.94
C ILE D 127 -2.65 36.20 -28.73
N SER D 128 -1.44 36.64 -28.46
CA SER D 128 -0.75 36.24 -27.23
C SER D 128 -0.15 37.55 -26.73
N SER D 129 0.01 37.64 -25.43
CA SER D 129 0.51 38.86 -24.91
C SER D 129 1.93 39.18 -25.48
N SER D 130 2.64 38.14 -25.91
CA SER D 130 4.02 38.25 -26.36
C SER D 130 4.09 38.98 -27.71
N ILE D 131 3.17 38.66 -28.59
CA ILE D 131 3.07 39.32 -29.90
C ILE D 131 2.57 40.75 -29.66
N VAL D 132 1.64 40.93 -28.70
CA VAL D 132 1.19 42.29 -28.29
C VAL D 132 2.32 43.15 -27.77
N ARG D 133 3.13 42.63 -26.88
CA ARG D 133 4.32 43.36 -26.45
C ARG D 133 5.28 43.68 -27.58
N SER D 134 5.43 42.80 -28.53
CA SER D 134 6.38 43.13 -29.60
C SER D 134 5.82 44.31 -30.45
N ILE D 135 4.52 44.28 -30.74
CA ILE D 135 3.88 45.37 -31.46
C ILE D 135 4.03 46.66 -30.68
N ILE D 136 3.70 46.64 -29.40
CA ILE D 136 3.82 47.82 -28.57
C ILE D 136 5.22 48.40 -28.51
N ALA D 137 6.21 47.55 -28.29
CA ALA D 137 7.59 48.01 -28.29
C ALA D 137 7.97 48.54 -29.68
N HIS D 138 7.45 47.98 -30.77
CA HIS D 138 7.80 48.51 -32.09
C HIS D 138 6.91 49.71 -32.44
N LYS D 139 6.19 50.23 -31.45
CA LYS D 139 5.32 51.39 -31.64
C LYS D 139 4.30 51.20 -32.73
N GLY D 140 3.76 49.99 -32.86
CA GLY D 140 2.67 49.76 -33.79
C GLY D 140 1.33 49.93 -33.09
N ASP D 141 0.28 49.67 -33.84
CA ASP D 141 -1.05 49.86 -33.36
C ASP D 141 -1.62 48.56 -32.74
N ALA D 142 -1.77 48.55 -31.42
CA ALA D 142 -2.27 47.42 -30.66
C ALA D 142 -3.74 47.50 -30.36
N SER D 143 -4.36 48.54 -30.87
CA SER D 143 -5.71 48.88 -30.48
C SER D 143 -6.70 47.79 -30.81
N HIS D 144 -6.35 46.90 -31.72
CA HIS D 144 -7.29 45.82 -32.01
C HIS D 144 -6.98 44.62 -31.21
N LEU D 145 -5.90 44.64 -30.42
CA LEU D 145 -5.47 43.45 -29.69
C LEU D 145 -5.73 43.49 -28.16
N VAL D 146 -6.04 44.68 -27.65
CA VAL D 146 -6.27 44.88 -26.25
C VAL D 146 -7.53 45.67 -25.99
N PRO D 147 -8.17 45.42 -24.85
CA PRO D 147 -9.36 46.13 -24.52
C PRO D 147 -9.11 47.66 -24.50
N LYS D 148 -10.07 48.38 -25.04
CA LYS D 148 -10.05 49.83 -25.21
C LYS D 148 -9.74 50.57 -23.93
N GLU D 149 -10.20 50.05 -22.79
CA GLU D 149 -9.98 50.75 -21.53
C GLU D 149 -8.53 50.79 -21.05
N ILE D 150 -7.62 50.02 -21.66
CA ILE D 150 -6.23 50.10 -21.24
C ILE D 150 -5.35 50.95 -22.18
N TYR D 151 -5.97 51.47 -23.23
CA TYR D 151 -5.24 52.30 -24.20
C TYR D 151 -4.42 53.43 -23.57
N PRO D 152 -4.94 54.14 -22.56
CA PRO D 152 -4.13 55.16 -21.86
C PRO D 152 -2.88 54.64 -21.21
N LEU D 153 -3.01 53.56 -20.46
CA LEU D 153 -1.84 53.01 -19.77
C LEU D 153 -0.76 52.46 -20.71
N ILE D 154 -1.15 51.80 -21.79
CA ILE D 154 -0.21 51.28 -22.77
C ILE D 154 0.79 52.35 -23.29
N SER D 155 0.31 53.56 -23.56
CA SER D 155 1.12 54.55 -24.27
C SER D 155 2.10 55.22 -23.33
N LYS D 156 1.95 54.97 -22.05
CA LYS D 156 2.98 55.33 -21.08
C LYS D 156 4.09 54.28 -21.06
N ALA D 157 5.07 54.45 -20.17
CA ALA D 157 6.16 53.45 -20.02
C ALA D 157 5.66 52.13 -19.41
N MET E 1 -25.70 28.20 -19.20
CA MET E 1 -24.21 28.16 -18.99
C MET E 1 -23.80 27.20 -17.86
N GLN E 2 -24.46 27.25 -16.71
CA GLN E 2 -24.17 26.36 -15.58
C GLN E 2 -25.13 25.15 -15.47
N LYS E 3 -26.30 25.28 -16.07
CA LYS E 3 -27.35 24.26 -15.92
C LYS E 3 -27.02 22.94 -16.61
N ILE E 4 -26.38 23.01 -17.77
CA ILE E 4 -26.30 21.84 -18.64
C ILE E 4 -25.03 21.89 -19.45
N GLY E 5 -24.30 20.78 -19.41
CA GLY E 5 -23.12 20.61 -20.26
C GLY E 5 -23.19 19.30 -20.97
N ILE E 6 -22.58 19.20 -22.18
CA ILE E 6 -22.60 17.99 -22.97
C ILE E 6 -21.16 17.51 -23.17
N TYR E 7 -20.85 16.26 -22.82
CA TYR E 7 -19.56 15.61 -23.13
C TYR E 7 -19.75 14.67 -24.29
N PRO E 8 -19.42 15.10 -25.52
CA PRO E 8 -19.47 14.22 -26.66
C PRO E 8 -18.21 13.44 -26.91
N GLY E 9 -18.37 12.23 -27.44
CA GLY E 9 -17.26 11.50 -28.03
C GLY E 9 -17.75 10.25 -28.65
N THR E 10 -16.82 9.51 -29.27
CA THR E 10 -17.07 8.20 -29.88
C THR E 10 -17.09 7.12 -28.78
N PHE E 11 -16.31 7.26 -27.73
CA PHE E 11 -16.30 6.35 -26.60
C PHE E 11 -16.19 4.86 -27.03
N ASP E 12 -15.09 4.56 -27.70
CA ASP E 12 -14.91 3.31 -28.40
C ASP E 12 -13.61 2.62 -27.95
N PRO E 13 -13.56 2.06 -26.74
CA PRO E 13 -14.60 2.13 -25.77
C PRO E 13 -14.32 3.25 -24.76
N VAL E 14 -15.18 3.34 -23.75
CA VAL E 14 -14.94 4.15 -22.59
C VAL E 14 -13.74 3.70 -21.73
N THR E 15 -12.98 4.70 -21.30
CA THR E 15 -11.72 4.50 -20.56
C THR E 15 -11.81 5.20 -19.22
N ASN E 16 -10.87 4.91 -18.35
CA ASN E 16 -10.80 5.54 -17.05
C ASN E 16 -10.49 7.06 -17.17
N GLY E 17 -9.77 7.45 -18.22
CA GLY E 17 -9.61 8.86 -18.59
C GLY E 17 -10.95 9.51 -18.77
N HIS E 18 -11.78 8.88 -19.56
CA HIS E 18 -13.12 9.36 -19.75
C HIS E 18 -13.90 9.49 -18.46
N ILE E 19 -13.86 8.51 -17.57
CA ILE E 19 -14.59 8.58 -16.29
C ILE E 19 -14.10 9.74 -15.39
N ASP E 20 -12.78 10.00 -15.40
CA ASP E 20 -12.20 11.16 -14.73
C ASP E 20 -12.85 12.46 -15.21
N ILE E 21 -12.90 12.64 -16.52
CA ILE E 21 -13.46 13.86 -17.12
C ILE E 21 -14.96 13.98 -16.73
N ILE E 22 -15.66 12.86 -16.71
CA ILE E 22 -17.07 12.85 -16.42
C ILE E 22 -17.36 13.25 -14.98
N HIS E 23 -16.55 12.74 -14.07
CA HIS E 23 -16.62 12.96 -12.61
C HIS E 23 -16.46 14.45 -12.39
N ARG E 24 -15.37 15.00 -12.85
CA ARG E 24 -15.05 16.36 -12.54
C ARG E 24 -16.01 17.32 -13.24
N SER E 25 -16.39 16.98 -14.46
CA SER E 25 -17.20 17.87 -15.25
C SER E 25 -18.65 17.82 -14.77
N SER E 26 -19.08 16.66 -14.29
CA SER E 26 -20.41 16.55 -13.64
C SER E 26 -20.55 17.39 -12.33
N GLU E 27 -19.43 17.67 -11.69
CA GLU E 27 -19.40 18.50 -10.48
C GLU E 27 -19.32 19.96 -10.89
N LEU E 28 -19.88 20.29 -12.05
CA LEU E 28 -19.78 21.64 -12.54
C LEU E 28 -21.05 22.09 -13.18
N PHE E 29 -21.96 21.18 -13.49
CA PHE E 29 -23.18 21.53 -14.17
C PHE E 29 -24.26 20.88 -13.40
N GLU E 30 -25.49 21.31 -13.66
CA GLU E 30 -26.66 20.78 -13.01
C GLU E 30 -26.84 19.39 -13.56
N LYS E 31 -26.91 19.29 -14.88
CA LYS E 31 -26.95 18.00 -15.56
C LYS E 31 -25.78 17.87 -16.54
N LEU E 32 -25.21 16.67 -16.67
CA LEU E 32 -24.18 16.37 -17.68
C LEU E 32 -24.72 15.37 -18.67
N ILE E 33 -24.78 15.73 -19.95
CA ILE E 33 -25.15 14.76 -20.97
C ILE E 33 -23.87 14.20 -21.56
N VAL E 34 -23.67 12.91 -21.39
CA VAL E 34 -22.69 12.21 -22.14
C VAL E 34 -23.27 11.66 -23.47
N ALA E 35 -22.72 12.09 -24.61
CA ALA E 35 -23.33 11.92 -25.89
C ALA E 35 -22.40 11.06 -26.74
N VAL E 36 -22.84 9.84 -27.03
CA VAL E 36 -22.09 8.90 -27.82
C VAL E 36 -22.38 9.12 -29.28
N ALA E 37 -21.39 9.54 -30.03
CA ALA E 37 -21.61 9.80 -31.44
C ALA E 37 -21.40 8.49 -32.24
N HIS E 38 -22.12 8.37 -33.36
CA HIS E 38 -22.11 7.12 -34.19
C HIS E 38 -20.71 6.95 -34.76
N SER E 39 -20.17 8.08 -35.22
CA SER E 39 -18.78 8.16 -35.75
C SER E 39 -18.45 7.10 -36.82
N SER E 40 -19.48 6.66 -37.56
CA SER E 40 -19.37 5.41 -38.38
C SER E 40 -18.19 5.40 -39.35
N ALA E 41 -17.83 6.61 -39.81
CA ALA E 41 -16.61 6.89 -40.58
C ALA E 41 -15.28 6.45 -39.94
N LYS E 42 -15.23 6.40 -38.61
CA LYS E 42 -14.08 5.86 -37.88
C LYS E 42 -14.12 4.33 -37.74
N ASN E 43 -15.11 3.68 -38.34
CA ASN E 43 -15.29 2.23 -38.16
C ASN E 43 -14.98 1.78 -36.74
N PRO E 44 -15.79 2.24 -35.78
CA PRO E 44 -15.65 1.85 -34.41
C PRO E 44 -15.54 0.35 -34.16
N MET E 45 -14.63 -0.05 -33.29
CA MET E 45 -14.50 -1.45 -32.89
C MET E 45 -15.83 -1.95 -32.33
N PHE E 46 -16.50 -1.12 -31.54
CA PHE E 46 -17.77 -1.52 -30.91
C PHE E 46 -18.92 -0.81 -31.57
N SER E 47 -20.09 -1.44 -31.58
CA SER E 47 -21.26 -0.79 -32.18
C SER E 47 -21.75 0.36 -31.27
N LEU E 48 -22.47 1.29 -31.88
CA LEU E 48 -23.10 2.41 -31.14
C LEU E 48 -23.88 1.95 -29.89
N ASP E 49 -24.59 0.86 -30.03
CA ASP E 49 -25.46 0.37 -28.98
C ASP E 49 -24.60 -0.21 -27.87
N GLU E 50 -23.53 -0.87 -28.26
CA GLU E 50 -22.57 -1.40 -27.30
C GLU E 50 -21.90 -0.25 -26.55
N ARG E 51 -21.43 0.71 -27.36
CA ARG E 51 -20.77 1.88 -26.80
C ARG E 51 -21.67 2.59 -25.83
N LEU E 52 -22.94 2.76 -26.20
CA LEU E 52 -23.93 3.37 -25.32
C LEU E 52 -24.10 2.59 -24.05
N LYS E 53 -24.25 1.28 -24.19
CA LYS E 53 -24.49 0.43 -23.05
C LYS E 53 -23.36 0.51 -22.03
N MET E 54 -22.12 0.44 -22.51
CA MET E 54 -20.91 0.56 -21.66
C MET E 54 -20.81 1.87 -20.87
N ILE E 55 -21.15 2.99 -21.49
CA ILE E 55 -21.07 4.26 -20.80
C ILE E 55 -22.24 4.44 -19.82
N GLN E 56 -23.41 3.86 -20.14
CA GLN E 56 -24.49 3.83 -19.16
C GLN E 56 -24.02 3.03 -17.94
N LEU E 57 -23.50 1.84 -18.19
CA LEU E 57 -23.10 1.00 -17.09
C LEU E 57 -22.07 1.76 -16.22
N ALA E 58 -21.07 2.36 -16.89
CA ALA E 58 -19.91 2.94 -16.19
C ALA E 58 -20.22 4.25 -15.43
N THR E 59 -21.33 4.89 -15.74
CA THR E 59 -21.69 6.18 -15.15
C THR E 59 -22.95 6.16 -14.28
N LYS E 60 -23.47 4.97 -14.02
CA LYS E 60 -24.65 4.78 -13.18
C LYS E 60 -24.55 5.42 -11.78
N SER E 61 -23.35 5.59 -11.24
CA SER E 61 -23.19 6.16 -9.92
C SER E 61 -23.08 7.66 -9.92
N PHE E 62 -23.09 8.30 -11.10
CA PHE E 62 -23.07 9.76 -11.14
C PHE E 62 -24.51 10.22 -11.30
N LYS E 63 -25.14 10.58 -10.19
CA LYS E 63 -26.59 10.82 -10.16
C LYS E 63 -27.06 11.81 -11.24
N ASN E 64 -26.38 12.93 -11.39
CA ASN E 64 -26.75 13.90 -12.43
C ASN E 64 -26.22 13.67 -13.86
N VAL E 65 -25.91 12.42 -14.21
CA VAL E 65 -25.33 12.14 -15.53
C VAL E 65 -26.35 11.39 -16.39
N GLU E 66 -26.60 11.83 -17.61
CA GLU E 66 -27.54 11.16 -18.48
C GLU E 66 -26.79 10.86 -19.79
N CYS E 67 -26.87 9.60 -20.25
CA CYS E 67 -26.15 9.15 -21.44
C CYS E 67 -27.10 8.94 -22.60
N VAL E 68 -26.69 9.42 -23.74
CA VAL E 68 -27.51 9.47 -24.92
C VAL E 68 -26.62 9.01 -26.09
N ALA E 69 -27.26 8.51 -27.16
CA ALA E 69 -26.60 8.30 -28.44
C ALA E 69 -27.13 9.29 -29.45
N PHE E 70 -26.35 9.72 -30.41
CA PHE E 70 -26.84 10.68 -31.36
C PHE E 70 -26.28 10.40 -32.70
N GLU E 71 -27.14 10.64 -33.67
CA GLU E 71 -26.89 10.31 -35.07
C GLU E 71 -26.66 11.56 -35.88
N GLY E 72 -27.05 12.72 -35.32
CA GLY E 72 -26.87 13.98 -36.01
C GLY E 72 -25.60 14.80 -35.66
N LEU E 73 -25.71 16.08 -35.96
CA LEU E 73 -24.68 17.03 -35.75
C LEU E 73 -24.74 17.48 -34.31
N LEU E 74 -23.57 17.67 -33.74
CA LEU E 74 -23.42 17.83 -32.31
C LEU E 74 -24.01 19.17 -31.92
N ALA E 75 -23.83 20.12 -32.82
CA ALA E 75 -24.41 21.43 -32.67
C ALA E 75 -25.89 21.40 -32.33
N ASN E 76 -26.66 20.58 -33.00
CA ASN E 76 -28.09 20.61 -32.83
C ASN E 76 -28.56 19.77 -31.67
N LEU E 77 -27.75 18.79 -31.30
CA LEU E 77 -28.03 18.10 -30.08
C LEU E 77 -27.96 19.16 -29.01
N ALA E 78 -27.01 20.08 -29.14
CA ALA E 78 -26.82 21.10 -28.11
C ALA E 78 -27.98 22.10 -28.00
N LYS E 79 -28.66 22.34 -29.11
CA LYS E 79 -29.93 23.04 -29.04
C LYS E 79 -31.11 22.19 -28.52
N GLU E 80 -31.20 20.93 -28.92
CA GLU E 80 -32.28 20.12 -28.37
C GLU E 80 -32.26 20.25 -26.86
N TYR E 81 -31.08 20.47 -26.27
CA TYR E 81 -30.95 20.55 -24.79
C TYR E 81 -30.75 21.96 -24.24
N HIS E 82 -30.84 22.97 -25.10
CA HIS E 82 -30.54 24.38 -24.74
C HIS E 82 -29.18 24.54 -24.08
N CYS E 83 -28.18 23.88 -24.68
CA CYS E 83 -26.89 23.77 -24.04
C CYS E 83 -25.86 24.69 -24.67
N LYS E 84 -25.23 25.50 -23.83
CA LYS E 84 -24.16 26.43 -24.25
C LYS E 84 -22.70 25.96 -24.07
N VAL E 85 -22.47 24.82 -23.39
CA VAL E 85 -21.12 24.34 -23.08
C VAL E 85 -20.86 22.89 -23.46
N LEU E 86 -19.83 22.64 -24.27
CA LEU E 86 -19.31 21.31 -24.52
C LEU E 86 -18.11 21.10 -23.60
N VAL E 87 -18.04 19.88 -23.08
CA VAL E 87 -16.94 19.38 -22.28
C VAL E 87 -16.05 18.50 -23.22
N ARG E 88 -14.75 18.70 -23.21
CA ARG E 88 -13.82 17.85 -23.96
C ARG E 88 -12.60 17.53 -23.06
N GLY E 89 -11.99 16.39 -23.34
CA GLY E 89 -10.89 15.84 -22.52
C GLY E 89 -9.55 16.17 -23.17
N LEU E 90 -8.51 16.50 -22.43
CA LEU E 90 -7.17 16.63 -23.00
C LEU E 90 -6.20 15.64 -22.35
N ARG E 91 -5.52 14.86 -23.18
CA ARG E 91 -4.57 13.81 -22.74
C ARG E 91 -3.24 14.01 -23.39
N VAL E 92 -2.26 13.24 -22.98
CA VAL E 92 -0.90 13.50 -23.45
C VAL E 92 -0.85 13.32 -24.97
N VAL E 93 -1.66 12.38 -25.49
CA VAL E 93 -1.65 12.07 -26.91
C VAL E 93 -2.72 12.82 -27.62
N SER E 94 -3.35 13.82 -27.00
CA SER E 94 -4.40 14.56 -27.74
C SER E 94 -3.83 15.15 -29.01
N ASP E 95 -4.62 15.32 -30.05
CA ASP E 95 -4.23 16.19 -31.18
C ASP E 95 -4.85 17.56 -30.88
N PHE E 96 -4.02 18.44 -30.34
CA PHE E 96 -4.49 19.60 -29.61
C PHE E 96 -5.10 20.62 -30.54
N GLU E 97 -4.44 20.85 -31.65
CA GLU E 97 -4.95 21.78 -32.67
C GLU E 97 -6.28 21.33 -33.31
N TYR E 98 -6.40 20.08 -33.66
CA TYR E 98 -7.66 19.50 -34.09
C TYR E 98 -8.73 19.72 -33.06
N GLU E 99 -8.40 19.51 -31.81
CA GLU E 99 -9.33 19.80 -30.74
C GLU E 99 -9.77 21.26 -30.71
N LEU E 100 -8.83 22.21 -30.84
CA LEU E 100 -9.20 23.61 -30.89
C LEU E 100 -10.09 23.88 -32.10
N GLN E 101 -9.76 23.20 -33.19
CA GLN E 101 -10.48 23.37 -34.42
C GLN E 101 -11.94 22.96 -34.27
N MET E 102 -12.18 21.87 -33.58
CA MET E 102 -13.50 21.39 -33.49
C MET E 102 -14.24 22.38 -32.61
N GLY E 103 -13.55 23.01 -31.66
CA GLY E 103 -14.25 23.89 -30.75
C GLY E 103 -14.74 25.14 -31.57
N TYR E 104 -13.85 25.69 -32.35
CA TYR E 104 -14.25 26.78 -33.26
C TYR E 104 -15.32 26.37 -34.29
N ALA E 105 -15.21 25.21 -34.94
CA ALA E 105 -16.30 24.75 -35.82
C ALA E 105 -17.68 24.73 -35.10
N ASN E 106 -17.77 24.16 -33.91
CA ASN E 106 -19.06 24.03 -33.21
C ASN E 106 -19.70 25.38 -32.85
N LYS E 107 -18.87 26.33 -32.48
CA LYS E 107 -19.30 27.64 -32.11
C LYS E 107 -19.96 28.33 -33.32
N SER E 108 -19.32 28.30 -34.50
CA SER E 108 -19.93 28.85 -35.74
C SER E 108 -21.20 28.11 -36.22
N LEU E 109 -21.24 26.81 -35.97
CA LEU E 109 -22.49 26.06 -36.12
C LEU E 109 -23.52 26.41 -35.01
N ASN E 110 -23.06 26.91 -33.87
CA ASN E 110 -23.96 27.27 -32.73
C ASN E 110 -23.33 28.39 -31.86
N HIS E 111 -23.88 29.60 -32.05
CA HIS E 111 -23.19 30.81 -31.68
C HIS E 111 -22.99 30.90 -30.17
N GLU E 112 -23.85 30.20 -29.44
CA GLU E 112 -23.77 30.18 -27.97
C GLU E 112 -22.97 29.01 -27.44
N LEU E 113 -22.39 28.21 -28.36
CA LEU E 113 -21.75 26.96 -27.97
C LEU E 113 -20.23 27.04 -27.74
N GLU E 114 -19.83 27.00 -26.47
CA GLU E 114 -18.44 27.12 -26.11
C GLU E 114 -17.94 25.70 -25.74
N THR E 115 -16.64 25.52 -25.73
CA THR E 115 -16.04 24.26 -25.34
C THR E 115 -15.11 24.48 -24.18
N LEU E 116 -15.27 23.66 -23.12
CA LEU E 116 -14.36 23.63 -21.96
C LEU E 116 -13.52 22.36 -21.96
N TYR E 117 -12.24 22.50 -21.68
CA TYR E 117 -11.39 21.32 -21.56
C TYR E 117 -10.95 21.00 -20.14
N PHE E 118 -11.09 19.71 -19.81
CA PHE E 118 -10.59 19.08 -18.59
C PHE E 118 -9.44 18.10 -18.82
N MET E 119 -8.67 17.83 -17.77
CA MET E 119 -7.62 16.81 -17.87
C MET E 119 -7.96 15.64 -16.95
N PRO E 120 -7.67 14.42 -17.39
CA PRO E 120 -7.83 13.32 -16.45
C PRO E 120 -6.74 13.39 -15.42
N THR E 121 -6.82 12.49 -14.45
CA THR E 121 -5.82 12.37 -13.39
C THR E 121 -4.59 11.83 -14.05
N LEU E 122 -3.47 11.97 -13.37
CA LEU E 122 -2.17 11.72 -13.96
C LEU E 122 -1.96 10.25 -14.29
N GLN E 123 -2.52 9.38 -13.46
CA GLN E 123 -2.40 7.95 -13.74
C GLN E 123 -3.04 7.61 -15.09
N ASN E 124 -4.04 8.40 -15.49
CA ASN E 124 -4.75 8.20 -16.77
C ASN E 124 -4.28 9.03 -17.94
N ALA E 125 -3.30 9.86 -17.69
CA ALA E 125 -2.86 10.84 -18.67
C ALA E 125 -2.44 10.23 -20.00
N PHE E 126 -1.94 9.01 -20.00
CA PHE E 126 -1.48 8.33 -21.23
C PHE E 126 -2.51 7.42 -21.85
N ILE E 127 -3.69 7.40 -21.32
CA ILE E 127 -4.63 6.42 -21.78
C ILE E 127 -5.44 7.08 -22.87
N SER E 128 -5.66 6.38 -23.94
CA SER E 128 -6.56 6.84 -24.98
C SER E 128 -7.30 5.61 -25.40
N SER E 129 -8.47 5.78 -25.98
CA SER E 129 -9.23 4.60 -26.47
C SER E 129 -8.44 3.77 -27.51
N SER E 130 -7.81 4.48 -28.42
CA SER E 130 -6.91 3.92 -29.41
C SER E 130 -5.98 2.82 -28.88
N ILE E 131 -5.25 3.08 -27.81
CA ILE E 131 -4.32 2.10 -27.27
C ILE E 131 -5.13 0.93 -26.64
N VAL E 132 -6.27 1.23 -26.04
CA VAL E 132 -7.08 0.21 -25.43
C VAL E 132 -7.55 -0.78 -26.50
N ARG E 133 -8.12 -0.25 -27.56
CA ARG E 133 -8.47 -1.08 -28.73
C ARG E 133 -7.31 -1.92 -29.20
N SER E 134 -6.18 -1.29 -29.40
CA SER E 134 -5.02 -2.00 -29.89
C SER E 134 -4.62 -3.17 -28.94
N ILE E 135 -4.80 -3.00 -27.63
CA ILE E 135 -4.50 -4.05 -26.69
C ILE E 135 -5.57 -5.12 -26.69
N ILE E 136 -6.83 -4.72 -26.87
CA ILE E 136 -7.91 -5.67 -26.89
C ILE E 136 -7.77 -6.50 -28.14
N ALA E 137 -7.55 -5.84 -29.27
CA ALA E 137 -7.37 -6.53 -30.56
C ALA E 137 -6.27 -7.58 -30.54
N HIS E 138 -5.16 -7.30 -29.88
CA HIS E 138 -4.10 -8.27 -29.75
C HIS E 138 -4.32 -9.17 -28.52
N LYS E 139 -5.55 -9.22 -28.02
CA LYS E 139 -5.89 -10.03 -26.84
C LYS E 139 -4.88 -9.89 -25.75
N GLY E 140 -4.57 -8.64 -25.42
CA GLY E 140 -3.84 -8.29 -24.20
C GLY E 140 -4.78 -7.93 -23.06
N ASP E 141 -4.24 -7.71 -21.88
CA ASP E 141 -4.98 -7.30 -20.69
C ASP E 141 -5.18 -5.76 -20.57
N ALA E 142 -6.44 -5.35 -20.75
CA ALA E 142 -6.84 -3.97 -20.74
C ALA E 142 -7.58 -3.63 -19.48
N SER E 143 -7.59 -4.54 -18.50
CA SER E 143 -8.40 -4.36 -17.30
C SER E 143 -8.12 -3.16 -16.45
N HIS E 144 -6.90 -2.65 -16.49
CA HIS E 144 -6.50 -1.53 -15.65
C HIS E 144 -6.79 -0.20 -16.32
N LEU E 145 -7.14 -0.25 -17.60
CA LEU E 145 -7.39 0.93 -18.44
C LEU E 145 -8.86 1.32 -18.63
N VAL E 146 -9.79 0.45 -18.21
CA VAL E 146 -11.23 0.69 -18.38
C VAL E 146 -11.95 0.36 -17.13
N PRO E 147 -13.12 0.96 -16.93
CA PRO E 147 -13.80 0.69 -15.69
C PRO E 147 -14.32 -0.75 -15.66
N LYS E 148 -14.31 -1.31 -14.46
CA LYS E 148 -14.66 -2.72 -14.18
C LYS E 148 -15.97 -3.14 -14.81
N GLU E 149 -16.99 -2.28 -14.69
CA GLU E 149 -18.34 -2.55 -15.17
C GLU E 149 -18.43 -2.85 -16.62
N ILE E 150 -17.53 -2.31 -17.42
CA ILE E 150 -17.66 -2.58 -18.83
C ILE E 150 -16.72 -3.72 -19.23
N TYR E 151 -15.91 -4.21 -18.30
CA TYR E 151 -14.87 -5.18 -18.68
C TYR E 151 -15.48 -6.44 -19.22
N PRO E 152 -16.65 -6.87 -18.68
CA PRO E 152 -17.23 -8.06 -19.26
C PRO E 152 -17.69 -7.85 -20.67
N LEU E 153 -18.12 -6.66 -21.01
CA LEU E 153 -18.55 -6.36 -22.38
C LEU E 153 -17.41 -6.19 -23.40
N ILE E 154 -16.25 -5.65 -23.01
CA ILE E 154 -15.13 -5.56 -23.98
C ILE E 154 -14.44 -6.90 -24.18
N SER E 155 -14.44 -7.73 -23.15
CA SER E 155 -13.93 -9.10 -23.25
C SER E 155 -14.72 -9.90 -24.29
N LYS E 156 -14.04 -10.16 -25.38
CA LYS E 156 -14.68 -10.70 -26.57
C LYS E 156 -16.01 -10.04 -26.93
N MET F 1 10.84 30.03 -62.48
CA MET F 1 9.97 29.90 -61.28
C MET F 1 8.63 30.62 -61.48
N GLN F 2 8.65 31.94 -61.68
CA GLN F 2 7.40 32.75 -61.64
C GLN F 2 6.52 32.76 -62.89
N LYS F 3 6.66 31.78 -63.78
CA LYS F 3 5.81 31.67 -64.96
C LYS F 3 4.48 31.03 -64.53
N ILE F 4 4.61 29.81 -64.02
CA ILE F 4 3.48 28.90 -63.77
C ILE F 4 3.62 28.17 -62.41
N GLY F 5 2.51 27.98 -61.71
CA GLY F 5 2.54 27.16 -60.49
C GLY F 5 1.47 26.08 -60.52
N ILE F 6 1.72 24.97 -59.87
CA ILE F 6 0.61 24.03 -59.66
C ILE F 6 0.17 23.85 -58.19
N TYR F 7 -1.14 24.06 -57.96
CA TYR F 7 -1.83 23.78 -56.71
C TYR F 7 -2.64 22.47 -56.82
N PRO F 8 -2.06 21.35 -56.39
CA PRO F 8 -2.77 20.10 -56.33
C PRO F 8 -3.58 19.87 -55.05
N GLY F 9 -4.66 19.10 -55.18
CA GLY F 9 -5.33 18.53 -54.04
C GLY F 9 -6.65 17.88 -54.44
N THR F 10 -7.18 17.10 -53.52
CA THR F 10 -8.54 16.62 -53.67
C THR F 10 -9.31 17.86 -53.44
N PHE F 11 -10.42 18.09 -54.04
CA PHE F 11 -11.06 19.28 -53.52
C PHE F 11 -12.52 18.89 -53.32
N ASP F 12 -12.74 18.37 -52.09
CA ASP F 12 -13.81 17.43 -51.71
C ASP F 12 -14.53 17.88 -50.46
N PRO F 13 -15.30 18.95 -50.54
CA PRO F 13 -15.29 19.84 -51.67
C PRO F 13 -14.20 20.89 -51.44
N VAL F 14 -14.23 21.89 -52.30
CA VAL F 14 -13.46 23.08 -52.25
C VAL F 14 -14.09 23.98 -51.19
N THR F 15 -13.27 24.68 -50.37
CA THR F 15 -13.71 25.48 -49.21
C THR F 15 -13.20 26.90 -49.38
N ASN F 16 -13.58 27.78 -48.47
CA ASN F 16 -13.08 29.15 -48.53
C ASN F 16 -11.55 29.21 -48.33
N GLY F 17 -11.00 28.20 -47.64
CA GLY F 17 -9.61 28.16 -47.37
C GLY F 17 -8.89 27.90 -48.66
N HIS F 18 -9.36 26.92 -49.40
CA HIS F 18 -8.75 26.57 -50.67
C HIS F 18 -8.74 27.81 -51.57
N ILE F 19 -9.80 28.59 -51.53
CA ILE F 19 -10.00 29.71 -52.40
C ILE F 19 -9.03 30.86 -52.02
N ASP F 20 -8.87 31.16 -50.73
CA ASP F 20 -7.84 32.08 -50.30
C ASP F 20 -6.48 31.66 -50.87
N ILE F 21 -6.11 30.39 -50.78
CA ILE F 21 -4.84 29.96 -51.35
C ILE F 21 -4.76 30.16 -52.90
N ILE F 22 -5.87 29.94 -53.58
CA ILE F 22 -5.89 30.08 -55.02
C ILE F 22 -5.76 31.58 -55.35
N HIS F 23 -6.43 32.43 -54.59
CA HIS F 23 -6.29 33.88 -54.76
C HIS F 23 -4.83 34.36 -54.46
N ARG F 24 -4.33 34.10 -53.25
CA ARG F 24 -2.96 34.46 -52.96
C ARG F 24 -1.99 33.94 -54.06
N SER F 25 -2.09 32.68 -54.47
CA SER F 25 -1.09 32.11 -55.36
C SER F 25 -1.24 32.63 -56.80
N SER F 26 -2.48 32.90 -57.23
CA SER F 26 -2.76 33.52 -58.55
C SER F 26 -2.07 34.87 -58.68
N GLU F 27 -2.04 35.63 -57.60
CA GLU F 27 -1.41 36.97 -57.57
C GLU F 27 0.13 36.96 -57.70
N LEU F 28 0.73 35.79 -57.84
CA LEU F 28 2.16 35.64 -57.71
C LEU F 28 2.65 35.03 -58.95
N PHE F 29 2.03 33.95 -59.36
CA PHE F 29 2.40 33.36 -60.62
C PHE F 29 1.67 34.05 -61.76
N GLU F 30 2.14 33.82 -62.98
CA GLU F 30 1.49 34.36 -64.16
C GLU F 30 0.40 33.39 -64.61
N LYS F 31 0.71 32.10 -64.63
CA LYS F 31 -0.31 31.06 -64.86
C LYS F 31 -0.40 30.05 -63.67
N LEU F 32 -1.53 30.04 -62.96
CA LEU F 32 -1.78 29.03 -61.90
C LEU F 32 -2.68 27.92 -62.37
N ILE F 33 -2.23 26.70 -62.23
CA ILE F 33 -3.01 25.50 -62.50
C ILE F 33 -3.49 24.83 -61.19
N VAL F 34 -4.78 24.91 -60.95
CA VAL F 34 -5.39 24.23 -59.81
C VAL F 34 -5.75 22.83 -60.24
N ALA F 35 -4.94 21.85 -59.85
CA ALA F 35 -5.14 20.45 -60.21
C ALA F 35 -6.02 19.67 -59.26
N VAL F 36 -7.30 19.50 -59.60
CA VAL F 36 -8.15 18.55 -58.85
C VAL F 36 -7.84 17.07 -59.11
N ALA F 37 -7.15 16.42 -58.18
CA ALA F 37 -6.84 15.00 -58.27
C ALA F 37 -8.12 14.14 -58.13
N HIS F 38 -8.13 12.98 -58.80
CA HIS F 38 -9.25 12.04 -58.71
C HIS F 38 -9.38 11.52 -57.25
N SER F 39 -8.24 11.07 -56.73
CA SER F 39 -8.01 10.67 -55.32
C SER F 39 -9.05 9.64 -54.89
N SER F 40 -9.20 8.66 -55.77
CA SER F 40 -10.09 7.53 -55.54
C SER F 40 -9.62 6.63 -54.36
N ALA F 41 -8.41 6.85 -53.84
CA ALA F 41 -8.01 6.25 -52.52
C ALA F 41 -8.62 6.98 -51.29
N LYS F 42 -9.43 8.02 -51.52
CA LYS F 42 -10.10 8.70 -50.41
C LYS F 42 -11.65 8.65 -50.44
N ASN F 43 -12.22 8.03 -51.46
CA ASN F 43 -13.67 7.91 -51.55
C ASN F 43 -14.36 9.28 -51.46
N PRO F 44 -13.96 10.21 -52.31
CA PRO F 44 -14.57 11.53 -52.29
C PRO F 44 -16.12 11.55 -52.24
N MET F 45 -16.66 12.00 -51.12
CA MET F 45 -18.07 12.31 -51.10
C MET F 45 -18.51 12.86 -52.46
N PHE F 46 -17.67 13.69 -53.08
CA PHE F 46 -18.03 14.23 -54.36
C PHE F 46 -17.26 13.58 -55.52
N SER F 47 -17.85 13.61 -56.71
CA SER F 47 -17.18 13.02 -57.86
C SER F 47 -16.30 14.04 -58.54
N LEU F 48 -15.29 13.47 -59.18
CA LEU F 48 -14.23 14.23 -59.77
C LEU F 48 -14.76 15.37 -60.65
N ASP F 49 -15.85 15.08 -61.35
CA ASP F 49 -16.48 16.02 -62.23
C ASP F 49 -17.26 17.12 -61.47
N GLU F 50 -17.86 16.75 -60.35
CA GLU F 50 -18.57 17.75 -59.58
C GLU F 50 -17.46 18.54 -58.92
N ARG F 51 -16.45 17.84 -58.45
CA ARG F 51 -15.28 18.58 -57.86
C ARG F 51 -14.70 19.65 -58.80
N LEU F 52 -14.42 19.21 -60.04
CA LEU F 52 -13.92 20.13 -61.08
C LEU F 52 -14.92 21.26 -61.38
N LYS F 53 -16.22 20.95 -61.47
CA LYS F 53 -17.20 22.01 -61.80
C LYS F 53 -17.35 23.03 -60.69
N MET F 54 -17.34 22.53 -59.44
CA MET F 54 -17.40 23.40 -58.27
C MET F 54 -16.22 24.43 -58.32
N ILE F 55 -15.02 23.90 -58.48
CA ILE F 55 -13.86 24.76 -58.42
C ILE F 55 -13.86 25.76 -59.61
N GLN F 56 -14.23 25.26 -60.80
CA GLN F 56 -14.45 26.12 -61.97
C GLN F 56 -15.32 27.31 -61.64
N LEU F 57 -16.50 27.04 -61.08
CA LEU F 57 -17.43 28.16 -60.80
C LEU F 57 -16.86 29.11 -59.75
N ALA F 58 -16.19 28.50 -58.76
CA ALA F 58 -15.65 29.24 -57.61
C ALA F 58 -14.45 30.08 -58.02
N THR F 59 -13.82 29.72 -59.13
CA THR F 59 -12.63 30.41 -59.63
C THR F 59 -12.77 31.34 -60.87
N LYS F 60 -13.99 31.56 -61.34
CA LYS F 60 -14.19 32.40 -62.54
C LYS F 60 -13.72 33.85 -62.36
N SER F 61 -13.84 34.38 -61.15
CA SER F 61 -13.35 35.72 -60.86
C SER F 61 -11.83 35.83 -61.13
N PHE F 62 -11.09 34.73 -61.03
CA PHE F 62 -9.60 34.74 -61.18
C PHE F 62 -9.23 34.50 -62.63
N LYS F 63 -9.04 35.59 -63.38
CA LYS F 63 -8.81 35.51 -64.83
C LYS F 63 -7.58 34.67 -65.15
N ASN F 64 -6.53 34.81 -64.33
CA ASN F 64 -5.27 34.08 -64.58
C ASN F 64 -5.17 32.61 -64.09
N VAL F 65 -6.30 31.98 -63.74
CA VAL F 65 -6.36 30.60 -63.19
C VAL F 65 -7.15 29.72 -64.11
N GLU F 66 -6.73 28.48 -64.22
CA GLU F 66 -7.40 27.50 -65.02
C GLU F 66 -7.37 26.20 -64.22
N CYS F 67 -8.56 25.77 -63.82
CA CYS F 67 -8.72 24.55 -63.04
C CYS F 67 -8.70 23.44 -64.07
N VAL F 68 -7.96 22.40 -63.82
CA VAL F 68 -8.12 21.16 -64.58
C VAL F 68 -8.21 20.00 -63.63
N ALA F 69 -8.81 18.90 -64.07
CA ALA F 69 -8.82 17.64 -63.31
C ALA F 69 -7.60 16.87 -63.75
N PHE F 70 -7.08 16.00 -62.89
CA PHE F 70 -5.98 15.08 -63.29
C PHE F 70 -6.04 13.88 -62.42
N GLU F 71 -5.12 12.94 -62.64
CA GLU F 71 -5.17 11.61 -62.02
C GLU F 71 -3.98 11.39 -61.05
N GLY F 72 -2.83 10.89 -61.51
CA GLY F 72 -1.75 10.35 -60.61
C GLY F 72 -0.62 11.20 -60.00
N LEU F 73 0.65 10.78 -60.25
CA LEU F 73 1.93 11.01 -59.42
C LEU F 73 2.74 12.35 -59.53
N LEU F 74 2.61 13.17 -58.49
CA LEU F 74 2.88 14.64 -58.54
C LEU F 74 4.25 15.11 -59.12
N ALA F 75 5.37 14.49 -58.68
CA ALA F 75 6.73 14.80 -59.20
C ALA F 75 6.86 14.78 -60.76
N ASN F 76 6.11 13.90 -61.40
CA ASN F 76 6.05 13.78 -62.85
C ASN F 76 4.95 14.69 -63.44
N LEU F 77 3.89 14.93 -62.69
CA LEU F 77 2.89 15.92 -63.17
C LEU F 77 3.54 17.31 -63.43
N ALA F 78 4.47 17.58 -62.54
CA ALA F 78 5.27 18.79 -62.58
C ALA F 78 6.23 18.73 -63.76
N LYS F 79 6.93 17.60 -63.86
CA LYS F 79 7.84 17.24 -64.95
C LYS F 79 7.31 17.54 -66.39
N GLU F 80 6.02 17.30 -66.62
CA GLU F 80 5.38 17.51 -67.91
C GLU F 80 4.89 18.93 -68.10
N TYR F 81 4.62 19.68 -67.04
CA TYR F 81 3.79 20.90 -67.25
C TYR F 81 4.62 22.22 -67.56
N HIS F 82 5.93 22.05 -67.59
CA HIS F 82 6.89 23.15 -67.68
C HIS F 82 6.79 23.89 -66.35
N CYS F 83 6.76 23.13 -65.25
CA CYS F 83 6.41 23.63 -63.93
C CYS F 83 7.35 23.06 -62.95
N LYS F 84 7.97 23.96 -62.18
CA LYS F 84 8.93 23.66 -61.16
C LYS F 84 8.46 24.15 -59.76
N VAL F 85 7.20 24.57 -59.64
CA VAL F 85 6.70 25.07 -58.34
C VAL F 85 5.36 24.49 -57.95
N LEU F 86 5.34 23.75 -56.87
CA LEU F 86 4.07 23.31 -56.26
C LEU F 86 3.66 24.23 -55.14
N VAL F 87 2.36 24.51 -55.10
CA VAL F 87 1.73 25.34 -54.11
C VAL F 87 1.08 24.42 -53.10
N ARG F 88 1.22 24.73 -51.82
CA ARG F 88 0.61 24.00 -50.77
C ARG F 88 0.01 24.98 -49.81
N GLY F 89 -1.09 24.56 -49.20
CA GLY F 89 -1.77 25.40 -48.22
C GLY F 89 -1.23 25.04 -46.85
N LEU F 90 -1.14 25.98 -45.94
CA LEU F 90 -0.79 25.68 -44.55
C LEU F 90 -1.79 26.24 -43.57
N ARG F 91 -2.10 25.45 -42.55
CA ARG F 91 -3.19 25.77 -41.64
C ARG F 91 -2.79 25.38 -40.27
N VAL F 92 -3.65 25.72 -39.32
CA VAL F 92 -3.40 25.50 -37.92
C VAL F 92 -3.27 24.03 -37.67
N VAL F 93 -4.14 23.21 -38.27
CA VAL F 93 -4.06 21.74 -38.16
C VAL F 93 -3.12 21.00 -39.13
N SER F 94 -2.36 21.68 -40.00
CA SER F 94 -1.44 20.95 -40.89
C SER F 94 -0.45 20.10 -40.08
N ASP F 95 -0.14 18.92 -40.59
CA ASP F 95 0.97 18.14 -40.06
C ASP F 95 2.22 18.69 -40.73
N PHE F 96 2.86 19.59 -40.01
CA PHE F 96 3.95 20.36 -40.53
C PHE F 96 5.14 19.52 -40.95
N GLU F 97 5.48 18.50 -40.18
CA GLU F 97 6.65 17.75 -40.56
C GLU F 97 6.31 16.89 -41.78
N TYR F 98 5.05 16.45 -41.86
CA TYR F 98 4.62 15.62 -42.98
C TYR F 98 4.71 16.47 -44.25
N GLU F 99 4.39 17.74 -44.12
CA GLU F 99 4.43 18.65 -45.27
C GLU F 99 5.82 18.83 -45.76
N LEU F 100 6.73 18.99 -44.83
CA LEU F 100 8.12 19.13 -45.21
C LEU F 100 8.61 17.86 -45.89
N GLN F 101 8.22 16.70 -45.37
CA GLN F 101 8.68 15.43 -45.91
C GLN F 101 8.17 15.27 -47.34
N MET F 102 6.92 15.63 -47.57
CA MET F 102 6.36 15.58 -48.93
C MET F 102 7.16 16.52 -49.81
N GLY F 103 7.48 17.71 -49.32
CA GLY F 103 8.32 18.63 -50.10
C GLY F 103 9.62 17.98 -50.60
N TYR F 104 10.28 17.26 -49.72
CA TYR F 104 11.57 16.70 -50.05
C TYR F 104 11.46 15.48 -50.91
N ALA F 105 10.36 14.74 -50.77
CA ALA F 105 10.10 13.59 -51.60
C ALA F 105 9.87 14.05 -53.05
N ASN F 106 9.00 15.03 -53.23
CA ASN F 106 8.86 15.59 -54.57
C ASN F 106 10.23 16.00 -55.17
N LYS F 107 10.96 16.84 -54.47
CA LYS F 107 12.25 17.37 -54.96
C LYS F 107 13.30 16.29 -55.23
N SER F 108 13.41 15.32 -54.35
CA SER F 108 14.26 14.15 -54.59
C SER F 108 13.83 13.45 -55.91
N LEU F 109 12.52 13.33 -56.15
CA LEU F 109 12.03 12.75 -57.42
C LEU F 109 12.22 13.61 -58.68
N ASN F 110 12.27 14.92 -58.51
CA ASN F 110 12.37 15.84 -59.65
C ASN F 110 13.18 17.06 -59.19
N HIS F 111 14.47 17.02 -59.45
CA HIS F 111 15.40 17.95 -58.84
C HIS F 111 15.00 19.39 -59.07
N GLU F 112 14.05 19.61 -59.96
CA GLU F 112 13.63 20.96 -60.27
C GLU F 112 12.47 21.49 -59.36
N LEU F 113 11.69 20.56 -58.83
CA LEU F 113 10.40 20.85 -58.26
C LEU F 113 10.48 21.39 -56.81
N GLU F 114 10.17 22.68 -56.64
CA GLU F 114 10.14 23.29 -55.31
C GLU F 114 8.69 23.35 -54.78
N THR F 115 8.51 23.44 -53.46
CA THR F 115 7.20 23.68 -52.88
C THR F 115 7.20 24.96 -52.13
N LEU F 116 6.21 25.79 -52.43
CA LEU F 116 5.93 26.99 -51.68
C LEU F 116 4.66 26.87 -50.87
N TYR F 117 4.60 27.57 -49.74
CA TYR F 117 3.43 27.52 -48.93
C TYR F 117 2.77 28.86 -48.74
N PHE F 118 1.44 28.83 -48.79
CA PHE F 118 0.62 30.00 -48.48
C PHE F 118 -0.28 29.69 -47.33
N MET F 119 -0.78 30.73 -46.67
CA MET F 119 -1.81 30.54 -45.64
C MET F 119 -3.17 31.19 -46.02
N PRO F 120 -4.27 30.60 -45.55
CA PRO F 120 -5.57 31.21 -45.77
C PRO F 120 -5.77 32.38 -44.82
N THR F 121 -6.83 33.17 -44.98
CA THR F 121 -7.07 34.33 -44.11
C THR F 121 -7.44 33.75 -42.78
N LEU F 122 -7.34 34.62 -41.78
CA LEU F 122 -7.60 34.25 -40.40
C LEU F 122 -8.99 33.63 -40.23
N GLN F 123 -9.96 34.20 -40.90
CA GLN F 123 -11.33 33.67 -40.83
C GLN F 123 -11.48 32.23 -41.29
N ASN F 124 -10.66 31.82 -42.25
CA ASN F 124 -10.64 30.48 -42.80
C ASN F 124 -9.56 29.53 -42.27
N ALA F 125 -8.82 29.93 -41.22
CA ALA F 125 -7.61 29.21 -40.76
C ALA F 125 -7.90 27.87 -40.09
N PHE F 126 -9.12 27.78 -39.60
CA PHE F 126 -9.67 26.59 -38.98
C PHE F 126 -10.65 25.84 -39.83
N ILE F 127 -10.77 26.16 -41.12
CA ILE F 127 -11.72 25.42 -41.98
C ILE F 127 -10.96 24.27 -42.57
N SER F 128 -11.52 23.08 -42.49
CA SER F 128 -10.99 21.91 -43.21
C SER F 128 -12.11 21.19 -43.97
N SER F 129 -11.70 20.60 -45.08
CA SER F 129 -12.53 19.73 -45.85
C SER F 129 -13.28 18.65 -45.07
N SER F 130 -12.56 17.93 -44.23
CA SER F 130 -13.17 16.92 -43.35
C SER F 130 -14.36 17.46 -42.60
N ILE F 131 -14.17 18.62 -41.98
CA ILE F 131 -15.27 19.17 -41.19
C ILE F 131 -16.39 19.56 -42.10
N VAL F 132 -16.04 20.03 -43.29
CA VAL F 132 -17.08 20.39 -44.24
C VAL F 132 -17.89 19.17 -44.68
N ARG F 133 -17.21 18.06 -44.92
CA ARG F 133 -17.90 16.86 -45.34
C ARG F 133 -18.87 16.31 -44.29
N SER F 134 -18.37 16.11 -43.08
CA SER F 134 -19.20 15.76 -41.95
C SER F 134 -20.42 16.67 -41.81
N ILE F 135 -20.23 17.99 -41.88
CA ILE F 135 -21.39 18.84 -41.82
C ILE F 135 -22.34 18.53 -42.97
N ILE F 136 -21.80 18.38 -44.19
CA ILE F 136 -22.69 18.24 -45.33
C ILE F 136 -23.50 16.97 -45.17
N ALA F 137 -22.82 15.91 -44.72
CA ALA F 137 -23.39 14.61 -44.54
C ALA F 137 -24.50 14.70 -43.50
N HIS F 138 -24.26 15.30 -42.33
CA HIS F 138 -25.32 15.46 -41.32
C HIS F 138 -26.28 16.64 -41.67
N LYS F 139 -26.23 17.13 -42.91
CA LYS F 139 -27.17 18.15 -43.39
C LYS F 139 -27.18 19.45 -42.57
N GLY F 140 -26.01 19.80 -42.05
CA GLY F 140 -25.84 21.08 -41.37
C GLY F 140 -25.63 22.22 -42.34
N ASP F 141 -25.46 23.41 -41.82
CA ASP F 141 -25.28 24.56 -42.70
C ASP F 141 -23.77 24.80 -42.95
N ALA F 142 -23.29 24.45 -44.15
CA ALA F 142 -21.93 24.75 -44.60
C ALA F 142 -21.78 26.00 -45.47
N SER F 143 -22.76 26.90 -45.43
CA SER F 143 -22.79 28.01 -46.40
C SER F 143 -21.66 29.02 -46.15
N HIS F 144 -21.28 29.11 -44.91
CA HIS F 144 -20.22 30.01 -44.51
C HIS F 144 -18.80 29.39 -44.71
N LEU F 145 -18.71 28.13 -45.12
CA LEU F 145 -17.46 27.37 -45.17
C LEU F 145 -16.97 27.12 -46.60
N VAL F 146 -17.88 27.29 -47.56
CA VAL F 146 -17.63 27.04 -48.98
C VAL F 146 -18.01 28.25 -49.87
N PRO F 147 -17.47 28.30 -51.08
CA PRO F 147 -17.79 29.41 -51.97
C PRO F 147 -19.25 29.36 -52.42
N LYS F 148 -19.95 30.49 -52.33
CA LYS F 148 -21.37 30.65 -52.84
C LYS F 148 -21.62 29.96 -54.12
N GLU F 149 -20.70 30.13 -55.05
CA GLU F 149 -20.80 29.53 -56.39
C GLU F 149 -20.98 28.01 -56.41
N ILE F 150 -20.93 27.34 -55.27
CA ILE F 150 -21.16 25.89 -55.26
C ILE F 150 -22.28 25.50 -54.32
N TYR F 151 -22.96 26.48 -53.73
CA TYR F 151 -24.13 26.22 -52.89
C TYR F 151 -25.14 25.34 -53.65
N PRO F 152 -25.55 25.78 -54.88
CA PRO F 152 -26.29 24.92 -55.79
C PRO F 152 -25.86 23.47 -55.85
N LEU F 153 -24.57 23.19 -55.87
CA LEU F 153 -24.15 21.78 -56.09
C LEU F 153 -23.94 20.93 -54.81
N ILE F 154 -23.60 21.57 -53.70
CA ILE F 154 -23.31 20.82 -52.45
C ILE F 154 -24.56 20.08 -51.93
N SER F 155 -25.75 20.64 -52.14
CA SER F 155 -27.00 19.86 -52.06
C SER F 155 -27.12 19.02 -53.33
N LYS F 156 -27.34 17.71 -53.18
CA LYS F 156 -27.02 16.76 -54.25
C LYS F 156 -27.74 17.08 -55.54
N MET G 1 30.68 1.30 -28.48
CA MET G 1 29.19 1.27 -28.46
C MET G 1 28.67 0.40 -27.30
N GLN G 2 29.12 -0.84 -27.22
CA GLN G 2 28.80 -1.75 -26.09
C GLN G 2 29.74 -1.50 -24.89
N LYS G 3 30.62 -0.51 -24.99
CA LYS G 3 31.63 -0.27 -23.96
C LYS G 3 31.42 1.03 -23.16
N ILE G 4 31.31 2.18 -23.81
CA ILE G 4 31.28 3.43 -23.05
C ILE G 4 30.25 4.41 -23.60
N GLY G 5 29.42 4.98 -22.74
CA GLY G 5 28.34 5.91 -23.18
C GLY G 5 28.42 7.15 -22.34
N ILE G 6 28.03 8.30 -22.88
CA ILE G 6 28.00 9.56 -22.18
C ILE G 6 26.60 10.16 -22.16
N TYR G 7 26.14 10.52 -20.97
CA TYR G 7 24.86 11.21 -20.76
C TYR G 7 25.15 12.68 -20.34
N PRO G 8 25.07 13.61 -21.29
CA PRO G 8 25.36 14.99 -20.99
C PRO G 8 24.14 15.68 -20.44
N GLY G 9 24.34 16.76 -19.69
CA GLY G 9 23.24 17.71 -19.46
C GLY G 9 23.67 18.81 -18.53
N THR G 10 22.77 19.72 -18.27
CA THR G 10 22.97 20.77 -17.29
C THR G 10 22.75 20.29 -15.85
N PHE G 11 21.82 19.34 -15.69
CA PHE G 11 21.44 18.77 -14.40
C PHE G 11 21.26 19.83 -13.31
N ASP G 12 20.29 20.69 -13.56
CA ASP G 12 20.10 21.87 -12.75
C ASP G 12 18.67 21.91 -12.15
N PRO G 13 18.39 21.11 -11.10
CA PRO G 13 19.24 20.09 -10.59
C PRO G 13 18.93 18.75 -11.20
N VAL G 14 19.66 17.73 -10.78
CA VAL G 14 19.36 16.38 -11.17
C VAL G 14 18.00 15.98 -10.63
N THR G 15 17.17 15.27 -11.40
CA THR G 15 15.86 14.91 -10.97
C THR G 15 15.69 13.41 -11.02
N ASN G 16 14.56 12.96 -10.51
CA ASN G 16 14.27 11.53 -10.51
C ASN G 16 14.16 11.04 -11.95
N GLY G 17 13.85 11.94 -12.89
CA GLY G 17 13.81 11.53 -14.29
C GLY G 17 15.19 11.19 -14.81
N HIS G 18 16.16 12.03 -14.44
CA HIS G 18 17.53 11.81 -14.80
C HIS G 18 18.05 10.47 -14.20
N ILE G 19 17.77 10.23 -12.94
CA ILE G 19 18.20 8.99 -12.33
C ILE G 19 17.69 7.70 -13.06
N ASP G 20 16.40 7.62 -13.42
CA ASP G 20 15.88 6.47 -14.19
C ASP G 20 16.72 6.23 -15.44
N ILE G 21 16.97 7.29 -16.20
CA ILE G 21 17.74 7.20 -17.43
C ILE G 21 19.18 6.72 -17.14
N ILE G 22 19.78 7.19 -16.05
CA ILE G 22 21.15 6.85 -15.72
C ILE G 22 21.14 5.40 -15.34
N HIS G 23 20.07 5.01 -14.66
CA HIS G 23 19.93 3.65 -14.20
C HIS G 23 19.78 2.73 -15.43
N ARG G 24 18.90 3.10 -16.35
CA ARG G 24 18.64 2.25 -17.53
C ARG G 24 19.83 2.22 -18.48
N SER G 25 20.40 3.37 -18.77
CA SER G 25 21.52 3.40 -19.68
C SER G 25 22.76 2.74 -19.14
N SER G 26 23.00 2.80 -17.84
CA SER G 26 24.15 2.14 -17.23
C SER G 26 24.15 0.63 -17.34
N GLU G 27 22.98 0.04 -17.56
CA GLU G 27 22.88 -1.42 -17.79
C GLU G 27 23.32 -1.82 -19.19
N LEU G 28 23.41 -0.85 -20.10
CA LEU G 28 23.83 -1.06 -21.48
C LEU G 28 25.29 -0.81 -21.81
N PHE G 29 26.01 -0.11 -20.95
CA PHE G 29 27.39 0.16 -21.23
C PHE G 29 28.32 -0.43 -20.17
N GLU G 30 29.60 -0.61 -20.47
CA GLU G 30 30.61 -0.97 -19.42
C GLU G 30 30.79 0.19 -18.44
N LYS G 31 30.95 1.38 -18.95
CA LYS G 31 31.05 2.60 -18.18
C LYS G 31 30.06 3.61 -18.77
N LEU G 32 29.41 4.37 -17.89
CA LEU G 32 28.59 5.49 -18.35
C LEU G 32 29.20 6.73 -17.76
N ILE G 33 29.52 7.70 -18.60
CA ILE G 33 29.94 8.99 -18.09
C ILE G 33 28.72 9.89 -18.06
N VAL G 34 28.45 10.47 -16.89
CA VAL G 34 27.47 11.52 -16.70
C VAL G 34 28.22 12.84 -16.71
N ALA G 35 27.99 13.59 -17.76
CA ALA G 35 28.77 14.73 -18.09
C ALA G 35 27.97 15.98 -17.82
N VAL G 36 28.32 16.75 -16.81
CA VAL G 36 27.62 17.97 -16.47
C VAL G 36 28.26 19.17 -17.09
N ALA G 37 27.55 19.82 -17.97
CA ALA G 37 28.07 20.97 -18.68
C ALA G 37 27.95 22.19 -17.86
N HIS G 38 29.00 23.00 -17.80
CA HIS G 38 28.90 24.32 -17.17
C HIS G 38 27.63 25.07 -17.56
N SER G 39 27.31 25.07 -18.85
CA SER G 39 26.10 25.69 -19.41
C SER G 39 26.03 27.18 -19.01
N SER G 40 27.21 27.80 -18.97
CA SER G 40 27.33 29.19 -18.55
C SER G 40 26.27 30.13 -19.11
N ALA G 41 25.87 29.88 -20.34
CA ALA G 41 24.98 30.76 -21.12
C ALA G 41 23.54 30.62 -20.74
N LYS G 42 23.23 29.56 -20.01
CA LYS G 42 21.90 29.37 -19.47
C LYS G 42 21.74 29.93 -18.08
N ASN G 43 22.79 30.50 -17.51
CA ASN G 43 22.71 31.02 -16.15
C ASN G 43 22.00 30.00 -15.21
N PRO G 44 22.64 28.86 -14.95
CA PRO G 44 22.01 27.84 -14.13
C PRO G 44 21.73 28.29 -12.70
N MET G 45 20.65 27.77 -12.12
CA MET G 45 20.32 28.07 -10.72
C MET G 45 21.44 27.68 -9.81
N PHE G 46 21.98 26.50 -10.02
CA PHE G 46 23.04 26.04 -9.13
C PHE G 46 24.38 26.11 -9.84
N SER G 47 25.45 26.23 -9.08
CA SER G 47 26.77 26.30 -9.69
C SER G 47 27.20 24.89 -10.20
N LEU G 48 28.20 24.88 -11.08
CA LEU G 48 28.68 23.68 -11.67
C LEU G 48 29.11 22.70 -10.67
N ASP G 49 29.90 23.15 -9.71
CA ASP G 49 30.46 22.24 -8.68
C ASP G 49 29.32 21.68 -7.77
N GLU G 50 28.38 22.51 -7.37
CA GLU G 50 27.16 22.06 -6.66
C GLU G 50 26.46 20.99 -7.52
N ARG G 51 26.25 21.26 -8.81
CA ARG G 51 25.52 20.31 -9.67
C ARG G 51 26.28 19.00 -9.84
N LEU G 52 27.62 19.08 -9.97
CA LEU G 52 28.47 17.91 -10.00
C LEU G 52 28.35 17.12 -8.69
N LYS G 53 28.35 17.82 -7.57
CA LYS G 53 28.28 17.15 -6.27
C LYS G 53 26.96 16.44 -6.07
N MET G 54 25.88 17.13 -6.39
CA MET G 54 24.56 16.51 -6.32
C MET G 54 24.48 15.25 -7.13
N ILE G 55 24.96 15.31 -8.38
CA ILE G 55 24.85 14.14 -9.22
C ILE G 55 25.83 13.03 -8.80
N GLN G 56 26.94 13.40 -8.21
CA GLN G 56 27.79 12.37 -7.64
C GLN G 56 27.09 11.59 -6.53
N LEU G 57 26.51 12.33 -5.59
CA LEU G 57 25.82 11.73 -4.45
C LEU G 57 24.69 10.87 -4.99
N ALA G 58 23.94 11.42 -5.93
CA ALA G 58 22.80 10.67 -6.47
C ALA G 58 23.22 9.37 -7.17
N THR G 59 24.45 9.23 -7.66
CA THR G 59 24.85 8.00 -8.40
C THR G 59 25.90 7.08 -7.75
N LYS G 60 26.29 7.30 -6.48
CA LYS G 60 27.20 6.35 -5.76
C LYS G 60 26.78 4.89 -5.93
N SER G 61 25.47 4.64 -5.94
CA SER G 61 24.97 3.29 -5.96
C SER G 61 25.26 2.59 -7.27
N PHE G 62 25.45 3.32 -8.37
CA PHE G 62 25.70 2.70 -9.67
C PHE G 62 27.18 2.56 -9.94
N LYS G 63 27.68 1.33 -9.80
CA LYS G 63 29.12 1.08 -9.79
C LYS G 63 29.85 1.51 -11.07
N ASN G 64 29.17 1.41 -12.21
CA ASN G 64 29.79 1.72 -13.49
C ASN G 64 29.50 3.17 -14.02
N VAL G 65 29.15 4.09 -13.14
CA VAL G 65 28.87 5.47 -13.55
C VAL G 65 29.94 6.40 -13.02
N GLU G 66 30.37 7.34 -13.82
CA GLU G 66 31.33 8.29 -13.34
C GLU G 66 30.84 9.67 -13.75
N CYS G 67 30.95 10.64 -12.84
CA CYS G 67 30.42 11.95 -13.10
C CYS G 67 31.57 12.87 -13.45
N VAL G 68 31.41 13.82 -14.37
CA VAL G 68 32.48 14.78 -14.65
C VAL G 68 31.95 16.13 -15.05
N ALA G 69 32.66 17.16 -14.68
CA ALA G 69 32.23 18.49 -15.02
C ALA G 69 33.07 18.95 -16.18
N PHE G 70 32.46 19.60 -17.16
CA PHE G 70 33.14 20.09 -18.38
C PHE G 70 32.48 21.37 -18.89
N GLU G 71 33.18 22.09 -19.78
CA GLU G 71 32.69 23.41 -20.35
C GLU G 71 32.58 23.62 -21.90
N GLY G 72 33.42 22.95 -22.69
CA GLY G 72 33.39 23.24 -24.15
C GLY G 72 32.42 22.38 -24.96
N LEU G 73 32.85 22.03 -26.19
CA LEU G 73 32.13 21.18 -27.11
C LEU G 73 31.97 19.72 -26.70
N LEU G 74 30.73 19.28 -26.58
CA LEU G 74 30.46 17.91 -26.14
C LEU G 74 30.97 16.86 -27.09
N ALA G 75 30.88 17.09 -28.39
CA ALA G 75 31.45 16.18 -29.37
C ALA G 75 32.92 15.90 -29.15
N ASN G 76 33.66 16.92 -28.70
CA ASN G 76 35.11 16.80 -28.44
C ASN G 76 35.43 16.09 -27.13
N LEU G 77 34.63 16.34 -26.12
CA LEU G 77 34.70 15.58 -24.94
C LEU G 77 34.46 14.13 -25.26
N ALA G 78 33.47 13.86 -26.11
CA ALA G 78 33.15 12.44 -26.35
C ALA G 78 34.38 11.76 -26.97
N LYS G 79 34.96 12.43 -27.96
CA LYS G 79 36.25 11.96 -28.57
C LYS G 79 37.32 11.68 -27.54
N GLU G 80 37.54 12.64 -26.69
CA GLU G 80 38.51 12.50 -25.63
C GLU G 80 38.23 11.21 -24.82
N TYR G 81 36.96 10.83 -24.70
CA TYR G 81 36.63 9.56 -24.05
C TYR G 81 36.55 8.30 -24.93
N HIS G 82 36.87 8.42 -26.21
CA HIS G 82 36.63 7.34 -27.19
C HIS G 82 35.17 6.82 -27.14
N CYS G 83 34.23 7.78 -27.01
CA CYS G 83 32.84 7.45 -26.84
C CYS G 83 32.15 7.61 -28.17
N LYS G 84 31.43 6.58 -28.58
CA LYS G 84 30.63 6.68 -29.82
C LYS G 84 29.08 6.76 -29.66
N VAL G 85 28.62 6.75 -28.39
CA VAL G 85 27.20 6.91 -28.06
C VAL G 85 26.87 7.97 -27.00
N LEU G 86 26.04 8.91 -27.39
CA LEU G 86 25.41 9.84 -26.50
C LEU G 86 24.05 9.33 -26.12
N VAL G 87 23.81 9.43 -24.81
CA VAL G 87 22.63 8.97 -24.20
C VAL G 87 21.82 10.21 -23.94
N ARG G 88 20.53 10.21 -24.33
CA ARG G 88 19.61 11.32 -23.99
C ARG G 88 18.26 10.78 -23.49
N GLY G 89 17.51 11.60 -22.75
CA GLY G 89 16.22 11.18 -22.22
C GLY G 89 15.14 11.85 -23.01
N LEU G 90 14.04 11.15 -23.28
CA LEU G 90 12.81 11.74 -23.82
C LEU G 90 11.70 11.75 -22.82
N ARG G 91 11.00 12.89 -22.70
CA ARG G 91 9.94 13.01 -21.71
C ARG G 91 8.78 13.79 -22.30
N VAL G 92 7.67 13.85 -21.60
CA VAL G 92 6.49 14.42 -22.21
C VAL G 92 6.74 15.81 -22.76
N VAL G 93 7.46 16.65 -22.02
CA VAL G 93 7.71 18.06 -22.45
C VAL G 93 8.92 18.26 -23.37
N SER G 94 9.61 17.21 -23.76
CA SER G 94 10.77 17.41 -24.66
C SER G 94 10.38 18.17 -25.96
N ASP G 95 11.33 18.90 -26.51
CA ASP G 95 11.18 19.49 -27.78
C ASP G 95 11.83 18.49 -28.70
N PHE G 96 11.00 17.64 -29.31
CA PHE G 96 11.50 16.41 -29.91
C PHE G 96 12.34 16.68 -31.09
N GLU G 97 11.98 17.70 -31.88
CA GLU G 97 12.71 17.94 -33.10
C GLU G 97 14.07 18.58 -32.75
N TYR G 98 14.12 19.42 -31.74
CA TYR G 98 15.36 19.98 -31.23
C TYR G 98 16.36 18.89 -30.81
N GLU G 99 15.82 17.85 -30.19
CA GLU G 99 16.66 16.73 -29.77
C GLU G 99 17.27 15.99 -30.94
N LEU G 100 16.47 15.82 -31.99
CA LEU G 100 16.96 15.13 -33.19
C LEU G 100 17.98 16.07 -33.82
N GLN G 101 17.71 17.37 -33.82
CA GLN G 101 18.67 18.34 -34.38
C GLN G 101 20.07 18.25 -33.76
N MET G 102 20.08 18.23 -32.43
CA MET G 102 21.27 18.16 -31.71
C MET G 102 21.95 16.86 -31.97
N GLY G 103 21.20 15.80 -32.19
CA GLY G 103 21.81 14.51 -32.48
C GLY G 103 22.56 14.51 -33.82
N TYR G 104 21.98 15.17 -34.80
CA TYR G 104 22.61 15.34 -36.10
C TYR G 104 23.76 16.34 -36.05
N ALA G 105 23.67 17.38 -35.24
CA ALA G 105 24.78 18.31 -35.13
C ALA G 105 25.97 17.57 -34.54
N ASN G 106 25.71 16.84 -33.48
CA ASN G 106 26.78 16.17 -32.84
C ASN G 106 27.45 15.15 -33.75
N LYS G 107 26.64 14.40 -34.52
CA LYS G 107 27.18 13.45 -35.51
C LYS G 107 28.14 14.18 -36.45
N SER G 108 27.75 15.38 -36.90
CA SER G 108 28.48 16.11 -37.90
C SER G 108 29.78 16.71 -37.34
N LEU G 109 29.84 16.90 -36.03
CA LEU G 109 31.09 17.40 -35.40
C LEU G 109 31.99 16.24 -35.00
N ASN G 110 31.45 15.04 -34.89
CA ASN G 110 32.27 13.87 -34.54
C ASN G 110 31.55 12.72 -35.17
N HIS G 111 32.10 12.25 -36.29
CA HIS G 111 31.38 11.35 -37.20
C HIS G 111 31.24 9.97 -36.62
N GLU G 112 31.99 9.65 -35.55
CA GLU G 112 31.71 8.39 -34.85
C GLU G 112 30.56 8.45 -33.76
N LEU G 113 29.96 9.62 -33.55
CA LEU G 113 29.12 9.79 -32.35
C LEU G 113 27.65 9.74 -32.64
N GLU G 114 27.01 8.62 -32.32
CA GLU G 114 25.55 8.47 -32.46
C GLU G 114 24.79 8.96 -31.21
N THR G 115 23.51 9.27 -31.34
CA THR G 115 22.68 9.46 -30.15
C THR G 115 21.58 8.41 -29.95
N LEU G 116 21.38 8.02 -28.68
CA LEU G 116 20.41 7.00 -28.26
C LEU G 116 19.45 7.58 -27.22
N TYR G 117 18.15 7.39 -27.38
CA TYR G 117 17.18 7.96 -26.47
C TYR G 117 16.50 6.94 -25.57
N PHE G 118 16.40 7.29 -24.29
CA PHE G 118 15.72 6.52 -23.30
C PHE G 118 14.56 7.28 -22.72
N MET G 119 13.66 6.51 -22.13
CA MET G 119 12.49 7.07 -21.47
C MET G 119 12.65 6.87 -20.01
N PRO G 120 12.17 7.79 -19.22
CA PRO G 120 12.06 7.55 -17.77
C PRO G 120 10.86 6.72 -17.44
N THR G 121 10.71 6.35 -16.17
CA THR G 121 9.47 5.65 -15.72
C THR G 121 8.29 6.56 -15.86
N LEU G 122 7.12 5.97 -16.01
CA LEU G 122 5.90 6.70 -16.23
C LEU G 122 5.70 7.82 -15.22
N GLN G 123 5.83 7.45 -13.96
CA GLN G 123 5.64 8.36 -12.81
C GLN G 123 6.50 9.59 -12.91
N ASN G 124 7.68 9.46 -13.52
CA ASN G 124 8.58 10.53 -13.71
C ASN G 124 8.52 11.21 -15.09
N ALA G 125 7.63 10.76 -15.97
CA ALA G 125 7.52 11.31 -17.34
C ALA G 125 7.25 12.80 -17.42
N PHE G 126 6.53 13.30 -16.45
CA PHE G 126 6.17 14.69 -16.41
C PHE G 126 7.14 15.58 -15.70
N ILE G 127 8.20 15.03 -15.16
CA ILE G 127 9.15 15.84 -14.44
C ILE G 127 10.19 16.46 -15.36
N SER G 128 10.56 17.70 -15.07
CA SER G 128 11.66 18.33 -15.76
C SER G 128 12.42 19.18 -14.74
N SER G 129 13.70 19.41 -14.97
CA SER G 129 14.46 20.28 -14.12
C SER G 129 13.81 21.64 -13.98
N SER G 130 13.26 22.10 -15.09
CA SER G 130 12.65 23.38 -15.12
C SER G 130 11.49 23.57 -14.10
N ILE G 131 10.61 22.61 -14.03
CA ILE G 131 9.51 22.72 -13.08
C ILE G 131 10.10 22.52 -11.68
N VAL G 132 11.14 21.69 -11.55
CA VAL G 132 11.77 21.61 -10.24
C VAL G 132 12.37 22.94 -9.83
N ARG G 133 13.01 23.68 -10.73
CA ARG G 133 13.51 25.04 -10.32
C ARG G 133 12.40 25.98 -9.93
N SER G 134 11.30 25.90 -10.61
CA SER G 134 10.21 26.79 -10.25
C SER G 134 9.70 26.48 -8.84
N ILE G 135 9.41 25.22 -8.58
CA ILE G 135 8.95 24.84 -7.28
C ILE G 135 9.93 25.31 -6.24
N ILE G 136 11.21 25.08 -6.46
CA ILE G 136 12.25 25.51 -5.51
C ILE G 136 12.34 27.05 -5.36
N ALA G 137 12.23 27.79 -6.45
CA ALA G 137 12.38 29.23 -6.42
C ALA G 137 11.27 29.84 -5.59
N HIS G 138 10.05 29.34 -5.79
CA HIS G 138 8.93 29.78 -4.95
C HIS G 138 8.80 29.01 -3.59
N LYS G 139 9.90 28.45 -3.10
CA LYS G 139 9.97 27.75 -1.77
C LYS G 139 9.01 26.59 -1.50
N GLY G 140 8.47 25.97 -2.55
CA GLY G 140 7.61 24.80 -2.40
C GLY G 140 8.40 23.52 -2.11
N ASP G 141 7.68 22.41 -2.01
CA ASP G 141 8.25 21.14 -1.67
C ASP G 141 8.54 20.35 -2.94
N ALA G 142 9.83 20.13 -3.20
CA ALA G 142 10.34 19.40 -4.37
C ALA G 142 10.88 18.02 -4.03
N SER G 143 10.65 17.56 -2.82
CA SER G 143 11.27 16.33 -2.35
C SER G 143 10.88 15.05 -3.04
N HIS G 144 9.68 15.01 -3.57
CA HIS G 144 9.20 13.85 -4.33
C HIS G 144 9.69 13.82 -5.82
N LEU G 145 10.39 14.87 -6.24
CA LEU G 145 10.87 15.02 -7.62
C LEU G 145 12.38 14.80 -7.82
N VAL G 146 13.17 14.88 -6.76
CA VAL G 146 14.62 14.71 -6.85
C VAL G 146 15.06 13.63 -5.90
N PRO G 147 16.23 13.00 -6.15
CA PRO G 147 16.64 11.94 -5.26
C PRO G 147 16.95 12.44 -3.84
N LYS G 148 16.71 11.57 -2.87
CA LYS G 148 16.79 11.92 -1.44
C LYS G 148 18.18 12.42 -1.00
N GLU G 149 19.21 12.01 -1.73
CA GLU G 149 20.59 12.34 -1.38
C GLU G 149 20.97 13.78 -1.72
N ILE G 150 20.19 14.45 -2.57
CA ILE G 150 20.55 15.83 -2.87
C ILE G 150 19.66 16.77 -2.17
N TYR G 151 18.67 16.24 -1.46
CA TYR G 151 17.66 17.06 -0.84
C TYR G 151 18.26 18.14 0.09
N PRO G 152 19.19 17.77 0.97
CA PRO G 152 19.92 18.85 1.67
C PRO G 152 20.55 19.91 0.76
N LEU G 153 21.21 19.47 -0.29
CA LEU G 153 22.01 20.38 -1.09
C LEU G 153 21.08 21.34 -1.84
N ILE G 154 19.91 20.88 -2.25
CA ILE G 154 18.95 21.75 -2.94
C ILE G 154 18.13 22.63 -2.00
N SER G 155 18.26 22.43 -0.69
CA SER G 155 17.51 23.22 0.30
C SER G 155 18.30 24.34 0.90
N LYS G 156 19.59 24.40 0.60
CA LYS G 156 20.43 25.54 0.97
C LYS G 156 20.00 26.80 0.22
N MET H 1 19.70 -7.46 -20.61
CA MET H 1 19.51 -6.26 -21.48
C MET H 1 20.37 -6.41 -22.73
N GLN H 2 21.69 -6.31 -22.56
CA GLN H 2 22.66 -6.41 -23.65
C GLN H 2 22.52 -7.71 -24.45
N LYS H 3 22.18 -8.82 -23.83
CA LYS H 3 22.16 -10.10 -24.53
C LYS H 3 21.30 -10.09 -25.80
N ILE H 4 20.15 -9.42 -25.75
CA ILE H 4 19.18 -9.54 -26.81
C ILE H 4 18.27 -8.31 -26.92
N GLY H 5 18.07 -7.84 -28.16
CA GLY H 5 17.14 -6.78 -28.48
C GLY H 5 16.17 -7.19 -29.59
N ILE H 6 15.01 -6.52 -29.68
CA ILE H 6 14.02 -6.84 -30.71
C ILE H 6 13.55 -5.54 -31.36
N TYR H 7 13.61 -5.50 -32.69
CA TYR H 7 13.20 -4.38 -33.52
C TYR H 7 12.01 -4.84 -34.37
N PRO H 8 10.75 -4.52 -33.94
CA PRO H 8 9.58 -5.00 -34.63
C PRO H 8 9.30 -4.00 -35.68
N GLY H 9 8.55 -4.41 -36.70
CA GLY H 9 8.04 -3.50 -37.75
C GLY H 9 7.30 -4.27 -38.89
N THR H 10 6.59 -3.50 -39.70
CA THR H 10 5.96 -3.99 -40.90
C THR H 10 7.00 -4.23 -42.02
N PHE H 11 7.99 -3.37 -42.11
CA PHE H 11 8.99 -3.37 -43.13
C PHE H 11 8.40 -3.56 -44.55
N ASP H 12 7.58 -2.60 -44.92
CA ASP H 12 6.71 -2.66 -46.10
C ASP H 12 6.94 -1.50 -47.08
N PRO H 13 8.06 -1.49 -47.77
CA PRO H 13 9.12 -2.44 -47.62
C PRO H 13 10.22 -1.90 -46.69
N VAL H 14 11.25 -2.68 -46.49
CA VAL H 14 12.37 -2.24 -45.68
C VAL H 14 13.07 -1.04 -46.37
N THR H 15 13.44 0.00 -45.63
CA THR H 15 14.10 1.13 -46.26
C THR H 15 15.48 1.30 -45.66
N ASN H 16 16.22 2.27 -46.19
CA ASN H 16 17.58 2.58 -45.71
C ASN H 16 17.59 3.07 -44.29
N GLY H 17 16.51 3.74 -43.88
CA GLY H 17 16.34 4.13 -42.51
C GLY H 17 16.22 2.92 -41.61
N HIS H 18 15.42 1.93 -41.98
CA HIS H 18 15.37 0.70 -41.21
C HIS H 18 16.76 0.07 -41.06
N ILE H 19 17.55 0.12 -42.15
CA ILE H 19 18.84 -0.57 -42.19
C ILE H 19 19.80 0.16 -41.27
N ASP H 20 19.75 1.49 -41.24
CA ASP H 20 20.49 2.27 -40.24
C ASP H 20 20.19 1.86 -38.75
N ILE H 21 18.91 1.68 -38.39
CA ILE H 21 18.54 1.32 -37.05
C ILE H 21 19.00 -0.11 -36.73
N ILE H 22 18.92 -0.96 -37.72
CA ILE H 22 19.36 -2.29 -37.54
C ILE H 22 20.86 -2.30 -37.37
N HIS H 23 21.55 -1.54 -38.19
CA HIS H 23 23.02 -1.51 -38.14
C HIS H 23 23.44 -1.07 -36.71
N ARG H 24 22.95 0.09 -36.33
CA ARG H 24 23.27 0.62 -35.01
C ARG H 24 22.78 -0.21 -33.85
N SER H 25 21.60 -0.80 -33.92
CA SER H 25 21.12 -1.56 -32.79
C SER H 25 21.84 -2.88 -32.66
N SER H 26 22.26 -3.46 -33.78
CA SER H 26 22.98 -4.77 -33.73
C SER H 26 24.34 -4.64 -33.05
N GLU H 27 24.92 -3.46 -33.15
CA GLU H 27 26.16 -3.14 -32.46
C GLU H 27 26.03 -3.09 -30.93
N LEU H 28 24.82 -3.02 -30.40
CA LEU H 28 24.63 -2.85 -28.97
C LEU H 28 24.21 -4.09 -28.23
N PHE H 29 23.74 -5.08 -28.99
CA PHE H 29 23.24 -6.32 -28.45
C PHE H 29 24.00 -7.50 -29.03
N GLU H 30 24.13 -8.58 -28.28
CA GLU H 30 24.83 -9.75 -28.77
C GLU H 30 24.04 -10.35 -29.91
N LYS H 31 22.71 -10.38 -29.79
CA LYS H 31 21.82 -10.78 -30.87
C LYS H 31 20.70 -9.76 -31.08
N LEU H 32 20.38 -9.40 -32.32
CA LEU H 32 19.19 -8.55 -32.62
C LEU H 32 18.16 -9.35 -33.32
N ILE H 33 16.91 -9.29 -32.87
CA ILE H 33 15.81 -10.03 -33.51
C ILE H 33 15.00 -8.99 -34.25
N VAL H 34 14.89 -9.17 -35.55
CA VAL H 34 14.14 -8.29 -36.35
C VAL H 34 12.83 -9.00 -36.56
N ALA H 35 11.78 -8.48 -35.92
CA ALA H 35 10.47 -9.16 -35.91
C ALA H 35 9.51 -8.49 -36.91
N VAL H 36 9.06 -9.30 -37.90
CA VAL H 36 8.25 -8.79 -38.97
C VAL H 36 6.79 -8.99 -38.65
N ALA H 37 6.09 -7.87 -38.53
CA ALA H 37 4.74 -7.86 -38.07
C ALA H 37 3.87 -8.05 -39.28
N HIS H 38 2.78 -8.76 -39.07
CA HIS H 38 1.87 -8.97 -40.15
C HIS H 38 1.26 -7.64 -40.56
N SER H 39 0.98 -6.79 -39.58
CA SER H 39 0.43 -5.51 -39.90
C SER H 39 -0.87 -5.66 -40.72
N SER H 40 -1.60 -6.75 -40.45
CA SER H 40 -2.86 -7.03 -41.14
C SER H 40 -3.90 -6.01 -40.78
N ALA H 41 -3.78 -5.45 -39.59
CA ALA H 41 -4.59 -4.30 -39.22
C ALA H 41 -4.61 -3.36 -40.43
N LYS H 42 -3.43 -3.09 -40.99
CA LYS H 42 -3.34 -2.38 -42.26
C LYS H 42 -3.41 -3.35 -43.44
N ASN H 43 -3.33 -2.82 -44.66
CA ASN H 43 -3.25 -3.66 -45.84
C ASN H 43 -1.94 -3.42 -46.60
N PRO H 44 -0.85 -4.08 -46.15
CA PRO H 44 0.47 -3.88 -46.71
C PRO H 44 0.58 -4.07 -48.24
N MET H 45 1.37 -3.21 -48.90
CA MET H 45 1.69 -3.36 -50.33
C MET H 45 2.31 -4.74 -50.67
N PHE H 46 3.23 -5.23 -49.84
CA PHE H 46 3.88 -6.53 -50.08
C PHE H 46 3.43 -7.59 -49.07
N SER H 47 3.40 -8.84 -49.52
CA SER H 47 2.98 -9.95 -48.65
C SER H 47 4.05 -10.22 -47.58
N LEU H 48 3.62 -10.77 -46.46
CA LEU H 48 4.57 -11.19 -45.40
C LEU H 48 5.78 -11.98 -45.93
N ASP H 49 5.52 -12.89 -46.86
CA ASP H 49 6.59 -13.74 -47.35
C ASP H 49 7.67 -12.90 -48.06
N GLU H 50 7.18 -11.88 -48.76
CA GLU H 50 8.02 -10.98 -49.56
C GLU H 50 8.77 -10.09 -48.58
N ARG H 51 8.03 -9.46 -47.68
CA ARG H 51 8.65 -8.65 -46.63
C ARG H 51 9.73 -9.38 -45.83
N LEU H 52 9.46 -10.60 -45.42
CA LEU H 52 10.52 -11.37 -44.73
C LEU H 52 11.71 -11.60 -45.68
N LYS H 53 11.43 -11.96 -46.95
CA LYS H 53 12.53 -12.20 -47.88
C LYS H 53 13.44 -10.99 -48.00
N MET H 54 12.81 -9.83 -48.26
CA MET H 54 13.55 -8.57 -48.38
C MET H 54 14.43 -8.23 -47.17
N ILE H 55 13.86 -8.36 -45.98
CA ILE H 55 14.58 -8.12 -44.73
C ILE H 55 15.81 -9.02 -44.59
N GLN H 56 15.63 -10.31 -44.90
CA GLN H 56 16.73 -11.27 -44.89
C GLN H 56 17.74 -10.97 -45.96
N LEU H 57 17.28 -10.60 -47.16
CA LEU H 57 18.23 -10.20 -48.20
C LEU H 57 19.07 -9.02 -47.69
N ALA H 58 18.43 -8.06 -47.04
CA ALA H 58 19.10 -6.83 -46.71
C ALA H 58 19.92 -6.90 -45.46
N THR H 59 19.78 -7.94 -44.64
CA THR H 59 20.51 -8.01 -43.35
C THR H 59 21.53 -9.18 -43.29
N LYS H 60 21.72 -9.88 -44.40
CA LYS H 60 22.68 -10.98 -44.46
C LYS H 60 24.03 -10.60 -43.96
N SER H 61 24.47 -9.37 -44.25
CA SER H 61 25.79 -8.90 -43.81
C SER H 61 25.94 -8.74 -42.29
N PHE H 62 24.84 -8.57 -41.56
CA PHE H 62 24.91 -8.38 -40.11
C PHE H 62 24.79 -9.73 -39.44
N LYS H 63 25.88 -10.23 -38.89
CA LYS H 63 25.90 -11.61 -38.36
C LYS H 63 25.08 -11.88 -37.10
N ASN H 64 24.93 -10.90 -36.21
CA ASN H 64 24.10 -11.16 -35.01
C ASN H 64 22.59 -10.82 -35.22
N VAL H 65 22.14 -10.64 -36.47
CA VAL H 65 20.75 -10.30 -36.76
C VAL H 65 19.95 -11.52 -37.21
N GLU H 66 18.83 -11.79 -36.55
CA GLU H 66 17.95 -12.95 -36.83
C GLU H 66 16.61 -12.31 -37.24
N CYS H 67 15.90 -12.87 -38.23
CA CYS H 67 14.64 -12.28 -38.70
C CYS H 67 13.53 -13.31 -38.51
N VAL H 68 12.37 -12.90 -38.01
CA VAL H 68 11.30 -13.81 -37.73
C VAL H 68 9.99 -13.13 -38.01
N ALA H 69 8.96 -13.94 -38.32
CA ALA H 69 7.59 -13.43 -38.53
C ALA H 69 6.82 -13.61 -37.24
N PHE H 70 6.15 -12.55 -36.80
CA PHE H 70 5.32 -12.63 -35.60
C PHE H 70 3.91 -12.07 -35.85
N GLU H 71 2.93 -12.86 -35.41
CA GLU H 71 1.53 -12.46 -35.26
C GLU H 71 1.42 -12.54 -33.75
N GLY H 72 1.04 -11.44 -33.11
CA GLY H 72 0.80 -11.49 -31.69
C GLY H 72 1.03 -10.22 -30.93
N LEU H 73 1.19 -10.43 -29.63
CA LEU H 73 1.44 -9.36 -28.71
C LEU H 73 2.98 -9.20 -28.61
N LEU H 74 3.42 -8.01 -28.94
CA LEU H 74 4.82 -7.64 -28.93
C LEU H 74 5.51 -7.71 -27.56
N ALA H 75 4.90 -7.09 -26.56
CA ALA H 75 5.33 -7.34 -25.19
C ALA H 75 5.52 -8.85 -24.91
N ASN H 76 4.64 -9.67 -25.45
CA ASN H 76 4.69 -11.10 -25.20
C ASN H 76 5.73 -11.82 -26.06
N LEU H 77 5.91 -11.40 -27.31
CA LEU H 77 7.09 -11.81 -28.09
C LEU H 77 8.37 -11.63 -27.32
N ALA H 78 8.47 -10.51 -26.59
CA ALA H 78 9.66 -10.21 -25.82
C ALA H 78 9.85 -11.21 -24.73
N LYS H 79 8.79 -11.46 -24.01
CA LYS H 79 8.75 -12.50 -22.99
C LYS H 79 9.27 -13.82 -23.53
N GLU H 80 8.80 -14.24 -24.70
CA GLU H 80 9.17 -15.58 -25.24
C GLU H 80 10.66 -15.66 -25.60
N TYR H 81 11.26 -14.51 -25.92
CA TYR H 81 12.71 -14.42 -26.13
C TYR H 81 13.48 -13.94 -24.91
N HIS H 82 12.81 -13.76 -23.79
CA HIS H 82 13.50 -13.41 -22.55
C HIS H 82 14.32 -12.13 -22.83
N CYS H 83 13.66 -11.22 -23.54
CA CYS H 83 14.23 -9.97 -24.00
C CYS H 83 13.67 -8.81 -23.20
N LYS H 84 14.53 -7.96 -22.68
CA LYS H 84 14.08 -6.80 -21.90
C LYS H 84 14.15 -5.45 -22.71
N VAL H 85 14.49 -5.49 -24.00
CA VAL H 85 14.60 -4.21 -24.78
C VAL H 85 13.96 -4.26 -26.16
N LEU H 86 13.03 -3.34 -26.40
CA LEU H 86 12.47 -3.06 -27.71
C LEU H 86 13.20 -1.89 -28.33
N VAL H 87 13.63 -2.08 -29.57
CA VAL H 87 14.31 -1.08 -30.33
C VAL H 87 13.29 -0.38 -31.20
N ARG H 88 13.26 0.93 -31.21
CA ARG H 88 12.36 1.65 -32.10
C ARG H 88 13.17 2.69 -32.79
N GLY H 89 12.69 3.10 -33.94
CA GLY H 89 13.37 4.15 -34.70
C GLY H 89 12.69 5.51 -34.53
N LEU H 90 13.45 6.56 -34.43
CA LEU H 90 12.84 7.87 -34.36
C LEU H 90 13.18 8.69 -35.55
N ARG H 91 12.18 9.41 -36.06
CA ARG H 91 12.31 10.16 -37.28
C ARG H 91 11.58 11.47 -37.09
N VAL H 92 11.69 12.30 -38.10
CA VAL H 92 11.18 13.65 -38.15
C VAL H 92 9.67 13.72 -38.10
N VAL H 93 9.03 12.81 -38.83
CA VAL H 93 7.58 12.69 -38.88
C VAL H 93 7.00 11.82 -37.77
N SER H 94 7.82 11.37 -36.81
CA SER H 94 7.35 10.49 -35.73
C SER H 94 6.34 11.25 -34.96
N ASP H 95 5.34 10.52 -34.48
CA ASP H 95 4.36 11.05 -33.51
C ASP H 95 4.95 10.74 -32.11
N PHE H 96 5.68 11.71 -31.59
CA PHE H 96 6.54 11.51 -30.42
C PHE H 96 5.81 11.05 -29.17
N GLU H 97 4.68 11.65 -28.87
CA GLU H 97 3.93 11.30 -27.68
C GLU H 97 3.30 9.91 -27.78
N TYR H 98 2.91 9.57 -29.01
CA TYR H 98 2.45 8.22 -29.31
C TYR H 98 3.57 7.21 -29.11
N GLU H 99 4.79 7.57 -29.52
CA GLU H 99 5.90 6.68 -29.21
C GLU H 99 6.03 6.48 -27.73
N LEU H 100 6.07 7.56 -26.98
CA LEU H 100 6.15 7.46 -25.54
C LEU H 100 5.03 6.58 -24.97
N GLN H 101 3.78 6.76 -25.45
CA GLN H 101 2.63 6.01 -24.91
C GLN H 101 2.76 4.50 -25.21
N MET H 102 3.18 4.15 -26.41
CA MET H 102 3.38 2.77 -26.73
C MET H 102 4.50 2.11 -25.88
N GLY H 103 5.56 2.85 -25.57
CA GLY H 103 6.61 2.38 -24.65
C GLY H 103 6.06 2.13 -23.26
N TYR H 104 5.31 3.08 -22.73
CA TYR H 104 4.58 2.84 -21.46
C TYR H 104 3.57 1.64 -21.50
N ALA H 105 2.86 1.45 -22.61
CA ALA H 105 1.92 0.34 -22.78
C ALA H 105 2.66 -1.03 -22.82
N ASN H 106 3.70 -1.11 -23.60
CA ASN H 106 4.55 -2.28 -23.60
C ASN H 106 5.10 -2.66 -22.18
N LYS H 107 5.47 -1.69 -21.36
CA LYS H 107 6.06 -1.96 -20.04
C LYS H 107 4.99 -2.46 -19.02
N SER H 108 3.80 -1.86 -19.09
CA SER H 108 2.70 -2.31 -18.27
C SER H 108 2.17 -3.74 -18.69
N LEU H 109 2.14 -4.07 -19.98
CA LEU H 109 1.94 -5.48 -20.38
C LEU H 109 3.12 -6.41 -20.08
N ASN H 110 4.31 -5.86 -19.91
CA ASN H 110 5.54 -6.65 -19.62
C ASN H 110 6.52 -5.80 -18.83
N HIS H 111 6.50 -5.99 -17.51
CA HIS H 111 7.10 -5.07 -16.53
C HIS H 111 8.60 -4.93 -16.66
N GLU H 112 9.26 -5.85 -17.33
CA GLU H 112 10.72 -5.75 -17.49
C GLU H 112 11.18 -5.06 -18.82
N LEU H 113 10.24 -4.76 -19.70
CA LEU H 113 10.55 -4.46 -21.06
C LEU H 113 10.75 -2.93 -21.27
N GLU H 114 11.97 -2.48 -21.53
CA GLU H 114 12.25 -1.06 -21.81
C GLU H 114 12.17 -0.87 -23.30
N THR H 115 11.97 0.37 -23.73
CA THR H 115 11.99 0.72 -25.13
C THR H 115 13.11 1.74 -25.32
N LEU H 116 13.90 1.52 -26.36
CA LEU H 116 15.03 2.36 -26.66
C LEU H 116 14.86 2.92 -28.07
N TYR H 117 15.27 4.16 -28.28
CA TYR H 117 15.17 4.87 -29.57
C TYR H 117 16.52 5.26 -30.25
N PHE H 118 16.61 4.88 -31.53
CA PHE H 118 17.73 5.25 -32.38
C PHE H 118 17.17 6.11 -33.47
N MET H 119 18.05 6.78 -34.16
CA MET H 119 17.64 7.62 -35.24
C MET H 119 18.43 7.19 -36.44
N PRO H 120 17.87 7.39 -37.62
CA PRO H 120 18.66 7.10 -38.80
C PRO H 120 19.65 8.23 -39.04
N THR H 121 20.47 8.06 -40.08
CA THR H 121 21.42 9.06 -40.50
C THR H 121 20.60 10.11 -41.12
N LEU H 122 21.17 11.31 -41.20
CA LEU H 122 20.45 12.48 -41.69
C LEU H 122 19.88 12.25 -43.06
N GLN H 123 20.70 11.76 -43.99
CA GLN H 123 20.25 11.50 -45.39
C GLN H 123 18.89 10.76 -45.42
N ASN H 124 18.68 9.84 -44.45
CA ASN H 124 17.49 9.00 -44.33
C ASN H 124 16.47 9.49 -43.30
N ALA H 125 16.77 10.60 -42.65
CA ALA H 125 15.88 11.18 -41.63
C ALA H 125 14.44 11.45 -42.05
N PHE H 126 14.24 11.67 -43.35
CA PHE H 126 12.92 11.89 -43.95
C PHE H 126 12.29 10.69 -44.71
N ILE H 127 12.91 9.53 -44.73
CA ILE H 127 12.34 8.41 -45.45
C ILE H 127 11.36 7.60 -44.62
N SER H 128 10.20 7.33 -45.18
CA SER H 128 9.24 6.45 -44.50
C SER H 128 8.89 5.35 -45.46
N SER H 129 8.45 4.23 -44.95
CA SER H 129 7.87 3.22 -45.83
C SER H 129 6.70 3.80 -46.67
N SER H 130 5.85 4.55 -45.97
CA SER H 130 4.70 5.21 -46.56
C SER H 130 5.09 5.93 -47.86
N ILE H 131 6.01 6.89 -47.78
CA ILE H 131 6.47 7.63 -48.97
C ILE H 131 7.03 6.73 -50.07
N VAL H 132 7.84 5.75 -49.71
CA VAL H 132 8.45 4.81 -50.72
C VAL H 132 7.40 3.98 -51.47
N ARG H 133 6.30 3.62 -50.79
CA ARG H 133 5.29 2.71 -51.37
C ARG H 133 4.72 3.31 -52.66
N SER H 134 4.32 4.56 -52.51
CA SER H 134 3.76 5.33 -53.60
C SER H 134 4.67 5.32 -54.84
N ILE H 135 5.83 5.91 -54.65
CA ILE H 135 6.90 5.91 -55.63
C ILE H 135 7.05 4.52 -56.30
N ILE H 136 6.91 3.43 -55.54
CA ILE H 136 7.07 2.10 -56.15
C ILE H 136 5.90 1.78 -57.08
N ALA H 137 4.69 1.90 -56.55
CA ALA H 137 3.46 1.63 -57.31
C ALA H 137 3.33 2.53 -58.55
N HIS H 138 3.91 3.73 -58.45
CA HIS H 138 3.77 4.75 -59.47
C HIS H 138 5.07 5.13 -60.18
N LYS H 139 5.81 4.10 -60.62
CA LYS H 139 6.93 4.29 -61.54
C LYS H 139 7.96 5.32 -61.12
N GLY H 140 8.16 5.43 -59.82
CA GLY H 140 9.10 6.37 -59.30
C GLY H 140 10.44 5.69 -59.26
N ASP H 141 11.47 6.47 -59.02
CA ASP H 141 12.77 5.95 -58.71
C ASP H 141 12.88 6.01 -57.17
N ALA H 142 12.99 4.83 -56.57
CA ALA H 142 13.15 4.66 -55.16
C ALA H 142 14.47 3.97 -54.86
N SER H 143 15.40 3.99 -55.83
CA SER H 143 16.67 3.27 -55.72
C SER H 143 17.58 3.84 -54.65
N HIS H 144 17.37 5.11 -54.34
CA HIS H 144 18.15 5.79 -53.32
C HIS H 144 17.55 5.71 -51.92
N LEU H 145 16.44 5.01 -51.78
CA LEU H 145 15.68 5.01 -50.54
C LEU H 145 15.57 3.64 -49.92
N VAL H 146 15.78 2.61 -50.73
CA VAL H 146 15.83 1.26 -50.19
C VAL H 146 17.18 0.68 -50.48
N PRO H 147 17.56 -0.36 -49.75
CA PRO H 147 18.84 -0.94 -50.00
C PRO H 147 18.92 -1.67 -51.35
N LYS H 148 20.13 -1.71 -51.91
CA LYS H 148 20.48 -2.27 -53.20
C LYS H 148 19.91 -3.68 -53.46
N GLU H 149 20.15 -4.60 -52.54
CA GLU H 149 19.84 -6.03 -52.75
C GLU H 149 18.37 -6.38 -52.62
N ILE H 150 17.55 -5.39 -52.40
CA ILE H 150 16.13 -5.58 -52.54
C ILE H 150 15.57 -4.82 -53.75
N TYR H 151 16.31 -3.87 -54.34
CA TYR H 151 15.72 -3.01 -55.40
C TYR H 151 15.16 -3.86 -56.59
N PRO H 152 15.82 -4.97 -56.94
CA PRO H 152 15.23 -5.92 -57.88
C PRO H 152 13.81 -6.43 -57.55
N LEU H 153 13.61 -6.97 -56.36
CA LEU H 153 12.30 -7.47 -55.94
C LEU H 153 11.22 -6.38 -55.83
N ILE H 154 11.63 -5.13 -55.63
CA ILE H 154 10.68 -4.03 -55.54
C ILE H 154 9.99 -3.89 -56.89
N SER H 155 10.78 -3.83 -57.95
CA SER H 155 10.24 -3.74 -59.32
C SER H 155 9.79 -5.12 -59.85
N LYS H 156 8.57 -5.53 -59.50
CA LYS H 156 7.94 -6.76 -60.04
C LYS H 156 6.64 -6.41 -60.77
N MET I 1 1.80 41.32 -56.99
CA MET I 1 2.58 41.00 -55.75
C MET I 1 3.98 40.46 -56.07
N GLN I 2 4.62 40.98 -57.12
CA GLN I 2 5.87 40.40 -57.65
C GLN I 2 7.06 41.37 -57.83
N LYS I 3 6.76 42.64 -57.94
CA LYS I 3 7.78 43.69 -57.92
C LYS I 3 8.78 43.57 -56.73
N ILE I 4 8.28 43.54 -55.50
CA ILE I 4 9.10 43.38 -54.30
C ILE I 4 8.60 42.28 -53.34
N GLY I 5 9.58 41.54 -52.84
CA GLY I 5 9.41 40.65 -51.70
C GLY I 5 10.37 41.09 -50.63
N ILE I 6 10.00 40.91 -49.35
CA ILE I 6 10.89 41.19 -48.22
C ILE I 6 11.16 39.95 -47.39
N TYR I 7 12.42 39.62 -47.17
CA TYR I 7 12.80 38.50 -46.28
C TYR I 7 13.44 39.09 -45.00
N PRO I 8 12.65 39.23 -43.93
CA PRO I 8 13.12 39.80 -42.72
C PRO I 8 13.77 38.75 -41.90
N GLY I 9 14.68 39.17 -41.02
CA GLY I 9 15.14 38.29 -39.98
C GLY I 9 16.14 39.01 -39.10
N THR I 10 16.58 38.30 -38.09
CA THR I 10 17.76 38.73 -37.27
C THR I 10 19.10 38.29 -37.90
N PHE I 11 19.16 37.15 -38.53
CA PHE I 11 20.33 36.67 -39.26
C PHE I 11 21.57 36.82 -38.39
N ASP I 12 21.52 36.08 -37.30
CA ASP I 12 22.50 36.09 -36.26
C ASP I 12 23.13 34.71 -36.02
N PRO I 13 23.96 34.19 -36.93
CA PRO I 13 24.29 34.80 -38.18
C PRO I 13 23.51 34.18 -39.31
N VAL I 14 23.62 34.75 -40.49
CA VAL I 14 23.15 34.12 -41.69
C VAL I 14 23.70 32.69 -41.89
N THR I 15 22.84 31.75 -42.30
CA THR I 15 23.25 30.37 -42.39
C THR I 15 23.06 29.97 -43.82
N ASN I 16 23.51 28.74 -44.12
CA ASN I 16 23.24 28.16 -45.42
C ASN I 16 21.78 27.96 -45.66
N GLY I 17 21.00 27.72 -44.62
CA GLY I 17 19.54 27.62 -44.80
C GLY I 17 19.00 28.95 -45.36
N HIS I 18 19.38 30.06 -44.74
CA HIS I 18 18.96 31.39 -45.17
C HIS I 18 19.31 31.65 -46.66
N ILE I 19 20.49 31.19 -47.06
CA ILE I 19 20.98 31.43 -48.41
C ILE I 19 20.12 30.71 -49.42
N ASP I 20 19.82 29.45 -49.14
CA ASP I 20 18.84 28.66 -49.90
C ASP I 20 17.50 29.37 -50.06
N ILE I 21 16.94 29.96 -49.00
CA ILE I 21 15.65 30.69 -49.08
C ILE I 21 15.83 31.93 -49.95
N ILE I 22 16.94 32.61 -49.76
CA ILE I 22 17.24 33.82 -50.54
C ILE I 22 17.33 33.47 -52.05
N HIS I 23 18.11 32.43 -52.33
CA HIS I 23 18.25 31.94 -53.68
C HIS I 23 16.87 31.65 -54.28
N ARG I 24 16.09 30.76 -53.66
CA ARG I 24 14.83 30.37 -54.27
C ARG I 24 13.87 31.55 -54.33
N SER I 25 13.83 32.36 -53.29
CA SER I 25 12.83 33.46 -53.22
C SER I 25 13.20 34.61 -54.16
N SER I 26 14.48 34.82 -54.44
CA SER I 26 14.85 35.90 -55.38
C SER I 26 14.43 35.51 -56.81
N GLU I 27 14.34 34.22 -57.09
CA GLU I 27 13.80 33.76 -58.39
C GLU I 27 12.36 34.14 -58.60
N LEU I 28 11.70 34.69 -57.60
CA LEU I 28 10.23 34.87 -57.71
C LEU I 28 9.77 36.31 -57.75
N PHE I 29 10.64 37.25 -57.41
CA PHE I 29 10.29 38.68 -57.42
C PHE I 29 11.38 39.34 -58.23
N GLU I 30 11.09 40.52 -58.75
CA GLU I 30 12.14 41.29 -59.46
C GLU I 30 13.21 41.71 -58.51
N LYS I 31 12.83 42.05 -57.29
CA LYS I 31 13.77 42.56 -56.35
C LYS I 31 13.42 41.97 -54.99
N LEU I 32 14.41 41.34 -54.35
CA LEU I 32 14.29 40.83 -52.99
C LEU I 32 15.05 41.70 -52.01
N ILE I 33 14.33 42.25 -51.04
CA ILE I 33 14.92 42.91 -49.93
C ILE I 33 15.03 41.95 -48.77
N VAL I 34 16.26 41.76 -48.33
CA VAL I 34 16.60 41.05 -47.14
C VAL I 34 16.73 42.09 -46.03
N ALA I 35 15.85 42.00 -45.05
CA ALA I 35 15.67 43.07 -44.09
C ALA I 35 16.13 42.60 -42.74
N VAL I 36 17.23 43.17 -42.27
CA VAL I 36 17.88 42.74 -41.05
C VAL I 36 17.48 43.65 -39.89
N ALA I 37 16.78 43.04 -38.94
CA ALA I 37 16.19 43.73 -37.82
C ALA I 37 17.32 43.86 -36.80
N HIS I 38 17.42 45.05 -36.21
CA HIS I 38 18.30 45.31 -35.05
C HIS I 38 17.99 44.30 -33.93
N SER I 39 16.70 44.02 -33.74
CA SER I 39 16.17 43.19 -32.67
C SER I 39 16.92 43.32 -31.38
N SER I 40 16.95 44.56 -30.90
CA SER I 40 17.63 44.94 -29.64
C SER I 40 17.06 44.22 -28.42
N ALA I 41 15.74 44.00 -28.42
CA ALA I 41 15.06 43.16 -27.43
C ALA I 41 15.63 41.73 -27.36
N LYS I 42 15.79 41.08 -28.51
CA LYS I 42 16.47 39.78 -28.57
C LYS I 42 17.90 40.08 -28.12
N ASN I 43 18.78 39.11 -28.00
CA ASN I 43 20.11 39.49 -27.52
C ASN I 43 21.21 39.10 -28.47
N PRO I 44 21.21 39.68 -29.69
CA PRO I 44 21.94 39.14 -30.81
C PRO I 44 23.43 39.02 -30.52
N MET I 45 23.98 37.83 -30.76
CA MET I 45 25.41 37.56 -30.65
C MET I 45 26.26 38.51 -31.53
N PHE I 46 25.75 38.88 -32.69
CA PHE I 46 26.47 39.79 -33.57
C PHE I 46 25.75 41.12 -33.60
N SER I 47 26.48 42.19 -33.81
CA SER I 47 25.86 43.51 -33.81
C SER I 47 25.14 43.72 -35.12
N LEU I 48 24.35 44.78 -35.21
CA LEU I 48 23.55 44.94 -36.41
C LEU I 48 24.44 45.09 -37.58
N ASP I 49 25.41 45.97 -37.43
CA ASP I 49 26.34 46.24 -38.52
C ASP I 49 27.14 44.99 -38.92
N GLU I 50 27.53 44.14 -37.98
CA GLU I 50 28.15 42.86 -38.36
C GLU I 50 27.17 41.99 -39.14
N ARG I 51 25.92 41.89 -38.68
CA ARG I 51 24.92 41.00 -39.33
C ARG I 51 24.63 41.47 -40.78
N LEU I 52 24.52 42.78 -40.92
CA LEU I 52 24.28 43.34 -42.18
C LEU I 52 25.45 43.07 -43.12
N LYS I 53 26.65 43.33 -42.63
CA LYS I 53 27.83 43.09 -43.46
C LYS I 53 27.94 41.62 -43.85
N MET I 54 27.75 40.71 -42.89
CA MET I 54 27.86 39.27 -43.21
C MET I 54 26.91 38.87 -44.34
N ILE I 55 25.69 39.43 -44.31
CA ILE I 55 24.66 38.98 -45.22
C ILE I 55 24.85 39.65 -46.60
N GLN I 56 25.44 40.84 -46.57
CA GLN I 56 25.79 41.52 -47.83
C GLN I 56 26.83 40.71 -48.53
N LEU I 57 27.82 40.28 -47.78
CA LEU I 57 28.93 39.56 -48.35
C LEU I 57 28.38 38.31 -48.95
N ALA I 58 27.51 37.67 -48.20
CA ALA I 58 27.05 36.31 -48.57
C ALA I 58 26.10 36.33 -49.73
N THR I 59 25.53 37.50 -50.03
CA THR I 59 24.54 37.63 -51.08
C THR I 59 24.98 38.47 -52.27
N LYS I 60 26.24 38.89 -52.25
CA LYS I 60 26.83 39.77 -53.26
C LYS I 60 26.45 39.31 -54.67
N SER I 61 26.45 38.00 -54.87
CA SER I 61 26.34 37.41 -56.17
C SER I 61 24.94 37.22 -56.65
N PHE I 62 23.92 37.45 -55.79
CA PHE I 62 22.52 37.54 -56.25
C PHE I 62 22.28 38.98 -56.68
N LYS I 63 22.04 39.23 -57.95
CA LYS I 63 22.04 40.62 -58.45
C LYS I 63 20.75 41.34 -58.15
N ASN I 64 19.64 40.62 -57.99
CA ASN I 64 18.41 41.32 -57.62
C ASN I 64 18.12 41.40 -56.08
N VAL I 65 19.12 41.11 -55.24
CA VAL I 65 18.97 41.07 -53.80
C VAL I 65 19.61 42.26 -53.21
N GLU I 66 18.95 42.91 -52.25
CA GLU I 66 19.46 44.07 -51.56
C GLU I 66 19.24 43.86 -50.05
N CYS I 67 20.28 44.03 -49.25
CA CYS I 67 20.18 43.84 -47.82
C CYS I 67 20.01 45.19 -47.18
N VAL I 68 19.09 45.33 -46.21
CA VAL I 68 18.97 46.59 -45.46
C VAL I 68 18.74 46.36 -43.99
N ALA I 69 19.16 47.33 -43.22
CA ALA I 69 19.06 47.27 -41.82
C ALA I 69 17.95 48.21 -41.47
N PHE I 70 17.09 47.73 -40.58
CA PHE I 70 15.94 48.53 -40.15
C PHE I 70 15.70 48.24 -38.68
N GLU I 71 15.05 49.18 -37.97
CA GLU I 71 14.84 49.09 -36.51
C GLU I 71 13.40 48.75 -36.05
N GLY I 72 12.42 49.40 -36.64
CA GLY I 72 11.05 49.24 -36.15
C GLY I 72 10.11 48.17 -36.69
N LEU I 73 8.87 48.57 -36.99
CA LEU I 73 7.81 47.63 -37.26
C LEU I 73 7.89 47.18 -38.70
N LEU I 74 8.01 45.88 -38.85
CA LEU I 74 8.20 45.27 -40.14
C LEU I 74 7.04 45.55 -41.11
N ALA I 75 5.83 45.52 -40.58
CA ALA I 75 4.66 45.70 -41.39
C ALA I 75 4.68 47.07 -42.07
N ASN I 76 5.18 48.08 -41.37
CA ASN I 76 5.39 49.40 -41.94
C ASN I 76 6.60 49.52 -42.88
N LEU I 77 7.68 48.81 -42.61
CA LEU I 77 8.78 48.85 -43.55
C LEU I 77 8.24 48.33 -44.87
N ALA I 78 7.33 47.35 -44.82
CA ALA I 78 6.81 46.79 -46.06
C ALA I 78 6.03 47.84 -46.79
N LYS I 79 5.30 48.63 -46.03
CA LYS I 79 4.60 49.80 -46.62
C LYS I 79 5.49 50.80 -47.36
N GLU I 80 6.70 51.05 -46.85
CA GLU I 80 7.72 51.90 -47.49
C GLU I 80 8.18 51.39 -48.83
N TYR I 81 8.18 50.05 -49.02
CA TYR I 81 8.57 49.47 -50.28
C TYR I 81 7.36 49.11 -51.06
N HIS I 82 6.18 49.56 -50.65
CA HIS I 82 4.95 49.08 -51.27
C HIS I 82 5.06 47.55 -51.54
N CYS I 83 5.47 46.80 -50.53
CA CYS I 83 5.67 45.39 -50.66
C CYS I 83 4.44 44.67 -50.12
N LYS I 84 3.97 43.67 -50.85
CA LYS I 84 2.81 42.91 -50.47
C LYS I 84 3.14 41.45 -50.11
N VAL I 85 4.42 41.09 -50.05
CA VAL I 85 4.79 39.67 -49.71
C VAL I 85 6.01 39.62 -48.81
N LEU I 86 5.85 38.98 -47.65
CA LEU I 86 6.95 38.61 -46.78
C LEU I 86 7.28 37.18 -47.05
N VAL I 87 8.57 36.93 -47.16
CA VAL I 87 9.10 35.64 -47.44
C VAL I 87 9.58 35.08 -46.08
N ARG I 88 9.30 33.83 -45.74
CA ARG I 88 9.80 33.20 -44.51
C ARG I 88 10.25 31.81 -44.82
N GLY I 89 11.13 31.26 -44.02
CA GLY I 89 11.60 29.94 -44.27
C GLY I 89 10.90 28.99 -43.31
N LEU I 90 10.67 27.76 -43.76
CA LEU I 90 10.26 26.71 -42.87
C LEU I 90 11.36 25.73 -42.72
N ARG I 91 11.53 25.22 -41.50
CA ARG I 91 12.57 24.25 -41.22
C ARG I 91 12.07 23.24 -40.25
N VAL I 92 12.82 22.16 -40.08
CA VAL I 92 12.30 21.08 -39.27
C VAL I 92 12.06 21.59 -37.85
N VAL I 93 12.94 22.48 -37.39
CA VAL I 93 12.87 22.98 -35.98
C VAL I 93 12.01 24.25 -35.79
N SER I 94 11.28 24.68 -36.83
CA SER I 94 10.47 25.89 -36.70
C SER I 94 9.36 25.72 -35.69
N ASP I 95 8.98 26.83 -35.09
CA ASP I 95 7.78 26.88 -34.35
C ASP I 95 6.66 27.27 -35.30
N PHE I 96 6.04 26.25 -35.86
CA PHE I 96 5.14 26.41 -36.98
C PHE I 96 3.96 27.32 -36.69
N GLU I 97 3.39 27.17 -35.52
CA GLU I 97 2.22 27.94 -35.13
C GLU I 97 2.61 29.38 -34.82
N TYR I 98 3.81 29.58 -34.31
CA TYR I 98 4.34 30.98 -34.10
C TYR I 98 4.58 31.67 -35.43
N GLU I 99 5.00 30.91 -36.45
CA GLU I 99 5.12 31.45 -37.81
C GLU I 99 3.79 31.89 -38.37
N LEU I 100 2.78 31.05 -38.26
CA LEU I 100 1.42 31.42 -38.64
C LEU I 100 0.90 32.64 -37.92
N GLN I 101 1.11 32.66 -36.61
CA GLN I 101 0.71 33.78 -35.81
C GLN I 101 1.34 35.04 -36.30
N MET I 102 2.63 35.00 -36.56
CA MET I 102 3.33 36.17 -37.05
C MET I 102 2.74 36.64 -38.36
N GLY I 103 2.40 35.71 -39.24
CA GLY I 103 1.72 35.98 -40.52
C GLY I 103 0.41 36.73 -40.39
N TYR I 104 -0.40 36.25 -39.45
CA TYR I 104 -1.70 36.87 -39.23
C TYR I 104 -1.52 38.19 -38.57
N ALA I 105 -0.56 38.32 -37.66
CA ALA I 105 -0.28 39.60 -37.02
C ALA I 105 0.16 40.65 -38.03
N ASN I 106 1.12 40.33 -38.85
CA ASN I 106 1.52 41.26 -39.89
C ASN I 106 0.40 41.69 -40.89
N LYS I 107 -0.50 40.75 -41.17
CA LYS I 107 -1.66 41.02 -42.02
C LYS I 107 -2.68 41.97 -41.35
N SER I 108 -2.83 41.93 -40.04
CA SER I 108 -3.73 42.86 -39.36
C SER I 108 -3.09 44.25 -39.28
N LEU I 109 -1.79 44.32 -39.11
CA LEU I 109 -1.07 45.59 -39.09
C LEU I 109 -0.95 46.29 -40.46
N ASN I 110 -1.12 45.55 -41.55
CA ASN I 110 -0.89 46.02 -42.93
C ASN I 110 -1.69 45.09 -43.83
N HIS I 111 -2.82 45.56 -44.30
CA HIS I 111 -3.86 44.67 -44.88
C HIS I 111 -3.48 44.18 -46.25
N GLU I 112 -2.52 44.81 -46.91
CA GLU I 112 -2.05 44.25 -48.17
C GLU I 112 -0.93 43.18 -48.01
N LEU I 113 -0.57 42.79 -46.80
CA LEU I 113 0.75 42.13 -46.63
C LEU I 113 0.60 40.65 -46.27
N GLU I 114 0.85 39.80 -47.26
CA GLU I 114 0.80 38.34 -47.19
C GLU I 114 2.17 37.73 -46.83
N THR I 115 2.16 36.48 -46.46
CA THR I 115 3.35 35.73 -46.08
C THR I 115 3.42 34.43 -46.84
N LEU I 116 4.57 34.17 -47.42
CA LEU I 116 4.86 33.09 -48.30
C LEU I 116 6.02 32.26 -47.70
N TYR I 117 5.87 30.95 -47.62
CA TYR I 117 6.94 30.15 -47.01
C TYR I 117 7.70 29.27 -47.95
N PHE I 118 9.01 29.26 -47.77
CA PHE I 118 9.91 28.38 -48.50
C PHE I 118 10.62 27.40 -47.56
N MET I 119 11.17 26.36 -48.15
CA MET I 119 11.97 25.34 -47.49
C MET I 119 13.39 25.50 -47.95
N PRO I 120 14.36 25.20 -47.09
CA PRO I 120 15.75 25.09 -47.61
C PRO I 120 15.91 23.74 -48.21
N THR I 121 17.08 23.51 -48.78
CA THR I 121 17.43 22.18 -49.29
C THR I 121 17.50 21.26 -48.11
N LEU I 122 17.47 19.99 -48.41
CA LEU I 122 17.42 18.95 -47.39
C LEU I 122 18.61 18.99 -46.46
N GLN I 123 19.77 19.26 -47.04
CA GLN I 123 21.03 19.22 -46.28
C GLN I 123 21.00 20.35 -45.26
N ASN I 124 20.19 21.39 -45.47
CA ASN I 124 20.11 22.49 -44.49
C ASN I 124 18.83 22.50 -43.65
N ALA I 125 18.07 21.43 -43.72
CA ALA I 125 16.69 21.40 -43.16
C ALA I 125 16.70 21.50 -41.63
N PHE I 126 17.67 20.82 -41.01
CA PHE I 126 17.94 20.88 -39.57
C PHE I 126 18.81 22.05 -39.07
N ILE I 127 19.24 22.94 -39.94
CA ILE I 127 20.11 24.03 -39.52
C ILE I 127 19.29 25.26 -39.15
N SER I 128 19.67 25.87 -38.04
CA SER I 128 19.07 27.06 -37.52
C SER I 128 20.20 27.94 -36.97
N SER I 129 19.95 29.27 -36.96
CA SER I 129 20.90 30.19 -36.39
C SER I 129 21.28 29.80 -35.00
N SER I 130 20.28 29.42 -34.22
CA SER I 130 20.49 28.94 -32.85
C SER I 130 21.56 27.83 -32.71
N ILE I 131 21.50 26.83 -33.57
CA ILE I 131 22.41 25.71 -33.45
C ILE I 131 23.82 26.16 -33.89
N VAL I 132 23.88 27.07 -34.85
CA VAL I 132 25.14 27.63 -35.32
C VAL I 132 25.80 28.47 -34.21
N ARG I 133 25.01 29.26 -33.48
CA ARG I 133 25.52 30.07 -32.38
C ARG I 133 26.12 29.28 -31.26
N SER I 134 25.45 28.19 -30.94
CA SER I 134 25.88 27.28 -29.91
C SER I 134 27.21 26.65 -30.34
N ILE I 135 27.27 26.16 -31.55
CA ILE I 135 28.53 25.66 -32.08
C ILE I 135 29.70 26.66 -32.04
N ILE I 136 29.46 27.87 -32.49
CA ILE I 136 30.43 28.90 -32.54
C ILE I 136 30.93 29.30 -31.16
N ALA I 137 30.03 29.41 -30.21
CA ALA I 137 30.31 29.80 -28.85
C ALA I 137 31.06 28.70 -28.05
N HIS I 138 30.86 27.44 -28.41
CA HIS I 138 31.65 26.34 -27.83
C HIS I 138 32.84 26.02 -28.74
N LYS I 139 33.17 26.91 -29.69
CA LYS I 139 34.41 26.79 -30.45
C LYS I 139 34.44 25.59 -31.40
N GLY I 140 33.31 25.29 -32.00
CA GLY I 140 33.23 24.12 -32.79
C GLY I 140 33.35 24.62 -34.18
N ASP I 141 33.46 23.69 -35.10
CA ASP I 141 33.54 24.01 -36.50
C ASP I 141 32.13 24.19 -37.14
N ALA I 142 31.79 25.43 -37.42
CA ALA I 142 30.51 25.76 -38.06
C ALA I 142 30.61 25.99 -39.56
N SER I 143 31.74 25.62 -40.15
CA SER I 143 32.13 26.07 -41.47
C SER I 143 31.31 25.43 -42.57
N HIS I 144 30.75 24.28 -42.29
CA HIS I 144 29.81 23.64 -43.22
C HIS I 144 28.37 24.12 -43.17
N LEU I 145 28.12 25.08 -42.28
CA LEU I 145 26.78 25.46 -41.88
C LEU I 145 26.44 26.89 -42.22
N VAL I 146 27.48 27.73 -42.42
CA VAL I 146 27.34 29.14 -42.81
C VAL I 146 28.05 29.43 -44.15
N PRO I 147 27.65 30.49 -44.87
CA PRO I 147 28.38 30.74 -46.09
C PRO I 147 29.87 31.13 -45.88
N LYS I 148 30.73 30.67 -46.78
CA LYS I 148 32.18 30.88 -46.71
C LYS I 148 32.59 32.31 -46.66
N GLU I 149 31.85 33.19 -47.32
CA GLU I 149 32.17 34.61 -47.29
C GLU I 149 32.08 35.31 -45.93
N ILE I 150 31.52 34.64 -44.91
CA ILE I 150 31.41 35.26 -43.58
C ILE I 150 32.36 34.67 -42.57
N TYR I 151 33.15 33.67 -42.90
CA TYR I 151 34.17 33.12 -41.93
C TYR I 151 35.05 34.20 -41.28
N PRO I 152 35.38 35.28 -42.01
CA PRO I 152 36.27 36.20 -41.34
C PRO I 152 35.55 36.85 -40.19
N LEU I 153 34.36 37.37 -40.48
CA LEU I 153 33.57 38.12 -39.48
C LEU I 153 33.14 37.24 -38.30
N ILE I 154 32.87 35.97 -38.53
CA ILE I 154 32.50 35.15 -37.39
C ILE I 154 33.57 35.11 -36.29
N SER I 155 34.81 34.89 -36.68
CA SER I 155 35.86 34.63 -35.72
C SER I 155 36.31 35.86 -34.87
N LYS I 156 35.72 37.03 -35.12
CA LYS I 156 35.99 38.31 -34.41
C LYS I 156 34.90 38.73 -33.45
N MET J 1 -24.92 -15.82 56.94
CA MET J 1 -25.28 -16.03 55.51
C MET J 1 -26.18 -14.91 54.93
N GLN J 2 -27.41 -14.78 55.37
CA GLN J 2 -28.18 -13.57 55.04
C GLN J 2 -27.62 -12.35 55.84
N LYS J 3 -27.10 -12.59 57.03
CA LYS J 3 -26.87 -11.52 58.02
C LYS J 3 -25.72 -10.57 57.67
N ILE J 4 -24.58 -11.13 57.35
CA ILE J 4 -23.41 -10.28 57.22
C ILE J 4 -22.40 -10.85 56.25
N GLY J 5 -22.16 -10.12 55.16
CA GLY J 5 -21.01 -10.43 54.28
C GLY J 5 -19.88 -9.38 54.39
N ILE J 6 -18.62 -9.80 54.18
CA ILE J 6 -17.51 -8.83 54.11
C ILE J 6 -16.87 -8.94 52.74
N TYR J 7 -16.76 -7.81 52.08
CA TYR J 7 -16.00 -7.65 50.84
C TYR J 7 -14.65 -6.94 51.06
N PRO J 8 -13.57 -7.71 51.22
CA PRO J 8 -12.25 -7.18 51.50
C PRO J 8 -11.42 -7.01 50.25
N GLY J 9 -10.63 -5.96 50.16
CA GLY J 9 -9.69 -5.73 49.03
C GLY J 9 -8.87 -4.52 49.33
N THR J 10 -7.96 -4.25 48.39
CA THR J 10 -7.01 -3.12 48.49
C THR J 10 -7.67 -1.84 47.97
N PHE J 11 -8.57 -2.00 47.03
CA PHE J 11 -9.34 -0.87 46.47
C PHE J 11 -8.44 0.36 46.24
N ASP J 12 -7.48 0.20 45.34
CA ASP J 12 -6.46 1.20 45.03
C ASP J 12 -6.38 1.62 43.54
N PRO J 13 -7.32 2.44 43.06
CA PRO J 13 -8.51 2.84 43.83
C PRO J 13 -9.72 1.96 43.48
N VAL J 14 -10.84 2.21 44.15
CA VAL J 14 -12.12 1.60 43.85
C VAL J 14 -12.50 1.95 42.40
N THR J 15 -13.08 0.97 41.69
CA THR J 15 -13.31 1.05 40.24
C THR J 15 -14.76 0.75 40.01
N ASN J 16 -15.32 1.08 38.85
CA ASN J 16 -16.71 0.72 38.55
C ASN J 16 -16.93 -0.80 38.65
N GLY J 17 -15.92 -1.60 38.38
CA GLY J 17 -16.03 -3.07 38.56
C GLY J 17 -16.36 -3.41 40.01
N HIS J 18 -15.66 -2.75 40.93
CA HIS J 18 -15.89 -2.93 42.36
C HIS J 18 -17.27 -2.55 42.76
N ILE J 19 -17.73 -1.42 42.25
CA ILE J 19 -19.06 -0.94 42.54
C ILE J 19 -20.13 -1.95 42.05
N ASP J 20 -19.94 -2.56 40.87
CA ASP J 20 -20.86 -3.65 40.43
C ASP J 20 -20.92 -4.79 41.45
N ILE J 21 -19.75 -5.22 41.91
CA ILE J 21 -19.70 -6.30 42.89
C ILE J 21 -20.40 -5.87 44.21
N ILE J 22 -20.13 -4.64 44.64
CA ILE J 22 -20.77 -4.11 45.83
C ILE J 22 -22.32 -4.01 45.66
N HIS J 23 -22.76 -3.51 44.52
CA HIS J 23 -24.17 -3.40 44.24
C HIS J 23 -24.83 -4.78 44.33
N ARG J 24 -24.34 -5.72 43.55
CA ARG J 24 -24.96 -7.02 43.49
C ARG J 24 -24.84 -7.74 44.83
N SER J 25 -23.69 -7.69 45.48
CA SER J 25 -23.47 -8.48 46.68
C SER J 25 -24.23 -7.91 47.91
N SER J 26 -24.40 -6.58 47.97
CA SER J 26 -25.19 -5.95 49.02
C SER J 26 -26.64 -6.43 49.10
N GLU J 27 -27.22 -6.67 47.93
CA GLU J 27 -28.58 -7.16 47.83
C GLU J 27 -28.74 -8.47 48.54
N LEU J 28 -27.64 -9.19 48.67
CA LEU J 28 -27.70 -10.55 49.14
C LEU J 28 -27.51 -10.70 50.66
N PHE J 29 -27.18 -9.62 51.35
CA PHE J 29 -26.96 -9.67 52.79
C PHE J 29 -27.69 -8.53 53.48
N GLU J 30 -28.00 -8.71 54.76
CA GLU J 30 -28.52 -7.61 55.54
C GLU J 30 -27.50 -6.47 55.63
N LYS J 31 -26.30 -6.77 56.09
CA LYS J 31 -25.21 -5.83 56.01
C LYS J 31 -24.06 -6.33 55.13
N LEU J 32 -23.50 -5.40 54.39
CA LEU J 32 -22.26 -5.67 53.65
C LEU J 32 -21.18 -4.79 54.25
N ILE J 33 -20.12 -5.43 54.75
CA ILE J 33 -18.93 -4.69 55.14
C ILE J 33 -17.90 -4.74 54.04
N VAL J 34 -17.55 -3.56 53.56
CA VAL J 34 -16.49 -3.38 52.60
C VAL J 34 -15.25 -3.03 53.37
N ALA J 35 -14.22 -3.88 53.23
CA ALA J 35 -13.11 -3.80 54.11
C ALA J 35 -11.85 -3.47 53.35
N VAL J 36 -11.27 -2.28 53.59
CA VAL J 36 -10.12 -1.84 52.87
C VAL J 36 -8.86 -2.26 53.60
N ALA J 37 -8.13 -3.20 53.03
CA ALA J 37 -6.89 -3.76 53.62
C ALA J 37 -5.71 -2.85 53.41
N HIS J 38 -4.84 -2.75 54.40
CA HIS J 38 -3.72 -1.78 54.34
C HIS J 38 -2.85 -2.07 53.13
N SER J 39 -2.55 -3.36 52.98
CA SER J 39 -1.80 -3.92 51.85
C SER J 39 -0.43 -3.31 51.61
N SER J 40 0.33 -3.13 52.69
CA SER J 40 1.70 -2.65 52.64
C SER J 40 2.60 -3.43 51.68
N ALA J 41 2.49 -4.75 51.65
CA ALA J 41 3.19 -5.58 50.65
C ALA J 41 3.21 -5.01 49.20
N LYS J 42 2.08 -4.57 48.67
CA LYS J 42 2.06 -3.84 47.40
C LYS J 42 2.33 -2.46 47.86
N ASN J 43 2.77 -1.57 47.04
CA ASN J 43 3.03 -0.24 47.56
C ASN J 43 1.89 0.62 47.05
N PRO J 44 0.73 0.56 47.72
CA PRO J 44 -0.46 1.15 47.12
C PRO J 44 -0.20 2.58 46.66
N MET J 45 -0.64 2.91 45.47
CA MET J 45 -0.57 4.26 44.95
C MET J 45 -1.24 5.25 45.90
N PHE J 46 -2.39 4.88 46.47
CA PHE J 46 -3.13 5.77 47.37
C PHE J 46 -3.07 5.33 48.85
N SER J 47 -3.15 6.29 49.76
CA SER J 47 -3.00 5.97 51.16
C SER J 47 -4.25 5.24 51.63
N LEU J 48 -4.09 4.48 52.71
CA LEU J 48 -5.14 3.70 53.33
C LEU J 48 -6.31 4.59 53.61
N ASP J 49 -6.03 5.80 54.02
CA ASP J 49 -7.07 6.67 54.46
C ASP J 49 -7.75 7.29 53.23
N GLU J 50 -6.98 7.49 52.17
CA GLU J 50 -7.56 8.02 50.95
C GLU J 50 -8.45 6.99 50.31
N ARG J 51 -8.07 5.73 50.43
CA ARG J 51 -8.81 4.66 49.80
C ARG J 51 -10.13 4.42 50.53
N LEU J 52 -10.09 4.49 51.84
CA LEU J 52 -11.29 4.42 52.65
C LEU J 52 -12.25 5.57 52.32
N LYS J 53 -11.75 6.83 52.29
CA LYS J 53 -12.60 7.96 51.89
C LYS J 53 -13.18 7.72 50.53
N MET J 54 -12.32 7.39 49.59
CA MET J 54 -12.85 7.16 48.23
C MET J 54 -14.03 6.17 48.24
N ILE J 55 -13.88 5.01 48.87
CA ILE J 55 -14.93 4.00 48.80
C ILE J 55 -16.19 4.41 49.64
N GLN J 56 -16.00 5.16 50.72
CA GLN J 56 -17.15 5.66 51.49
C GLN J 56 -17.97 6.57 50.60
N LEU J 57 -17.30 7.54 50.00
CA LEU J 57 -18.01 8.43 49.14
C LEU J 57 -18.76 7.63 48.07
N ALA J 58 -18.10 6.62 47.50
CA ALA J 58 -18.67 5.86 46.35
C ALA J 58 -19.84 4.95 46.72
N THR J 59 -19.94 4.59 47.99
CA THR J 59 -20.90 3.61 48.47
C THR J 59 -22.01 4.18 49.36
N LYS J 60 -22.10 5.50 49.39
CA LYS J 60 -23.08 6.22 50.17
C LYS J 60 -24.51 5.86 49.76
N SER J 61 -24.74 5.80 48.47
CA SER J 61 -26.04 5.44 47.99
C SER J 61 -26.52 4.02 48.35
N PHE J 62 -25.66 3.12 48.81
CA PHE J 62 -26.11 1.77 49.19
C PHE J 62 -26.50 1.70 50.68
N LYS J 63 -27.79 1.72 50.99
CA LYS J 63 -28.20 1.85 52.41
C LYS J 63 -27.50 0.88 53.37
N ASN J 64 -27.45 -0.40 53.00
CA ASN J 64 -26.85 -1.40 53.90
C ASN J 64 -25.35 -1.67 53.72
N VAL J 65 -24.60 -0.74 53.18
CA VAL J 65 -23.12 -0.87 53.11
C VAL J 65 -22.42 -0.06 54.21
N GLU J 66 -21.40 -0.67 54.83
CA GLU J 66 -20.48 0.03 55.76
C GLU J 66 -18.98 -0.24 55.40
N CYS J 67 -18.24 0.82 55.14
CA CYS J 67 -16.85 0.70 54.80
C CYS J 67 -16.00 0.91 55.99
N VAL J 68 -15.14 -0.06 56.32
CA VAL J 68 -14.08 0.13 57.26
C VAL J 68 -12.68 -0.10 56.64
N ALA J 69 -11.64 0.27 57.40
CA ALA J 69 -10.24 0.03 57.04
C ALA J 69 -9.77 -1.01 58.04
N PHE J 70 -8.91 -1.93 57.66
CA PHE J 70 -8.36 -2.86 58.61
C PHE J 70 -6.92 -3.14 58.27
N GLU J 71 -6.14 -3.28 59.31
CA GLU J 71 -4.75 -3.64 59.15
C GLU J 71 -4.57 -4.89 59.93
N GLY J 72 -5.69 -5.42 60.47
CA GLY J 72 -5.82 -6.76 60.95
C GLY J 72 -5.63 -7.81 59.84
N LEU J 73 -5.59 -9.06 60.28
CA LEU J 73 -5.74 -10.21 59.46
C LEU J 73 -7.23 -10.37 59.24
N LEU J 74 -7.62 -10.76 58.03
CA LEU J 74 -9.01 -10.80 57.63
C LEU J 74 -9.84 -11.74 58.47
N ALA J 75 -9.21 -12.77 59.02
CA ALA J 75 -9.88 -13.69 59.90
C ALA J 75 -10.34 -13.04 61.19
N ASN J 76 -9.53 -12.16 61.73
CA ASN J 76 -9.95 -11.48 62.92
C ASN J 76 -11.10 -10.56 62.58
N LEU J 77 -11.03 -9.91 61.43
CA LEU J 77 -12.10 -9.04 61.02
C LEU J 77 -13.41 -9.83 61.00
N ALA J 78 -13.34 -11.01 60.42
CA ALA J 78 -14.51 -11.82 60.25
C ALA J 78 -15.08 -12.14 61.62
N LYS J 79 -14.25 -12.74 62.46
CA LYS J 79 -14.63 -12.97 63.85
C LYS J 79 -15.31 -11.74 64.52
N GLU J 80 -14.64 -10.60 64.48
CA GLU J 80 -15.23 -9.42 65.05
C GLU J 80 -16.71 -9.20 64.66
N TYR J 81 -17.08 -9.55 63.44
CA TYR J 81 -18.41 -9.25 62.90
C TYR J 81 -19.30 -10.47 62.82
N HIS J 82 -18.81 -11.61 63.33
CA HIS J 82 -19.53 -12.88 63.25
C HIS J 82 -19.98 -13.06 61.81
N CYS J 83 -18.98 -13.04 60.93
CA CYS J 83 -19.23 -13.12 59.53
C CYS J 83 -18.65 -14.44 59.03
N LYS J 84 -19.41 -15.12 58.19
CA LYS J 84 -19.06 -16.45 57.73
C LYS J 84 -18.82 -16.52 56.20
N VAL J 85 -19.14 -15.41 55.53
CA VAL J 85 -19.06 -15.34 54.09
C VAL J 85 -18.28 -14.13 53.64
N LEU J 86 -17.18 -14.37 52.92
CA LEU J 86 -16.47 -13.31 52.23
C LEU J 86 -16.95 -13.19 50.79
N VAL J 87 -16.91 -11.97 50.28
CA VAL J 87 -17.28 -11.67 48.93
C VAL J 87 -16.03 -11.25 48.17
N ARG J 88 -15.84 -11.78 46.96
CA ARG J 88 -14.73 -11.43 46.12
C ARG J 88 -15.21 -11.22 44.69
N GLY J 89 -14.54 -10.35 43.97
CA GLY J 89 -14.94 -10.08 42.58
C GLY J 89 -14.10 -10.86 41.59
N LEU J 90 -14.67 -11.33 40.48
CA LEU J 90 -13.89 -11.91 39.39
C LEU J 90 -14.02 -11.13 38.13
N ARG J 91 -12.88 -10.83 37.50
CA ARG J 91 -12.81 -10.12 36.25
C ARG J 91 -11.89 -10.86 35.26
N VAL J 92 -11.93 -10.40 34.01
CA VAL J 92 -11.20 -11.08 32.94
C VAL J 92 -9.72 -11.25 33.28
N VAL J 93 -9.11 -10.23 33.87
CA VAL J 93 -7.69 -10.26 34.20
C VAL J 93 -7.39 -10.82 35.61
N SER J 94 -8.39 -11.33 36.33
CA SER J 94 -8.12 -11.90 37.64
C SER J 94 -7.09 -12.99 37.60
N ASP J 95 -6.39 -13.15 38.68
CA ASP J 95 -5.48 -14.25 38.77
C ASP J 95 -6.30 -15.31 39.52
N PHE J 96 -6.95 -16.16 38.75
CA PHE J 96 -8.03 -16.97 39.27
C PHE J 96 -7.54 -17.93 40.34
N GLU J 97 -6.39 -18.53 40.11
CA GLU J 97 -5.91 -19.57 41.04
C GLU J 97 -5.44 -18.95 42.38
N TYR J 98 -4.87 -17.77 42.31
CA TYR J 98 -4.48 -17.00 43.45
C TYR J 98 -5.71 -16.62 44.25
N GLU J 99 -6.83 -16.29 43.61
CA GLU J 99 -8.09 -16.05 44.31
C GLU J 99 -8.62 -17.32 44.97
N LEU J 100 -8.55 -18.46 44.30
CA LEU J 100 -8.96 -19.73 44.95
C LEU J 100 -8.09 -19.91 46.17
N GLN J 101 -6.78 -19.67 46.00
CA GLN J 101 -5.83 -19.90 47.07
C GLN J 101 -6.15 -19.06 48.29
N MET J 102 -6.44 -17.78 48.09
CA MET J 102 -6.80 -16.94 49.20
C MET J 102 -8.02 -17.51 49.90
N GLY J 103 -8.94 -18.09 49.13
CA GLY J 103 -10.21 -18.63 49.62
C GLY J 103 -9.99 -19.81 50.55
N TYR J 104 -9.09 -20.69 50.22
CA TYR J 104 -8.71 -21.79 51.13
C TYR J 104 -7.88 -21.32 52.37
N ALA J 105 -6.95 -20.39 52.18
CA ALA J 105 -6.25 -19.85 53.30
C ALA J 105 -7.24 -19.25 54.31
N ASN J 106 -8.22 -18.52 53.81
CA ASN J 106 -9.14 -17.82 54.67
C ASN J 106 -10.02 -18.79 55.43
N LYS J 107 -10.37 -19.90 54.78
CA LYS J 107 -11.13 -20.94 55.46
C LYS J 107 -10.29 -21.50 56.61
N SER J 108 -9.08 -21.98 56.31
CA SER J 108 -8.29 -22.66 57.34
C SER J 108 -7.94 -21.77 58.55
N LEU J 109 -7.80 -20.45 58.35
CA LEU J 109 -7.64 -19.52 59.48
C LEU J 109 -8.94 -19.26 60.27
N ASN J 110 -10.07 -19.52 59.63
CA ASN J 110 -11.38 -19.29 60.25
C ASN J 110 -12.38 -20.28 59.70
N HIS J 111 -12.64 -21.32 60.49
CA HIS J 111 -13.10 -22.57 59.91
C HIS J 111 -14.46 -22.41 59.29
N GLU J 112 -15.25 -21.45 59.76
CA GLU J 112 -16.53 -21.23 59.09
C GLU J 112 -16.45 -20.13 58.01
N LEU J 113 -15.26 -19.88 57.47
CA LEU J 113 -15.10 -18.78 56.51
C LEU J 113 -15.03 -19.22 55.03
N GLU J 114 -16.15 -19.04 54.34
CA GLU J 114 -16.27 -19.38 52.93
C GLU J 114 -16.18 -18.10 52.06
N THR J 115 -15.77 -18.27 50.82
CA THR J 115 -15.73 -17.18 49.90
C THR J 115 -16.69 -17.40 48.75
N LEU J 116 -17.35 -16.33 48.37
CA LEU J 116 -18.31 -16.35 47.30
C LEU J 116 -17.86 -15.39 46.21
N TYR J 117 -17.85 -15.81 44.94
CA TYR J 117 -17.37 -14.94 43.86
C TYR J 117 -18.48 -14.39 42.96
N PHE J 118 -18.41 -13.07 42.71
CA PHE J 118 -19.29 -12.32 41.83
C PHE J 118 -18.56 -11.82 40.62
N MET J 119 -19.33 -11.52 39.59
CA MET J 119 -18.74 -10.91 38.40
C MET J 119 -19.40 -9.52 38.14
N PRO J 120 -18.63 -8.56 37.62
CA PRO J 120 -19.23 -7.27 37.28
C PRO J 120 -19.96 -7.29 35.94
N THR J 121 -20.58 -6.17 35.61
CA THR J 121 -21.27 -6.05 34.34
C THR J 121 -20.24 -6.18 33.26
N LEU J 122 -20.72 -6.52 32.06
CA LEU J 122 -19.85 -6.79 30.95
C LEU J 122 -19.04 -5.53 30.57
N GLN J 123 -19.68 -4.37 30.57
CA GLN J 123 -18.94 -3.14 30.32
C GLN J 123 -17.72 -3.04 31.26
N ASN J 124 -17.82 -3.54 32.47
CA ASN J 124 -16.66 -3.44 33.41
C ASN J 124 -15.76 -4.67 33.56
N ALA J 125 -16.01 -5.65 32.69
CA ALA J 125 -15.33 -6.93 32.75
C ALA J 125 -13.81 -6.86 32.60
N PHE J 126 -13.30 -5.92 31.85
CA PHE J 126 -11.85 -5.73 31.67
C PHE J 126 -11.27 -4.66 32.61
N ILE J 127 -12.06 -4.12 33.52
CA ILE J 127 -11.51 -3.12 34.45
C ILE J 127 -10.85 -3.72 35.69
N SER J 128 -9.59 -3.36 35.91
CA SER J 128 -8.91 -3.65 37.19
C SER J 128 -8.37 -2.34 37.78
N SER J 129 -8.08 -2.33 39.10
CA SER J 129 -7.38 -1.17 39.70
C SER J 129 -6.02 -0.94 39.08
N SER J 130 -5.34 -2.01 38.73
CA SER J 130 -4.05 -1.90 38.18
C SER J 130 -4.02 -1.10 36.83
N ILE J 131 -4.99 -1.26 35.96
CA ILE J 131 -5.02 -0.46 34.73
C ILE J 131 -5.47 1.01 34.96
N VAL J 132 -6.33 1.26 35.95
CA VAL J 132 -6.69 2.61 36.39
C VAL J 132 -5.42 3.32 36.93
N ARG J 133 -4.66 2.63 37.76
CA ARG J 133 -3.37 3.20 38.27
C ARG J 133 -2.43 3.70 37.21
N SER J 134 -2.24 2.89 36.19
CA SER J 134 -1.37 3.20 35.05
C SER J 134 -1.86 4.37 34.22
N ILE J 135 -3.14 4.37 33.87
CA ILE J 135 -3.75 5.50 33.18
C ILE J 135 -3.59 6.80 33.99
N ILE J 136 -3.81 6.71 35.30
CA ILE J 136 -3.71 7.88 36.16
C ILE J 136 -2.29 8.35 36.26
N ALA J 137 -1.38 7.45 36.61
CA ALA J 137 0.07 7.79 36.70
C ALA J 137 0.66 8.41 35.43
N HIS J 138 0.08 8.10 34.25
CA HIS J 138 0.48 8.64 32.95
C HIS J 138 -0.40 9.85 32.53
N LYS J 139 -1.26 10.31 33.41
CA LYS J 139 -2.10 11.51 33.21
C LYS J 139 -3.11 11.38 32.07
N GLY J 140 -3.68 10.19 32.07
CA GLY J 140 -4.68 9.80 31.15
C GLY J 140 -5.99 10.05 31.86
N ASP J 141 -7.03 9.85 31.11
CA ASP J 141 -8.35 10.04 31.59
C ASP J 141 -9.01 8.68 31.99
N ALA J 142 -9.24 8.51 33.28
CA ALA J 142 -9.77 7.29 33.83
C ALA J 142 -11.17 7.48 34.34
N SER J 143 -11.79 8.60 33.98
CA SER J 143 -13.08 8.93 34.60
C SER J 143 -14.19 8.02 34.16
N HIS J 144 -14.01 7.33 33.04
CA HIS J 144 -15.00 6.35 32.64
C HIS J 144 -14.88 5.05 33.41
N LEU J 145 -13.74 4.85 34.10
CA LEU J 145 -13.42 3.57 34.79
C LEU J 145 -13.71 3.55 36.28
N VAL J 146 -13.97 4.75 36.84
CA VAL J 146 -14.12 4.91 38.29
C VAL J 146 -15.35 5.70 38.68
N PRO J 147 -15.96 5.39 39.82
CA PRO J 147 -17.16 6.18 40.15
C PRO J 147 -16.86 7.72 40.25
N LYS J 148 -17.80 8.53 39.77
CA LYS J 148 -17.60 10.00 39.68
C LYS J 148 -17.38 10.66 41.06
N GLU J 149 -17.83 10.03 42.12
CA GLU J 149 -17.58 10.57 43.44
C GLU J 149 -16.13 10.58 43.94
N ILE J 150 -15.20 9.85 43.28
CA ILE J 150 -13.78 9.85 43.73
C ILE J 150 -12.88 10.69 42.83
N TYR J 151 -13.47 11.26 41.82
CA TYR J 151 -12.68 11.94 40.84
C TYR J 151 -11.91 13.18 41.42
N PRO J 152 -12.50 13.93 42.34
CA PRO J 152 -11.71 14.95 43.05
C PRO J 152 -10.41 14.43 43.68
N LEU J 153 -10.52 13.29 44.35
CA LEU J 153 -9.42 12.72 45.13
C LEU J 153 -8.39 12.12 44.19
N ILE J 154 -8.80 11.37 43.16
CA ILE J 154 -7.77 10.86 42.22
C ILE J 154 -6.95 12.02 41.63
N SER J 155 -7.56 13.21 41.52
CA SER J 155 -6.90 14.42 40.93
C SER J 155 -5.69 14.98 41.68
N LYS J 156 -5.40 14.44 42.87
CA LYS J 156 -4.27 14.86 43.70
C LYS J 156 -3.14 13.83 43.76
N ALA J 157 -1.90 14.29 43.57
CA ALA J 157 -0.68 13.43 43.58
C ALA J 157 0.07 13.54 44.91
N MET K 1 -33.57 -11.58 44.74
CA MET K 1 -32.50 -12.60 44.47
C MET K 1 -32.36 -13.66 45.57
N GLN K 2 -32.60 -13.29 46.83
CA GLN K 2 -32.58 -14.26 47.95
C GLN K 2 -33.62 -15.37 47.90
N LYS K 3 -34.70 -15.16 47.16
CA LYS K 3 -35.78 -16.14 47.08
C LYS K 3 -35.38 -17.53 46.56
N ILE K 4 -34.50 -17.57 45.57
CA ILE K 4 -34.35 -18.77 44.79
C ILE K 4 -33.07 -18.75 43.94
N GLY K 5 -32.30 -19.83 44.01
CA GLY K 5 -31.16 -19.98 43.14
C GLY K 5 -31.28 -21.32 42.43
N ILE K 6 -30.62 -21.44 41.28
CA ILE K 6 -30.60 -22.64 40.48
C ILE K 6 -29.12 -23.05 40.24
N TYR K 7 -28.77 -24.28 40.60
CA TYR K 7 -27.50 -24.89 40.30
C TYR K 7 -27.72 -25.96 39.21
N PRO K 8 -27.40 -25.66 37.94
CA PRO K 8 -27.58 -26.56 36.83
C PRO K 8 -26.34 -27.38 36.61
N GLY K 9 -26.49 -28.57 36.08
CA GLY K 9 -25.33 -29.35 35.76
C GLY K 9 -25.72 -30.65 35.13
N THR K 10 -24.72 -31.39 34.74
CA THR K 10 -24.91 -32.69 34.18
C THR K 10 -24.92 -33.76 35.30
N PHE K 11 -24.09 -33.55 36.30
CA PHE K 11 -24.05 -34.41 37.48
C PHE K 11 -23.91 -35.86 37.02
N ASP K 12 -22.75 -36.11 36.43
CA ASP K 12 -22.50 -37.30 35.69
C ASP K 12 -21.19 -37.95 36.17
N PRO K 13 -21.18 -38.44 37.42
CA PRO K 13 -22.28 -38.36 38.37
C PRO K 13 -22.05 -37.24 39.36
N VAL K 14 -23.02 -37.08 40.23
CA VAL K 14 -22.88 -36.22 41.34
C VAL K 14 -21.67 -36.66 42.18
N THR K 15 -20.84 -35.67 42.56
CA THR K 15 -19.63 -35.90 43.37
C THR K 15 -19.66 -35.07 44.65
N ASN K 16 -18.67 -35.33 45.53
CA ASN K 16 -18.58 -34.63 46.79
C ASN K 16 -18.38 -33.11 46.59
N GLY K 17 -17.71 -32.71 45.50
CA GLY K 17 -17.60 -31.30 45.21
C GLY K 17 -18.95 -30.67 44.89
N HIS K 18 -19.80 -31.40 44.15
CA HIS K 18 -21.11 -30.90 43.84
C HIS K 18 -21.92 -30.79 45.15
N ILE K 19 -21.79 -31.76 46.04
CA ILE K 19 -22.53 -31.67 47.30
C ILE K 19 -22.09 -30.47 48.11
N ASP K 20 -20.78 -30.19 48.20
CA ASP K 20 -20.35 -28.95 48.88
C ASP K 20 -21.05 -27.70 48.32
N ILE K 21 -21.21 -27.60 47.01
CA ILE K 21 -21.73 -26.38 46.41
C ILE K 21 -23.23 -26.37 46.73
N ILE K 22 -23.86 -27.54 46.79
CA ILE K 22 -25.29 -27.56 47.09
C ILE K 22 -25.54 -27.13 48.54
N HIS K 23 -24.70 -27.65 49.40
CA HIS K 23 -24.80 -27.34 50.80
C HIS K 23 -24.64 -25.82 51.00
N ARG K 24 -23.58 -25.26 50.51
CA ARG K 24 -23.33 -23.87 50.85
C ARG K 24 -24.38 -22.96 50.18
N SER K 25 -24.73 -23.25 48.94
CA SER K 25 -25.63 -22.42 48.24
C SER K 25 -27.02 -22.62 48.82
N SER K 26 -27.36 -23.81 49.29
CA SER K 26 -28.71 -23.93 49.86
C SER K 26 -28.83 -23.08 51.14
N GLU K 27 -27.71 -22.82 51.80
CA GLU K 27 -27.71 -21.92 52.99
C GLU K 27 -28.03 -20.45 52.69
N LEU K 28 -27.97 -20.04 51.42
CA LEU K 28 -28.12 -18.63 51.05
C LEU K 28 -29.38 -18.30 50.30
N PHE K 29 -30.15 -19.29 49.93
CA PHE K 29 -31.39 -19.04 49.17
C PHE K 29 -32.53 -19.72 49.89
N GLU K 30 -33.71 -19.17 49.78
CA GLU K 30 -34.86 -19.81 50.43
C GLU K 30 -35.06 -21.17 49.83
N LYS K 31 -35.07 -21.28 48.50
CA LYS K 31 -35.05 -22.57 47.80
C LYS K 31 -33.82 -22.70 46.91
N LEU K 32 -33.28 -23.92 46.75
CA LEU K 32 -32.26 -24.18 45.73
C LEU K 32 -32.73 -25.21 44.76
N ILE K 33 -32.89 -24.82 43.51
CA ILE K 33 -33.26 -25.79 42.46
C ILE K 33 -32.03 -26.43 41.87
N VAL K 34 -31.88 -27.74 42.07
CA VAL K 34 -30.86 -28.46 41.33
C VAL K 34 -31.42 -28.99 40.02
N ALA K 35 -30.94 -28.41 38.93
CA ALA K 35 -31.45 -28.68 37.58
C ALA K 35 -30.47 -29.61 36.82
N VAL K 36 -30.96 -30.79 36.46
CA VAL K 36 -30.17 -31.81 35.79
C VAL K 36 -30.37 -31.74 34.26
N ALA K 37 -29.32 -31.37 33.55
CA ALA K 37 -29.31 -31.23 32.12
C ALA K 37 -29.22 -32.59 31.38
N HIS K 38 -29.93 -32.63 30.26
CA HIS K 38 -29.89 -33.70 29.28
C HIS K 38 -28.47 -34.06 28.98
N SER K 39 -27.70 -33.01 28.63
CA SER K 39 -26.33 -33.11 28.18
C SER K 39 -26.07 -34.15 27.04
N SER K 40 -26.91 -34.08 25.98
CA SER K 40 -26.91 -35.03 24.83
C SER K 40 -25.56 -35.17 24.13
N ALA K 41 -25.07 -34.03 23.63
CA ALA K 41 -23.76 -33.94 22.96
C ALA K 41 -22.65 -34.61 23.78
N LYS K 42 -22.66 -34.39 25.09
CA LYS K 42 -21.68 -35.00 26.00
C LYS K 42 -21.71 -36.56 25.99
N ASN K 43 -22.85 -37.17 25.66
CA ASN K 43 -23.06 -38.63 25.82
C ASN K 43 -22.63 -39.10 27.21
N PRO K 44 -23.30 -38.62 28.27
CA PRO K 44 -22.92 -38.97 29.63
C PRO K 44 -22.80 -40.49 29.88
N MET K 45 -22.08 -40.88 30.92
CA MET K 45 -21.89 -42.30 31.24
C MET K 45 -23.18 -42.86 31.80
N PHE K 46 -23.89 -42.00 32.51
CA PHE K 46 -25.04 -42.38 33.25
C PHE K 46 -26.22 -41.73 32.57
N SER K 47 -27.34 -42.45 32.56
CA SER K 47 -28.56 -41.93 31.93
C SER K 47 -29.18 -40.84 32.80
N LEU K 48 -30.07 -40.08 32.18
CA LEU K 48 -30.77 -38.99 32.82
C LEU K 48 -31.47 -39.47 34.04
N ASP K 49 -32.19 -40.56 33.87
CA ASP K 49 -32.88 -41.21 34.97
C ASP K 49 -31.96 -41.55 36.15
N GLU K 50 -30.79 -42.11 35.84
CA GLU K 50 -29.81 -42.47 36.88
C GLU K 50 -29.28 -41.20 37.54
N ARG K 51 -28.96 -40.20 36.71
CA ARG K 51 -28.37 -38.98 37.20
C ARG K 51 -29.31 -38.22 38.11
N LEU K 52 -30.59 -38.16 37.73
CA LEU K 52 -31.62 -37.54 38.53
C LEU K 52 -31.91 -38.30 39.83
N LYS K 53 -32.01 -39.62 39.79
CA LYS K 53 -32.14 -40.41 41.03
C LYS K 53 -30.99 -40.23 41.99
N MET K 54 -29.76 -40.21 41.47
CA MET K 54 -28.58 -40.00 42.31
C MET K 54 -28.64 -38.59 42.95
N ILE K 55 -29.02 -37.55 42.19
CA ILE K 55 -29.18 -36.21 42.78
C ILE K 55 -30.22 -36.17 43.88
N GLN K 56 -31.34 -36.83 43.66
CA GLN K 56 -32.36 -36.89 44.70
C GLN K 56 -31.87 -37.65 45.93
N LEU K 57 -31.21 -38.80 45.77
CA LEU K 57 -30.74 -39.49 46.98
C LEU K 57 -29.73 -38.63 47.73
N ALA K 58 -28.77 -38.05 46.99
CA ALA K 58 -27.68 -37.29 47.62
C ALA K 58 -28.17 -36.06 48.36
N THR K 59 -29.31 -35.54 47.97
CA THR K 59 -29.78 -34.23 48.48
C THR K 59 -30.96 -34.31 49.43
N LYS K 60 -31.36 -35.51 49.84
CA LYS K 60 -32.49 -35.72 50.78
C LYS K 60 -32.38 -34.87 52.03
N SER K 61 -31.19 -34.88 52.60
CA SER K 61 -30.93 -34.19 53.84
C SER K 61 -31.13 -32.64 53.78
N PHE K 62 -31.03 -32.02 52.60
CA PHE K 62 -31.25 -30.56 52.44
C PHE K 62 -32.72 -30.23 52.13
N LYS K 63 -33.45 -29.85 53.15
CA LYS K 63 -34.90 -29.69 53.06
C LYS K 63 -35.39 -28.71 52.00
N ASN K 64 -34.57 -27.73 51.66
CA ASN K 64 -35.00 -26.69 50.76
C ASN K 64 -34.41 -26.82 49.37
N VAL K 65 -33.98 -28.05 49.03
CA VAL K 65 -33.35 -28.32 47.72
C VAL K 65 -34.35 -29.11 46.83
N GLU K 66 -34.61 -28.72 45.60
CA GLU K 66 -35.54 -29.50 44.73
C GLU K 66 -34.82 -29.88 43.47
N CYS K 67 -35.25 -30.98 42.85
CA CYS K 67 -34.60 -31.44 41.63
C CYS K 67 -35.50 -31.44 40.44
N VAL K 68 -34.94 -31.09 39.29
CA VAL K 68 -35.69 -31.09 38.07
C VAL K 68 -34.83 -31.45 36.89
N ALA K 69 -35.39 -32.18 35.93
CA ALA K 69 -34.72 -32.45 34.69
C ALA K 69 -35.04 -31.31 33.77
N PHE K 70 -34.03 -30.85 33.03
CA PHE K 70 -34.23 -29.80 32.03
C PHE K 70 -33.36 -29.95 30.78
N GLU K 71 -33.71 -29.15 29.79
CA GLU K 71 -33.12 -29.18 28.49
C GLU K 71 -32.76 -27.70 28.05
N GLY K 72 -31.55 -27.53 27.56
CA GLY K 72 -31.18 -26.34 26.77
C GLY K 72 -30.62 -25.15 27.54
N LEU K 73 -31.13 -23.97 27.21
CA LEU K 73 -30.63 -22.69 27.71
C LEU K 73 -30.97 -22.42 29.18
N LEU K 74 -29.90 -22.22 29.93
CA LEU K 74 -29.98 -21.76 31.30
C LEU K 74 -30.90 -20.55 31.48
N ALA K 75 -30.81 -19.55 30.60
CA ALA K 75 -31.60 -18.35 30.72
C ALA K 75 -33.12 -18.61 30.82
N ASN K 76 -33.61 -19.58 30.08
CA ASN K 76 -35.06 -19.79 30.03
C ASN K 76 -35.54 -20.57 31.24
N LEU K 77 -34.84 -21.65 31.57
CA LEU K 77 -34.99 -22.31 32.90
C LEU K 77 -35.11 -21.25 34.01
N ALA K 78 -34.18 -20.33 34.05
CA ALA K 78 -34.28 -19.29 35.07
C ALA K 78 -35.51 -18.38 34.99
N LYS K 79 -35.92 -17.95 33.81
CA LYS K 79 -37.21 -17.21 33.72
C LYS K 79 -38.42 -18.08 34.13
N GLU K 80 -38.35 -19.38 33.89
CA GLU K 80 -39.47 -20.25 34.24
C GLU K 80 -39.70 -20.23 35.76
N TYR K 81 -38.62 -20.13 36.52
CA TYR K 81 -38.76 -20.12 37.96
C TYR K 81 -38.69 -18.70 38.52
N HIS K 82 -38.69 -17.70 37.64
CA HIS K 82 -38.60 -16.30 38.11
C HIS K 82 -37.39 -16.18 39.04
N CYS K 83 -36.25 -16.67 38.58
CA CYS K 83 -35.04 -16.75 39.37
C CYS K 83 -33.97 -15.85 38.82
N LYS K 84 -33.32 -15.07 39.65
CA LYS K 84 -32.29 -14.16 39.15
C LYS K 84 -30.86 -14.60 39.42
N VAL K 85 -30.67 -15.78 39.98
CA VAL K 85 -29.33 -16.21 40.32
C VAL K 85 -29.08 -17.64 39.85
N LEU K 86 -28.05 -17.78 39.01
CA LEU K 86 -27.50 -19.06 38.70
C LEU K 86 -26.31 -19.34 39.59
N VAL K 87 -26.31 -20.49 40.28
CA VAL K 87 -25.16 -20.90 41.08
C VAL K 87 -24.19 -21.72 40.22
N ARG K 88 -22.89 -21.43 40.32
CA ARG K 88 -21.87 -22.21 39.63
C ARG K 88 -20.75 -22.60 40.51
N GLY K 89 -20.12 -23.72 40.18
CA GLY K 89 -18.97 -24.23 40.93
C GLY K 89 -17.66 -23.69 40.36
N LEU K 90 -16.72 -23.24 41.16
CA LEU K 90 -15.35 -22.99 40.70
C LEU K 90 -14.26 -23.84 41.42
N ARG K 91 -13.40 -24.41 40.60
CA ARG K 91 -12.40 -25.41 40.95
C ARG K 91 -11.08 -25.05 40.28
N VAL K 92 -10.04 -25.73 40.70
CA VAL K 92 -8.70 -25.52 40.18
C VAL K 92 -8.65 -25.71 38.67
N VAL K 93 -9.34 -26.72 38.19
CA VAL K 93 -9.33 -27.01 36.77
C VAL K 93 -10.43 -26.26 36.04
N SER K 94 -11.24 -25.43 36.68
CA SER K 94 -12.25 -24.69 35.92
C SER K 94 -11.61 -23.94 34.74
N ASP K 95 -12.30 -23.83 33.61
CA ASP K 95 -11.82 -22.98 32.53
C ASP K 95 -12.49 -21.64 32.87
N PHE K 96 -11.76 -20.78 33.52
CA PHE K 96 -12.36 -19.63 34.16
C PHE K 96 -12.91 -18.60 33.17
N GLU K 97 -12.18 -18.35 32.12
CA GLU K 97 -12.64 -17.36 31.13
C GLU K 97 -13.91 -17.84 30.45
N TYR K 98 -14.01 -19.14 30.23
CA TYR K 98 -15.25 -19.73 29.69
C TYR K 98 -16.40 -19.60 30.69
N GLU K 99 -16.14 -19.74 31.97
CA GLU K 99 -17.18 -19.47 32.97
C GLU K 99 -17.66 -18.05 32.86
N LEU K 100 -16.73 -17.12 32.69
CA LEU K 100 -17.13 -15.72 32.68
C LEU K 100 -17.99 -15.49 31.46
N GLN K 101 -17.56 -16.06 30.33
CA GLN K 101 -18.34 -16.00 29.08
C GLN K 101 -19.78 -16.51 29.13
N MET K 102 -19.94 -17.65 29.79
CA MET K 102 -21.25 -18.21 29.98
C MET K 102 -22.11 -17.29 30.81
N GLY K 103 -21.50 -16.71 31.85
CA GLY K 103 -22.24 -15.82 32.73
C GLY K 103 -22.73 -14.62 31.94
N TYR K 104 -21.87 -14.02 31.14
CA TYR K 104 -22.37 -12.94 30.25
C TYR K 104 -23.36 -13.45 29.22
N ALA K 105 -23.09 -14.57 28.56
CA ALA K 105 -24.05 -15.12 27.59
C ALA K 105 -25.42 -15.30 28.20
N ASN K 106 -25.46 -15.84 29.42
CA ASN K 106 -26.71 -16.03 30.11
C ASN K 106 -27.44 -14.70 30.48
N LYS K 107 -26.69 -13.66 30.81
CA LYS K 107 -27.30 -12.38 31.20
C LYS K 107 -27.88 -11.67 29.91
N SER K 108 -27.14 -11.75 28.78
CA SER K 108 -27.66 -11.44 27.39
C SER K 108 -29.06 -12.03 27.02
N LEU K 109 -29.19 -13.34 27.14
CA LEU K 109 -30.48 -13.98 26.90
C LEU K 109 -31.58 -13.54 27.93
N ASN K 110 -31.17 -13.16 29.13
CA ASN K 110 -32.08 -12.90 30.24
C ASN K 110 -31.48 -11.85 31.18
N HIS K 111 -31.98 -10.62 31.08
CA HIS K 111 -31.28 -9.44 31.61
C HIS K 111 -31.30 -9.40 33.09
N GLU K 112 -32.16 -10.17 33.71
CA GLU K 112 -32.15 -10.13 35.19
C GLU K 112 -31.09 -11.09 35.83
N LEU K 113 -30.52 -11.97 35.02
CA LEU K 113 -29.86 -13.15 35.53
C LEU K 113 -28.37 -13.00 35.82
N GLU K 114 -28.03 -12.94 37.11
CA GLU K 114 -26.64 -12.98 37.61
C GLU K 114 -26.12 -14.42 37.83
N THR K 115 -24.82 -14.60 37.66
CA THR K 115 -24.15 -15.81 38.04
C THR K 115 -23.26 -15.56 39.30
N LEU K 116 -23.40 -16.45 40.28
CA LEU K 116 -22.67 -16.47 41.52
C LEU K 116 -21.84 -17.76 41.72
N TYR K 117 -20.56 -17.66 42.09
CA TYR K 117 -19.68 -18.81 42.09
C TYR K 117 -19.25 -19.19 43.50
N PHE K 118 -19.40 -20.47 43.80
CA PHE K 118 -18.96 -21.03 45.05
C PHE K 118 -17.78 -21.92 44.78
N MET K 119 -16.96 -22.14 45.79
CA MET K 119 -15.94 -23.19 45.72
C MET K 119 -16.28 -24.39 46.57
N PRO K 120 -15.73 -25.55 46.23
CA PRO K 120 -15.89 -26.64 47.17
C PRO K 120 -14.85 -26.50 48.31
N THR K 121 -14.85 -27.47 49.22
CA THR K 121 -13.85 -27.55 50.29
C THR K 121 -12.55 -28.03 49.71
N LEU K 122 -11.51 -27.87 50.48
CA LEU K 122 -10.17 -28.07 49.95
C LEU K 122 -9.99 -29.47 49.50
N GLN K 123 -10.43 -30.39 50.33
CA GLN K 123 -10.25 -31.80 49.99
C GLN K 123 -11.03 -32.22 48.75
N ASN K 124 -11.97 -31.38 48.26
CA ASN K 124 -12.71 -31.64 47.01
C ASN K 124 -12.31 -30.71 45.86
N ALA K 125 -11.29 -29.90 46.10
CA ALA K 125 -10.86 -28.92 45.13
C ALA K 125 -10.37 -29.58 43.83
N PHE K 126 -9.81 -30.78 43.97
CA PHE K 126 -9.28 -31.53 42.84
C PHE K 126 -10.20 -32.61 42.27
N ILE K 127 -11.47 -32.58 42.60
CA ILE K 127 -12.36 -33.65 42.21
C ILE K 127 -13.16 -33.19 41.08
N SER K 128 -13.09 -33.91 39.98
CA SER K 128 -13.99 -33.67 38.84
C SER K 128 -14.78 -34.95 38.52
N SER K 129 -15.98 -34.73 38.04
CA SER K 129 -16.81 -35.78 37.47
C SER K 129 -16.05 -36.67 36.53
N SER K 130 -15.34 -36.04 35.62
CA SER K 130 -14.54 -36.73 34.62
C SER K 130 -13.59 -37.70 35.27
N ILE K 131 -12.88 -37.24 36.31
CA ILE K 131 -11.95 -38.14 36.96
C ILE K 131 -12.71 -39.28 37.62
N VAL K 132 -13.84 -38.91 38.22
CA VAL K 132 -14.72 -39.95 38.81
C VAL K 132 -15.14 -41.01 37.80
N ARG K 133 -15.46 -40.59 36.58
CA ARG K 133 -15.87 -41.56 35.54
C ARG K 133 -14.74 -42.47 35.15
N SER K 134 -13.49 -41.99 35.04
CA SER K 134 -12.35 -42.91 34.70
C SER K 134 -12.26 -44.00 35.74
N ILE K 135 -12.32 -43.61 37.01
CA ILE K 135 -12.15 -44.57 38.07
C ILE K 135 -13.20 -45.64 37.98
N ILE K 136 -14.49 -45.25 37.91
CA ILE K 136 -15.60 -46.23 37.70
C ILE K 136 -15.43 -47.06 36.38
N ALA K 137 -15.14 -46.41 35.27
CA ALA K 137 -14.91 -47.14 34.00
C ALA K 137 -13.83 -48.21 34.20
N HIS K 138 -12.69 -47.77 34.71
CA HIS K 138 -11.59 -48.69 34.99
C HIS K 138 -11.85 -49.58 36.22
N LYS K 139 -13.02 -49.46 36.82
CA LYS K 139 -13.44 -50.28 37.96
C LYS K 139 -12.60 -50.08 39.21
N GLY K 140 -12.12 -48.86 39.42
CA GLY K 140 -11.45 -48.46 40.67
C GLY K 140 -12.41 -48.13 41.78
N ASP K 141 -11.89 -47.67 42.92
CA ASP K 141 -12.68 -47.36 44.11
C ASP K 141 -12.98 -45.85 44.17
N ALA K 142 -14.24 -45.46 43.96
CA ALA K 142 -14.60 -44.05 43.86
C ALA K 142 -15.36 -43.63 45.07
N SER K 143 -15.41 -44.49 46.06
CA SER K 143 -16.22 -44.24 47.24
C SER K 143 -15.85 -43.03 48.13
N HIS K 144 -14.64 -42.50 48.00
CA HIS K 144 -14.24 -41.37 48.80
C HIS K 144 -14.48 -40.08 48.01
N LEU K 145 -14.94 -40.22 46.77
CA LEU K 145 -15.18 -39.06 45.87
C LEU K 145 -16.64 -38.69 45.59
N VAL K 146 -17.55 -39.55 46.05
CA VAL K 146 -18.98 -39.38 45.82
C VAL K 146 -19.76 -39.60 47.11
N PRO K 147 -20.95 -38.99 47.22
CA PRO K 147 -21.71 -39.18 48.45
C PRO K 147 -22.06 -40.67 48.67
N LYS K 148 -22.07 -41.08 49.94
CA LYS K 148 -22.35 -42.46 50.36
C LYS K 148 -23.65 -43.06 49.81
N GLU K 149 -24.76 -42.31 49.86
CA GLU K 149 -26.10 -42.66 49.29
C GLU K 149 -26.14 -43.03 47.81
N ILE K 150 -25.23 -42.47 47.03
CA ILE K 150 -25.14 -42.69 45.61
C ILE K 150 -24.38 -43.96 45.36
N TYR K 151 -23.68 -44.42 46.39
CA TYR K 151 -22.66 -45.41 46.15
C TYR K 151 -23.24 -46.68 45.56
N PRO K 152 -24.41 -47.13 46.03
CA PRO K 152 -24.95 -48.36 45.42
C PRO K 152 -25.25 -48.24 43.93
N LEU K 153 -25.76 -47.09 43.53
CA LEU K 153 -26.13 -46.82 42.14
C LEU K 153 -24.92 -46.65 41.22
N ILE K 154 -23.88 -46.02 41.73
CA ILE K 154 -22.66 -45.74 40.95
C ILE K 154 -21.90 -47.01 40.56
N SER K 155 -21.81 -47.93 41.49
CA SER K 155 -21.38 -49.27 41.15
C SER K 155 -22.30 -49.78 40.02
N LYS K 156 -21.80 -49.79 38.78
CA LYS K 156 -22.60 -50.22 37.61
C LYS K 156 -24.04 -50.59 38.01
N MET L 1 10.95 -44.35 44.22
CA MET L 1 12.41 -44.60 44.35
C MET L 1 13.09 -44.59 42.95
N GLN L 2 14.29 -45.16 42.84
CA GLN L 2 15.07 -45.13 41.60
C GLN L 2 14.95 -46.40 40.77
N LYS L 3 14.63 -47.52 41.38
CA LYS L 3 14.64 -48.77 40.65
C LYS L 3 13.75 -48.74 39.40
N ILE L 4 12.55 -48.16 39.54
CA ILE L 4 11.54 -48.25 38.49
C ILE L 4 10.67 -47.00 38.34
N GLY L 5 10.73 -46.40 37.14
CA GLY L 5 9.76 -45.38 36.73
C GLY L 5 8.82 -45.83 35.63
N ILE L 6 7.61 -45.26 35.59
CA ILE L 6 6.68 -45.53 34.54
C ILE L 6 6.29 -44.22 33.83
N TYR L 7 6.43 -44.16 32.50
CA TYR L 7 5.93 -43.03 31.68
C TYR L 7 4.71 -43.41 30.85
N PRO L 8 3.51 -42.99 31.26
CA PRO L 8 2.34 -43.48 30.58
C PRO L 8 1.89 -42.50 29.54
N GLY L 9 1.17 -42.99 28.56
CA GLY L 9 0.42 -42.12 27.67
C GLY L 9 -0.21 -42.88 26.51
N THR L 10 -0.82 -42.08 25.64
CA THR L 10 -1.41 -42.50 24.38
C THR L 10 -0.36 -42.78 23.32
N PHE L 11 0.59 -41.87 23.21
CA PHE L 11 1.67 -41.91 22.23
C PHE L 11 1.09 -42.12 20.81
N ASP L 12 0.25 -41.16 20.45
CA ASP L 12 -0.54 -41.18 19.25
C ASP L 12 -0.24 -39.99 18.29
N PRO L 13 0.90 -39.97 17.63
CA PRO L 13 1.96 -40.88 17.77
C PRO L 13 3.02 -40.35 18.74
N VAL L 14 3.98 -41.20 19.11
CA VAL L 14 5.23 -40.79 19.75
C VAL L 14 5.89 -39.61 18.97
N THR L 15 6.33 -38.57 19.68
CA THR L 15 6.89 -37.37 19.04
C THR L 15 8.28 -37.24 19.56
N ASN L 16 8.98 -36.26 19.01
CA ASN L 16 10.31 -35.96 19.46
C ASN L 16 10.34 -35.52 20.91
N GLY L 17 9.28 -34.87 21.35
CA GLY L 17 9.20 -34.48 22.74
C GLY L 17 9.13 -35.69 23.66
N HIS L 18 8.32 -36.65 23.31
CA HIS L 18 8.18 -37.81 24.11
C HIS L 18 9.58 -38.40 24.23
N ILE L 19 10.31 -38.43 23.10
CA ILE L 19 11.60 -39.08 23.08
C ILE L 19 12.60 -38.36 23.98
N ASP L 20 12.55 -37.03 23.98
CA ASP L 20 13.40 -36.28 24.91
C ASP L 20 13.16 -36.64 26.37
N ILE L 21 11.91 -36.70 26.78
CA ILE L 21 11.51 -37.17 28.08
C ILE L 21 11.91 -38.61 28.40
N ILE L 22 11.77 -39.51 27.46
CA ILE L 22 12.23 -40.89 27.71
C ILE L 22 13.76 -40.89 27.96
N HIS L 23 14.47 -40.12 27.16
CA HIS L 23 15.91 -40.08 27.23
C HIS L 23 16.31 -39.72 28.64
N ARG L 24 15.86 -38.54 29.06
CA ARG L 24 16.23 -37.97 30.31
C ARG L 24 15.73 -38.80 31.48
N SER L 25 14.48 -39.21 31.43
CA SER L 25 13.90 -39.97 32.52
C SER L 25 14.57 -41.34 32.67
N SER L 26 15.03 -41.94 31.58
CA SER L 26 15.64 -43.30 31.66
C SER L 26 16.98 -43.29 32.40
N GLU L 27 17.59 -42.11 32.44
CA GLU L 27 18.85 -41.86 33.19
C GLU L 27 18.65 -41.68 34.67
N LEU L 28 17.42 -41.58 35.16
CA LEU L 28 17.14 -41.60 36.59
C LEU L 28 16.66 -42.90 37.14
N PHE L 29 16.21 -43.82 36.33
CA PHE L 29 15.77 -45.12 36.85
C PHE L 29 16.54 -46.23 36.20
N GLU L 30 16.73 -47.32 36.92
CA GLU L 30 17.33 -48.53 36.36
C GLU L 30 16.53 -48.97 35.17
N LYS L 31 15.21 -49.02 35.38
CA LYS L 31 14.28 -49.47 34.39
C LYS L 31 13.20 -48.39 34.21
N LEU L 32 12.90 -48.08 32.96
CA LEU L 32 11.78 -47.23 32.63
C LEU L 32 10.82 -48.00 31.77
N ILE L 33 9.57 -48.04 32.21
CA ILE L 33 8.48 -48.66 31.50
C ILE L 33 7.72 -47.52 30.82
N VAL L 34 7.72 -47.56 29.51
CA VAL L 34 6.83 -46.77 28.74
C VAL L 34 5.53 -47.54 28.62
N ALA L 35 4.49 -46.98 29.23
CA ALA L 35 3.19 -47.66 29.34
C ALA L 35 2.14 -47.07 28.35
N VAL L 36 1.75 -47.87 27.36
CA VAL L 36 0.88 -47.40 26.26
C VAL L 36 -0.60 -47.63 26.62
N ALA L 37 -1.32 -46.55 26.79
CA ALA L 37 -2.65 -46.50 27.28
C ALA L 37 -3.62 -46.58 26.12
N HIS L 38 -4.86 -46.95 26.41
CA HIS L 38 -5.84 -47.17 25.35
C HIS L 38 -6.71 -46.00 24.98
N SER L 39 -6.26 -44.77 25.20
CA SER L 39 -6.88 -43.66 24.50
C SER L 39 -8.43 -43.63 24.57
N SER L 40 -9.03 -44.28 25.56
CA SER L 40 -10.50 -44.38 25.65
C SER L 40 -11.13 -42.98 25.64
N ALA L 41 -12.15 -42.79 24.78
CA ALA L 41 -12.79 -41.47 24.60
C ALA L 41 -11.85 -40.38 24.10
N LYS L 42 -10.80 -40.72 23.36
CA LYS L 42 -9.81 -39.69 23.01
C LYS L 42 -9.50 -39.60 21.53
N ASN L 43 -10.40 -40.08 20.68
CA ASN L 43 -10.25 -39.86 19.22
C ASN L 43 -8.97 -40.47 18.59
N PRO L 44 -8.57 -41.70 19.01
CA PRO L 44 -7.21 -42.20 18.63
C PRO L 44 -6.98 -42.35 17.11
N MET L 45 -6.01 -41.61 16.58
CA MET L 45 -5.68 -41.73 15.16
C MET L 45 -5.00 -43.08 14.83
N PHE L 46 -4.09 -43.56 15.64
CA PHE L 46 -3.41 -44.80 15.36
C PHE L 46 -3.88 -45.95 16.24
N SER L 47 -3.93 -47.15 15.68
CA SER L 47 -4.29 -48.34 16.49
C SER L 47 -3.31 -48.59 17.64
N LEU L 48 -3.78 -49.31 18.65
CA LEU L 48 -2.94 -49.70 19.75
C LEU L 48 -1.75 -50.46 19.23
N ASP L 49 -1.97 -51.38 18.30
CA ASP L 49 -0.89 -52.16 17.67
C ASP L 49 0.15 -51.23 16.99
N GLU L 50 -0.32 -50.18 16.31
CA GLU L 50 0.58 -49.19 15.70
C GLU L 50 1.33 -48.41 16.75
N ARG L 51 0.60 -47.94 17.77
CA ARG L 51 1.24 -47.05 18.72
C ARG L 51 2.38 -47.76 19.49
N LEU L 52 2.13 -49.02 19.82
CA LEU L 52 3.11 -49.80 20.55
C LEU L 52 4.29 -50.13 19.68
N LYS L 53 4.07 -50.47 18.43
CA LYS L 53 5.18 -50.64 17.52
C LYS L 53 5.97 -49.35 17.26
N MET L 54 5.30 -48.21 17.09
CA MET L 54 6.08 -47.01 16.81
C MET L 54 6.98 -46.73 18.01
N ILE L 55 6.49 -46.93 19.22
CA ILE L 55 7.29 -46.50 20.35
C ILE L 55 8.42 -47.50 20.64
N GLN L 56 8.22 -48.75 20.26
CA GLN L 56 9.28 -49.76 20.41
C GLN L 56 10.35 -49.48 19.42
N LEU L 57 9.98 -49.26 18.16
CA LEU L 57 10.95 -48.87 17.16
C LEU L 57 11.75 -47.67 17.64
N ALA L 58 11.06 -46.65 18.14
CA ALA L 58 11.75 -45.40 18.49
C ALA L 58 12.62 -45.47 19.73
N THR L 59 12.44 -46.48 20.59
CA THR L 59 13.16 -46.57 21.86
C THR L 59 14.10 -47.78 21.94
N LYS L 60 14.28 -48.41 20.80
CA LYS L 60 15.17 -49.53 20.67
C LYS L 60 16.58 -49.21 21.19
N SER L 61 17.02 -47.97 21.01
CA SER L 61 18.39 -47.58 21.34
C SER L 61 18.56 -47.41 22.84
N PHE L 62 17.50 -47.10 23.58
CA PHE L 62 17.61 -46.94 25.05
C PHE L 62 17.56 -48.32 25.70
N LYS L 63 18.67 -48.79 26.27
CA LYS L 63 18.67 -50.19 26.73
C LYS L 63 17.85 -50.49 27.98
N ASN L 64 17.65 -49.50 28.86
CA ASN L 64 16.86 -49.76 30.08
C ASN L 64 15.32 -49.45 29.96
N VAL L 65 14.82 -49.36 28.75
CA VAL L 65 13.43 -49.01 28.49
C VAL L 65 12.65 -50.20 27.92
N GLU L 66 11.50 -50.48 28.48
CA GLU L 66 10.63 -51.51 28.04
C GLU L 66 9.32 -50.80 27.76
N CYS L 67 8.56 -51.33 26.82
CA CYS L 67 7.34 -50.69 26.34
C CYS L 67 6.21 -51.72 26.57
N VAL L 68 5.11 -51.33 27.20
CA VAL L 68 3.97 -52.25 27.42
C VAL L 68 2.60 -51.61 27.19
N ALA L 69 1.62 -52.47 26.87
CA ALA L 69 0.23 -52.01 26.61
C ALA L 69 -0.51 -52.27 27.84
N PHE L 70 -1.16 -51.24 28.34
CA PHE L 70 -1.93 -51.47 29.56
C PHE L 70 -3.37 -51.06 29.42
N GLU L 71 -4.24 -52.01 29.77
CA GLU L 71 -5.70 -51.81 29.71
C GLU L 71 -6.35 -51.73 31.09
N GLY L 72 -5.70 -51.09 32.05
CA GLY L 72 -6.25 -51.03 33.42
C GLY L 72 -5.99 -49.69 34.07
N LEU L 73 -6.34 -49.60 35.35
CA LEU L 73 -6.02 -48.42 36.17
C LEU L 73 -4.49 -48.21 36.27
N LEU L 74 -4.05 -46.98 36.08
CA LEU L 74 -2.63 -46.63 36.07
C LEU L 74 -1.93 -46.81 37.43
N ALA L 75 -2.51 -46.19 38.44
CA ALA L 75 -2.18 -46.43 39.81
C ALA L 75 -2.03 -47.93 40.13
N ASN L 76 -2.89 -48.73 39.56
CA ASN L 76 -2.79 -50.18 39.73
C ASN L 76 -1.59 -50.83 38.98
N LEU L 77 -1.35 -50.41 37.74
CA LEU L 77 -0.14 -50.83 37.02
C LEU L 77 1.08 -50.58 37.85
N ALA L 78 1.08 -49.40 38.47
CA ALA L 78 2.26 -48.99 39.27
C ALA L 78 2.45 -49.94 40.45
N LYS L 79 1.36 -50.29 41.10
CA LYS L 79 1.40 -51.27 42.17
C LYS L 79 1.97 -52.57 41.63
N GLU L 80 1.56 -52.96 40.44
CA GLU L 80 1.95 -54.25 39.91
C GLU L 80 3.42 -54.28 39.59
N TYR L 81 3.98 -53.13 39.21
CA TYR L 81 5.41 -53.08 38.97
C TYR L 81 6.22 -52.65 40.21
N HIS L 82 5.58 -52.54 41.38
CA HIS L 82 6.25 -52.03 42.54
C HIS L 82 6.96 -50.70 42.26
N CYS L 83 6.19 -49.73 41.74
CA CYS L 83 6.71 -48.48 41.20
C CYS L 83 6.12 -47.32 41.98
N LYS L 84 6.95 -46.45 42.51
CA LYS L 84 6.44 -45.34 43.26
C LYS L 84 6.58 -44.03 42.48
N VAL L 85 6.96 -44.07 41.19
CA VAL L 85 7.15 -42.80 40.45
C VAL L 85 6.52 -42.80 39.10
N LEU L 86 5.67 -41.82 38.85
CA LEU L 86 5.16 -41.62 37.49
C LEU L 86 5.86 -40.49 36.83
N VAL L 87 6.35 -40.76 35.62
CA VAL L 87 7.12 -39.75 34.92
C VAL L 87 6.16 -39.06 34.02
N ARG L 88 6.17 -37.75 33.95
CA ARG L 88 5.27 -37.04 33.04
C ARG L 88 6.02 -35.94 32.39
N GLY L 89 5.59 -35.51 31.21
CA GLY L 89 6.25 -34.40 30.54
C GLY L 89 5.51 -33.06 30.72
N LEU L 90 6.24 -31.96 30.74
CA LEU L 90 5.65 -30.64 30.79
C LEU L 90 6.02 -29.88 29.57
N ARG L 91 5.04 -29.30 28.91
CA ARG L 91 5.24 -28.54 27.70
C ARG L 91 4.59 -27.20 27.80
N VAL L 92 4.93 -26.33 26.83
CA VAL L 92 4.29 -25.00 26.67
C VAL L 92 2.77 -25.12 26.55
N VAL L 93 2.29 -26.07 25.76
CA VAL L 93 0.86 -26.27 25.56
C VAL L 93 0.18 -27.18 26.57
N SER L 94 0.85 -27.61 27.62
CA SER L 94 0.21 -28.48 28.62
C SER L 94 -0.96 -27.83 29.33
N ASP L 95 -1.97 -28.61 29.68
CA ASP L 95 -2.97 -28.12 30.64
C ASP L 95 -2.40 -28.35 32.02
N PHE L 96 -1.79 -27.33 32.61
CA PHE L 96 -0.98 -27.48 33.81
C PHE L 96 -1.73 -27.99 35.02
N GLU L 97 -2.92 -27.46 35.25
CA GLU L 97 -3.74 -27.78 36.38
C GLU L 97 -4.35 -29.15 36.26
N TYR L 98 -4.71 -29.53 35.05
CA TYR L 98 -5.16 -30.88 34.79
C TYR L 98 -4.09 -31.92 35.09
N GLU L 99 -2.85 -31.64 34.67
CA GLU L 99 -1.71 -32.48 35.02
C GLU L 99 -1.56 -32.61 36.51
N LEU L 100 -1.62 -31.51 37.25
CA LEU L 100 -1.55 -31.62 38.70
C LEU L 100 -2.67 -32.42 39.27
N GLN L 101 -3.90 -32.17 38.77
CA GLN L 101 -5.04 -32.91 39.27
C GLN L 101 -4.87 -34.40 39.08
N MET L 102 -4.28 -34.78 37.96
CA MET L 102 -4.01 -36.19 37.70
C MET L 102 -2.99 -36.70 38.70
N GLY L 103 -1.99 -35.93 39.02
CA GLY L 103 -0.94 -36.37 39.96
C GLY L 103 -1.58 -36.69 41.31
N TYR L 104 -2.45 -35.80 41.73
CA TYR L 104 -3.14 -35.98 42.98
C TYR L 104 -4.14 -37.13 42.95
N ALA L 105 -4.88 -37.31 41.86
CA ALA L 105 -5.87 -38.39 41.77
C ALA L 105 -5.20 -39.78 41.89
N ASN L 106 -4.03 -39.90 41.28
CA ASN L 106 -3.24 -41.13 41.31
C ASN L 106 -2.66 -41.44 42.68
N LYS L 107 -2.22 -40.39 43.39
CA LYS L 107 -1.76 -40.51 44.78
C LYS L 107 -2.88 -41.08 45.68
N SER L 108 -4.07 -40.44 45.65
CA SER L 108 -5.27 -40.94 46.34
C SER L 108 -5.70 -42.42 46.02
N LEU L 109 -5.51 -42.90 44.79
CA LEU L 109 -5.74 -44.32 44.50
C LEU L 109 -4.55 -45.24 44.89
N ASN L 110 -3.35 -44.68 44.98
CA ASN L 110 -2.17 -45.47 45.34
C ASN L 110 -1.28 -44.49 46.10
N HIS L 111 -1.25 -44.67 47.41
CA HIS L 111 -0.69 -43.70 48.36
C HIS L 111 0.84 -43.60 48.29
N GLU L 112 1.48 -44.58 47.70
CA GLU L 112 2.91 -44.57 47.42
C GLU L 112 3.30 -43.87 46.09
N LEU L 113 2.36 -43.52 45.25
CA LEU L 113 2.68 -43.16 43.88
C LEU L 113 2.84 -41.65 43.68
N GLU L 114 4.08 -41.21 43.52
CA GLU L 114 4.45 -39.80 43.25
C GLU L 114 4.55 -39.53 41.74
N THR L 115 4.31 -38.29 41.34
CA THR L 115 4.51 -37.86 39.97
C THR L 115 5.66 -36.86 39.78
N LEU L 116 6.56 -37.16 38.85
CA LEU L 116 7.73 -36.33 38.53
C LEU L 116 7.64 -35.76 37.08
N TYR L 117 7.92 -34.47 36.90
CA TYR L 117 7.78 -33.83 35.60
C TYR L 117 9.11 -33.43 34.93
N PHE L 118 9.23 -33.75 33.63
CA PHE L 118 10.37 -33.35 32.79
C PHE L 118 9.91 -32.39 31.71
N MET L 119 10.80 -31.54 31.24
CA MET L 119 10.60 -30.74 30.04
C MET L 119 11.31 -31.39 28.87
N PRO L 120 10.83 -31.20 27.67
CA PRO L 120 11.63 -31.59 26.52
C PRO L 120 12.62 -30.48 26.24
N THR L 121 13.48 -30.69 25.23
CA THR L 121 14.42 -29.68 24.77
C THR L 121 13.57 -28.57 24.20
N LEU L 122 14.16 -27.39 24.14
CA LEU L 122 13.52 -26.18 23.61
C LEU L 122 12.91 -26.34 22.22
N GLN L 123 13.61 -27.06 21.36
CA GLN L 123 13.18 -27.22 19.96
C GLN L 123 11.83 -27.94 19.90
N ASN L 124 11.57 -28.76 20.92
CA ASN L 124 10.38 -29.55 20.99
C ASN L 124 9.35 -29.00 21.98
N ALA L 125 9.64 -27.84 22.56
CA ALA L 125 8.78 -27.22 23.60
C ALA L 125 7.33 -27.00 23.21
N PHE L 126 7.11 -26.64 21.95
CA PHE L 126 5.77 -26.53 21.37
C PHE L 126 5.19 -27.77 20.70
N ILE L 127 5.92 -28.87 20.64
CA ILE L 127 5.35 -30.00 19.98
C ILE L 127 4.45 -30.76 20.89
N SER L 128 3.30 -31.16 20.38
CA SER L 128 2.40 -32.10 21.06
C SER L 128 1.90 -33.11 20.06
N SER L 129 1.42 -34.28 20.53
CA SER L 129 0.89 -35.29 19.60
C SER L 129 -0.29 -34.72 18.82
N SER L 130 -1.09 -33.93 19.50
CA SER L 130 -2.20 -33.25 18.88
C SER L 130 -1.89 -32.46 17.59
N ILE L 131 -0.90 -31.60 17.63
CA ILE L 131 -0.48 -30.86 16.43
C ILE L 131 0.15 -31.79 15.40
N VAL L 132 0.88 -32.83 15.83
CA VAL L 132 1.37 -33.86 14.90
C VAL L 132 0.22 -34.59 14.24
N ARG L 133 -0.78 -35.03 14.99
CA ARG L 133 -1.93 -35.66 14.32
C ARG L 133 -2.55 -34.79 13.24
N SER L 134 -2.78 -33.54 13.55
CA SER L 134 -3.44 -32.57 12.63
C SER L 134 -2.60 -32.34 11.41
N ILE L 135 -1.30 -32.21 11.58
CA ILE L 135 -0.43 -32.09 10.41
C ILE L 135 -0.41 -33.36 9.54
N ILE L 136 -0.36 -34.54 10.16
CA ILE L 136 -0.42 -35.77 9.43
C ILE L 136 -1.78 -35.94 8.69
N ALA L 137 -2.87 -35.74 9.38
CA ALA L 137 -4.18 -35.81 8.79
C ALA L 137 -4.34 -34.86 7.59
N HIS L 138 -3.77 -33.66 7.68
CA HIS L 138 -3.85 -32.70 6.55
C HIS L 138 -2.76 -32.97 5.48
N LYS L 139 -2.04 -34.10 5.60
CA LYS L 139 -1.02 -34.49 4.62
C LYS L 139 0.19 -33.57 4.59
N GLY L 140 0.58 -33.01 5.72
CA GLY L 140 1.73 -32.18 5.71
C GLY L 140 2.89 -33.06 6.15
N ASP L 141 4.07 -32.49 6.16
CA ASP L 141 5.26 -33.17 6.58
C ASP L 141 5.48 -33.02 8.09
N ALA L 142 5.53 -34.13 8.80
CA ALA L 142 5.76 -34.17 10.22
C ALA L 142 7.06 -34.83 10.53
N SER L 143 7.93 -34.89 9.55
CA SER L 143 9.15 -35.63 9.66
C SER L 143 10.16 -35.00 10.60
N HIS L 144 10.08 -33.70 10.80
CA HIS L 144 10.92 -33.03 11.80
C HIS L 144 10.39 -33.11 13.25
N LEU L 145 9.20 -33.65 13.46
CA LEU L 145 8.57 -33.61 14.78
C LEU L 145 8.40 -34.99 15.38
N VAL L 146 8.71 -36.05 14.63
CA VAL L 146 8.61 -37.44 15.10
C VAL L 146 9.89 -38.20 14.80
N PRO L 147 10.25 -39.20 15.62
CA PRO L 147 11.55 -39.82 15.34
C PRO L 147 11.54 -40.52 13.97
N LYS L 148 12.68 -40.55 13.27
CA LYS L 148 12.76 -41.12 11.90
C LYS L 148 12.39 -42.58 11.81
N GLU L 149 12.55 -43.32 12.91
CA GLU L 149 12.20 -44.76 12.90
C GLU L 149 10.73 -45.04 12.69
N ILE L 150 9.83 -44.09 12.92
CA ILE L 150 8.39 -44.39 12.77
C ILE L 150 7.69 -43.87 11.49
N TYR L 151 8.42 -43.19 10.62
CA TYR L 151 7.84 -42.67 9.35
C TYR L 151 7.14 -43.71 8.50
N PRO L 152 7.72 -44.92 8.38
CA PRO L 152 7.03 -45.95 7.65
C PRO L 152 5.62 -46.18 8.15
N LEU L 153 5.51 -46.35 9.46
CA LEU L 153 4.23 -46.69 10.04
C LEU L 153 3.28 -45.55 9.96
N ILE L 154 3.74 -44.33 10.09
CA ILE L 154 2.83 -43.20 10.03
C ILE L 154 2.05 -43.22 8.71
N SER L 155 2.77 -43.43 7.63
CA SER L 155 2.13 -43.41 6.34
C SER L 155 1.18 -44.61 6.17
N LYS L 156 1.22 -45.57 7.10
CA LYS L 156 0.15 -46.58 7.32
C LYS L 156 -1.04 -46.02 8.09
#